data_3AHY
#
_entry.id   3AHY
#
_cell.length_a   92.830
_cell.length_b   103.511
_cell.length_c   94.802
_cell.angle_alpha   90.00
_cell.angle_beta   105.37
_cell.angle_gamma   90.00
#
_symmetry.space_group_name_H-M   'P 1 21 1'
#
loop_
_entity.id
_entity.type
_entity.pdbx_description
1 polymer Beta-glucosidase
2 non-polymer 2-AMINO-2-HYDROXYMETHYL-PROPANE-1,3-DIOL
3 water water
#
_entity_poly.entity_id   1
_entity_poly.type   'polypeptide(L)'
_entity_poly.pdbx_seq_one_letter_code
;MHHHHHHMLPKDFQWGFATAAYQIEGAVDQDGRGPSIWDTFCAQPGKIADGSSGVTACDSYNRTAEDIALLKSLGAKSYR
FSISWSRIIPEGGRGDAVNQAGIDHYVKFVDDLLDAGITPFITLFHWDLPEGLHQRYGGLLNRTEFPLDFENYARVMFRA
LPKVRNWITFNEPLCSAIPGYGSGTFAPGRQSTSEPWTVGHNILVAHGRAVKAYRDDFKPASGDGQIGIVLNGDFTYPWD
AADPADKEAAERRLEFFTAWFADPIYLGDYPASMRKQLGDRLPTFTPEERALVHGSNDFYGMNHYTSNYIRHRSSPASAD
DTVGNVDVLFTNKQGNCIGPETQSPWLRPCAAGFRDFLVWISKRYGYPPIYVTENGTSIKGESDLPKEKILEDDFRVKYY
NEYIRAMVTAVELDGVNVKGYFAWSLMDNFEWADGYVTRFGVTYVDYENGQKRFPKKSAKSLKPLFDELIAAA
;
_entity_poly.pdbx_strand_id   A,B,C,D
#
# COMPACT_ATOMS: atom_id res chain seq x y z
N MET A 8 -6.59 12.01 -8.94
CA MET A 8 -6.22 12.34 -7.54
C MET A 8 -4.72 12.41 -7.24
N LEU A 9 -4.29 13.47 -6.58
CA LEU A 9 -2.92 13.57 -6.07
C LEU A 9 -3.02 13.45 -4.55
N PRO A 10 -1.95 13.00 -3.87
CA PRO A 10 -2.06 12.86 -2.42
C PRO A 10 -2.39 14.18 -1.70
N LYS A 11 -3.03 14.10 -0.54
CA LYS A 11 -3.48 15.30 0.19
C LYS A 11 -2.39 16.28 0.60
N ASP A 12 -1.15 15.80 0.73
CA ASP A 12 -0.01 16.61 1.13
C ASP A 12 0.78 17.16 -0.07
N PHE A 13 0.26 16.97 -1.28
CA PHE A 13 0.95 17.47 -2.47
C PHE A 13 1.16 18.98 -2.37
N GLN A 14 2.38 19.41 -2.63
CA GLN A 14 2.72 20.83 -2.53
C GLN A 14 2.80 21.44 -3.92
N TRP A 15 2.21 22.62 -4.09
CA TRP A 15 2.38 23.31 -5.36
C TRP A 15 2.65 24.79 -5.08
N GLY A 16 3.29 25.47 -6.01
CA GLY A 16 3.61 26.87 -5.83
C GLY A 16 4.30 27.43 -7.07
N PHE A 17 5.12 28.45 -6.82
CA PHE A 17 5.82 29.17 -7.87
C PHE A 17 7.30 29.25 -7.50
N ALA A 18 8.12 29.42 -8.51
CA ALA A 18 9.56 29.52 -8.33
C ALA A 18 10.13 30.78 -8.94
N THR A 19 11.23 31.23 -8.34
CA THR A 19 12.04 32.36 -8.79
C THR A 19 13.51 32.08 -8.42
N ALA A 20 14.40 32.99 -8.82
CA ALA A 20 15.82 32.92 -8.53
C ALA A 20 16.24 34.34 -8.19
N ALA A 21 17.21 34.46 -7.28
CA ALA A 21 17.60 35.76 -6.72
C ALA A 21 18.08 36.74 -7.78
N TYR A 22 19.02 36.35 -8.63
CA TYR A 22 19.53 37.31 -9.61
C TYR A 22 18.50 37.66 -10.68
N GLN A 23 17.55 36.75 -10.94
CA GLN A 23 16.54 37.02 -11.95
C GLN A 23 15.48 38.03 -11.49
N ILE A 24 15.26 38.15 -10.18
CA ILE A 24 14.20 39.01 -9.66
C ILE A 24 14.59 40.12 -8.68
N GLU A 25 15.68 39.94 -7.93
CA GLU A 25 15.94 40.79 -6.76
C GLU A 25 16.28 42.25 -7.00
N GLY A 26 17.11 42.53 -8.01
CA GLY A 26 17.65 43.86 -8.17
C GLY A 26 18.52 44.17 -6.97
N ALA A 27 18.65 45.44 -6.59
CA ALA A 27 19.42 45.78 -5.40
C ALA A 27 20.78 45.09 -5.41
N VAL A 28 21.50 45.20 -6.53
CA VAL A 28 22.71 44.42 -6.72
C VAL A 28 23.89 44.84 -5.86
N ASP A 29 23.84 46.06 -5.34
CA ASP A 29 24.88 46.57 -4.44
C ASP A 29 24.29 47.16 -3.16
N GLN A 30 23.03 46.82 -2.87
CA GLN A 30 22.37 47.29 -1.68
C GLN A 30 22.73 46.42 -0.49
N ASP A 31 22.78 47.04 0.69
CA ASP A 31 23.01 46.34 1.95
C ASP A 31 24.23 45.42 1.97
N GLY A 32 25.28 45.83 1.28
CA GLY A 32 26.57 45.14 1.34
C GLY A 32 26.79 44.03 0.34
N ARG A 33 25.82 43.81 -0.53
CA ARG A 33 25.98 42.76 -1.53
C ARG A 33 27.23 42.93 -2.39
N GLY A 34 27.97 41.82 -2.52
CA GLY A 34 29.16 41.73 -3.34
C GLY A 34 28.71 41.31 -4.74
N PRO A 35 29.57 41.55 -5.74
CA PRO A 35 29.23 41.16 -7.11
C PRO A 35 29.30 39.64 -7.31
N SER A 36 28.40 39.11 -8.13
CA SER A 36 28.45 37.71 -8.50
C SER A 36 29.11 37.64 -9.87
N ILE A 37 29.40 36.44 -10.34
CA ILE A 37 29.94 36.28 -11.69
C ILE A 37 28.93 36.76 -12.74
N TRP A 38 27.64 36.78 -12.39
CA TRP A 38 26.60 37.29 -13.28
C TRP A 38 26.58 38.82 -13.42
N ASP A 39 26.91 39.51 -12.35
CA ASP A 39 27.05 40.96 -12.39
C ASP A 39 28.19 41.32 -13.33
N THR A 40 29.29 40.57 -13.24
CA THR A 40 30.44 40.80 -14.10
C THR A 40 30.08 40.52 -15.56
N PHE A 41 29.51 39.35 -15.82
CA PHE A 41 29.12 38.94 -17.17
C PHE A 41 28.23 39.96 -17.88
N CYS A 42 27.19 40.46 -17.20
CA CYS A 42 26.30 41.46 -17.79
C CYS A 42 26.98 42.80 -18.15
N ALA A 43 28.09 43.09 -17.49
CA ALA A 43 28.86 44.31 -17.72
C ALA A 43 29.71 44.19 -18.99
N GLN A 44 29.92 42.95 -19.43
CA GLN A 44 30.70 42.68 -20.63
C GLN A 44 29.81 42.83 -21.87
N PRO A 45 30.32 43.49 -22.92
CA PRO A 45 29.55 43.71 -24.15
C PRO A 45 29.21 42.42 -24.91
N GLY A 46 28.00 42.38 -25.47
CA GLY A 46 27.53 41.29 -26.31
C GLY A 46 27.07 40.00 -25.65
N LYS A 47 27.02 39.99 -24.31
CA LYS A 47 26.63 38.79 -23.57
C LYS A 47 25.13 38.63 -23.40
N ILE A 48 24.43 39.75 -23.24
CA ILE A 48 22.99 39.76 -22.98
C ILE A 48 22.35 40.36 -24.23
N ALA A 49 21.35 39.67 -24.76
CA ALA A 49 20.75 40.03 -26.06
C ALA A 49 20.19 41.45 -26.18
N ASP A 50 19.55 41.91 -25.11
CA ASP A 50 18.98 43.26 -25.07
C ASP A 50 19.89 44.22 -24.31
N GLY A 51 21.12 43.80 -24.04
CA GLY A 51 22.09 44.62 -23.31
C GLY A 51 21.69 45.01 -21.89
N SER A 52 20.86 44.19 -21.28
CA SER A 52 20.35 44.46 -19.94
C SER A 52 21.18 43.70 -18.92
N SER A 53 20.78 43.84 -17.66
CA SER A 53 21.43 43.18 -16.54
C SER A 53 20.41 43.03 -15.43
N GLY A 54 20.81 42.37 -14.34
CA GLY A 54 19.93 42.24 -13.18
C GLY A 54 19.96 43.43 -12.23
N VAL A 55 20.41 44.60 -12.69
CA VAL A 55 20.55 45.77 -11.84
C VAL A 55 19.31 46.09 -10.99
N THR A 56 18.15 46.13 -11.65
CA THR A 56 16.89 46.45 -11.01
C THR A 56 15.98 45.23 -11.01
N ALA A 57 15.92 44.55 -12.15
CA ALA A 57 15.08 43.39 -12.37
C ALA A 57 13.64 43.69 -11.94
N CYS A 58 13.12 42.91 -10.99
CA CYS A 58 11.78 43.16 -10.48
C CYS A 58 11.82 43.90 -9.15
N ASP A 59 13.01 44.25 -8.68
CA ASP A 59 13.18 44.94 -7.40
C ASP A 59 12.57 44.16 -6.24
N SER A 60 12.56 42.84 -6.33
CA SER A 60 11.93 42.02 -5.31
C SER A 60 12.57 42.09 -3.93
N TYR A 61 13.86 42.40 -3.89
CA TYR A 61 14.58 42.58 -2.63
C TYR A 61 13.88 43.60 -1.74
N ASN A 62 13.30 44.61 -2.40
CA ASN A 62 12.66 45.73 -1.73
C ASN A 62 11.13 45.63 -1.68
N ARG A 63 10.60 44.53 -2.21
CA ARG A 63 9.15 44.37 -2.29
C ARG A 63 8.67 43.01 -1.78
N THR A 64 9.29 42.53 -0.70
CA THR A 64 8.94 41.24 -0.13
C THR A 64 7.47 41.13 0.33
N ALA A 65 6.94 42.16 0.96
CA ALA A 65 5.54 42.13 1.40
C ALA A 65 4.59 41.94 0.22
N GLU A 66 4.89 42.64 -0.87
CA GLU A 66 4.07 42.55 -2.07
C GLU A 66 4.15 41.17 -2.73
N ASP A 67 5.35 40.60 -2.80
CA ASP A 67 5.52 39.25 -3.36
C ASP A 67 4.78 38.18 -2.54
N ILE A 68 4.81 38.32 -1.22
CA ILE A 68 4.10 37.36 -0.37
C ILE A 68 2.59 37.51 -0.52
N ALA A 69 2.11 38.74 -0.62
CA ALA A 69 0.68 38.98 -0.81
C ALA A 69 0.20 38.41 -2.14
N LEU A 70 1.06 38.46 -3.16
CA LEU A 70 0.74 37.89 -4.46
C LEU A 70 0.66 36.38 -4.33
N LEU A 71 1.65 35.76 -3.70
CA LEU A 71 1.60 34.32 -3.45
C LEU A 71 0.34 33.89 -2.70
N LYS A 72 -0.13 34.68 -1.74
CA LYS A 72 -1.36 34.31 -1.03
C LYS A 72 -2.58 34.49 -1.92
N SER A 73 -2.59 35.57 -2.70
CA SER A 73 -3.64 35.86 -3.66
C SER A 73 -3.83 34.71 -4.64
N LEU A 74 -2.73 34.07 -5.03
CA LEU A 74 -2.77 33.03 -6.05
C LEU A 74 -2.97 31.64 -5.47
N GLY A 75 -2.92 31.56 -4.14
CA GLY A 75 -3.17 30.31 -3.41
C GLY A 75 -2.01 29.33 -3.33
N ALA A 76 -0.79 29.82 -3.50
CA ALA A 76 0.39 28.95 -3.47
C ALA A 76 0.55 28.28 -2.11
N LYS A 77 0.94 27.00 -2.11
CA LYS A 77 1.15 26.26 -0.86
C LYS A 77 2.61 26.44 -0.42
N SER A 78 3.49 26.61 -1.39
CA SER A 78 4.92 26.71 -1.17
C SER A 78 5.51 27.72 -2.15
N TYR A 79 6.72 28.17 -1.84
CA TYR A 79 7.41 29.14 -2.71
C TYR A 79 8.88 28.75 -2.78
N ARG A 80 9.37 28.59 -4.00
CA ARG A 80 10.76 28.21 -4.25
C ARG A 80 11.49 29.45 -4.73
N PHE A 81 12.57 29.79 -4.04
CA PHE A 81 13.36 30.99 -4.30
C PHE A 81 14.81 30.68 -3.91
N SER A 82 15.75 31.55 -4.29
CA SER A 82 17.15 31.30 -3.99
C SER A 82 17.78 32.39 -3.12
N ILE A 83 18.89 32.04 -2.50
CA ILE A 83 19.70 32.96 -1.70
C ILE A 83 20.87 33.40 -2.56
N SER A 84 21.09 34.71 -2.59
CA SER A 84 22.27 35.26 -3.26
C SER A 84 23.45 35.08 -2.32
N TRP A 85 24.36 34.17 -2.66
CA TRP A 85 25.54 33.91 -1.83
C TRP A 85 26.30 35.21 -1.50
N SER A 86 26.46 36.07 -2.49
CA SER A 86 27.22 37.30 -2.29
C SER A 86 26.53 38.37 -1.43
N ARG A 87 25.27 38.13 -1.03
CA ARG A 87 24.62 38.94 0.00
C ARG A 87 25.02 38.44 1.38
N ILE A 88 25.42 37.18 1.44
CA ILE A 88 25.73 36.51 2.71
C ILE A 88 27.21 36.66 3.05
N ILE A 89 28.06 36.37 2.07
CA ILE A 89 29.51 36.49 2.22
C ILE A 89 29.95 37.18 0.93
N PRO A 90 30.09 38.51 0.95
CA PRO A 90 30.32 39.18 -0.33
C PRO A 90 31.49 38.68 -1.19
N GLU A 91 32.61 38.35 -0.56
CA GLU A 91 33.77 37.81 -1.27
C GLU A 91 33.58 36.31 -1.47
N GLY A 92 32.75 35.69 -0.65
CA GLY A 92 32.36 34.31 -0.87
C GLY A 92 33.01 33.21 -0.05
N GLY A 93 34.23 33.40 0.42
CA GLY A 93 34.98 32.34 1.09
C GLY A 93 34.82 32.17 2.59
N ARG A 94 35.28 31.02 3.08
CA ARG A 94 35.16 30.62 4.47
C ARG A 94 35.99 31.48 5.41
N GLY A 95 36.96 32.20 4.87
CA GLY A 95 37.77 33.12 5.67
C GLY A 95 37.37 34.57 5.46
N ASP A 96 36.30 34.81 4.72
CA ASP A 96 35.87 36.16 4.40
C ASP A 96 34.77 36.65 5.32
N ALA A 97 34.64 37.98 5.45
CA ALA A 97 33.64 38.60 6.29
C ALA A 97 32.22 38.24 5.87
N VAL A 98 31.39 37.91 6.87
CA VAL A 98 29.98 37.63 6.66
C VAL A 98 29.20 38.95 6.71
N ASN A 99 28.22 39.11 5.83
CA ASN A 99 27.39 40.31 5.77
C ASN A 99 26.10 40.10 6.55
N GLN A 100 26.07 40.58 7.79
CA GLN A 100 24.91 40.37 8.65
C GLN A 100 23.60 40.87 8.07
N ALA A 101 23.66 41.99 7.34
CA ALA A 101 22.48 42.59 6.71
C ALA A 101 21.80 41.68 5.70
N GLY A 102 22.63 40.96 4.95
CA GLY A 102 22.14 40.02 3.94
C GLY A 102 21.48 38.86 4.64
N ILE A 103 22.10 38.38 5.71
CA ILE A 103 21.49 37.31 6.50
C ILE A 103 20.15 37.74 7.10
N ASP A 104 20.09 38.96 7.64
CA ASP A 104 18.89 39.48 8.30
C ASP A 104 17.73 39.60 7.33
N HIS A 105 18.03 39.99 6.09
CA HIS A 105 17.02 40.09 5.05
C HIS A 105 16.31 38.76 4.79
N TYR A 106 17.09 37.70 4.62
CA TYR A 106 16.50 36.39 4.34
C TYR A 106 15.83 35.76 5.55
N VAL A 107 16.37 36.04 6.73
CA VAL A 107 15.75 35.59 7.97
C VAL A 107 14.35 36.20 8.07
N LYS A 108 14.24 37.50 7.83
CA LYS A 108 12.95 38.19 7.88
C LYS A 108 12.01 37.64 6.82
N PHE A 109 12.56 37.43 5.62
CA PHE A 109 11.72 36.95 4.53
C PHE A 109 11.10 35.59 4.86
N VAL A 110 11.89 34.66 5.38
CA VAL A 110 11.42 33.33 5.74
C VAL A 110 10.38 33.40 6.86
N ASP A 111 10.59 34.30 7.82
CA ASP A 111 9.66 34.50 8.93
C ASP A 111 8.31 34.94 8.35
N ASP A 112 8.37 35.88 7.41
CA ASP A 112 7.18 36.43 6.78
C ASP A 112 6.43 35.41 5.93
N LEU A 113 7.17 34.53 5.25
CA LEU A 113 6.55 33.44 4.50
C LEU A 113 5.81 32.48 5.42
N LEU A 114 6.49 32.09 6.50
CA LEU A 114 5.91 31.14 7.44
C LEU A 114 4.71 31.74 8.17
N ASP A 115 4.75 33.05 8.45
CA ASP A 115 3.60 33.71 9.06
C ASP A 115 2.39 33.76 8.13
N ALA A 116 2.66 33.73 6.83
CA ALA A 116 1.64 33.67 5.78
C ALA A 116 1.14 32.23 5.55
N GLY A 117 1.78 31.26 6.21
CA GLY A 117 1.44 29.84 6.05
C GLY A 117 1.91 29.18 4.78
N ILE A 118 2.94 29.74 4.15
CA ILE A 118 3.50 29.26 2.89
C ILE A 118 4.84 28.57 3.17
N THR A 119 5.07 27.38 2.62
CA THR A 119 6.33 26.71 2.91
C THR A 119 7.47 27.16 1.98
N PRO A 120 8.60 27.60 2.55
CA PRO A 120 9.75 27.95 1.73
C PRO A 120 10.50 26.73 1.23
N PHE A 121 10.92 26.78 -0.03
CA PHE A 121 11.80 25.76 -0.62
C PHE A 121 12.99 26.58 -1.12
N ILE A 122 14.13 26.47 -0.46
CA ILE A 122 15.26 27.37 -0.72
C ILE A 122 16.45 26.81 -1.49
N THR A 123 16.80 27.45 -2.60
CA THR A 123 17.96 27.09 -3.41
C THR A 123 19.16 27.88 -2.89
N LEU A 124 20.25 27.18 -2.59
CA LEU A 124 21.44 27.86 -2.09
C LEU A 124 22.25 28.46 -3.24
N PHE A 125 22.33 27.75 -4.35
CA PHE A 125 23.13 28.22 -5.45
C PHE A 125 22.33 28.22 -6.74
N HIS A 126 21.98 29.41 -7.21
CA HIS A 126 21.26 29.56 -8.49
C HIS A 126 22.10 30.39 -9.46
N TRP A 127 23.31 29.88 -9.69
CA TRP A 127 24.31 30.34 -10.67
C TRP A 127 25.18 31.56 -10.33
N ASP A 128 24.79 32.29 -9.30
CA ASP A 128 25.43 33.53 -8.89
C ASP A 128 26.62 33.37 -7.94
N LEU A 129 27.64 32.66 -8.42
CA LEU A 129 28.90 32.50 -7.69
C LEU A 129 29.52 33.86 -7.39
N PRO A 130 29.90 34.12 -6.13
CA PRO A 130 30.54 35.40 -5.81
C PRO A 130 31.78 35.58 -6.70
N GLU A 131 31.92 36.76 -7.29
CA GLU A 131 33.03 37.07 -8.19
C GLU A 131 34.38 36.90 -7.50
N GLY A 132 34.42 37.13 -6.19
CA GLY A 132 35.66 36.99 -5.42
C GLY A 132 36.28 35.60 -5.47
N LEU A 133 35.43 34.57 -5.50
CA LEU A 133 35.94 33.20 -5.49
C LEU A 133 36.45 32.84 -6.88
N HIS A 134 35.79 33.38 -7.89
CA HIS A 134 36.21 33.19 -9.27
C HIS A 134 37.61 33.79 -9.49
N GLN A 135 37.81 35.00 -8.97
CA GLN A 135 39.11 35.65 -9.08
C GLN A 135 40.19 34.99 -8.22
N ARG A 136 39.83 34.62 -6.99
CA ARG A 136 40.79 34.08 -6.03
C ARG A 136 41.42 32.76 -6.45
N TYR A 137 40.58 31.83 -6.90
CA TYR A 137 41.06 30.49 -7.21
C TYR A 137 40.43 29.79 -8.42
N GLY A 138 39.74 30.55 -9.26
CA GLY A 138 39.15 29.95 -10.46
C GLY A 138 37.74 29.46 -10.17
N GLY A 139 37.20 29.85 -9.02
CA GLY A 139 35.81 29.53 -8.67
C GLY A 139 35.43 28.07 -8.79
N LEU A 140 34.45 27.79 -9.65
CA LEU A 140 33.89 26.46 -9.83
C LEU A 140 34.90 25.47 -10.39
N LEU A 141 36.03 25.98 -10.86
CA LEU A 141 37.10 25.15 -11.41
C LEU A 141 37.96 24.45 -10.36
N ASN A 142 37.89 24.90 -9.12
CA ASN A 142 38.80 24.43 -8.08
C ASN A 142 38.21 23.31 -7.22
N ARG A 143 38.79 22.12 -7.38
CA ARG A 143 38.34 20.88 -6.75
C ARG A 143 38.55 20.83 -5.25
N THR A 144 39.54 21.60 -4.80
CA THR A 144 39.87 21.71 -3.38
C THR A 144 39.07 22.81 -2.69
N GLU A 145 39.14 24.00 -3.26
CA GLU A 145 38.60 25.20 -2.62
C GLU A 145 37.11 25.41 -2.78
N PHE A 146 36.57 25.13 -3.96
CA PHE A 146 35.15 25.40 -4.14
C PHE A 146 34.26 24.58 -3.21
N PRO A 147 34.53 23.27 -3.09
CA PRO A 147 33.67 22.49 -2.19
C PRO A 147 33.79 22.94 -0.72
N LEU A 148 34.98 23.35 -0.30
CA LEU A 148 35.13 23.83 1.08
C LEU A 148 34.35 25.12 1.34
N ASP A 149 34.40 26.07 0.41
CA ASP A 149 33.68 27.33 0.55
C ASP A 149 32.16 27.19 0.39
N PHE A 150 31.74 26.28 -0.49
CA PHE A 150 30.31 25.99 -0.61
C PHE A 150 29.77 25.39 0.67
N GLU A 151 30.49 24.43 1.24
CA GLU A 151 30.05 23.82 2.49
C GLU A 151 29.92 24.86 3.60
N ASN A 152 30.88 25.77 3.70
CA ASN A 152 30.81 26.83 4.69
C ASN A 152 29.58 27.70 4.51
N TYR A 153 29.34 28.13 3.28
CA TYR A 153 28.18 28.96 2.92
C TYR A 153 26.89 28.25 3.28
N ALA A 154 26.83 26.96 2.96
CA ALA A 154 25.68 26.14 3.28
C ALA A 154 25.46 26.12 4.80
N ARG A 155 26.52 25.89 5.56
CA ARG A 155 26.43 25.91 7.03
C ARG A 155 25.94 27.25 7.58
N VAL A 156 26.39 28.36 7.00
CA VAL A 156 25.93 29.67 7.46
C VAL A 156 24.42 29.81 7.28
N MET A 157 23.92 29.36 6.14
CA MET A 157 22.48 29.45 5.84
C MET A 157 21.65 28.50 6.66
N PHE A 158 22.16 27.28 6.88
CA PHE A 158 21.48 26.29 7.71
C PHE A 158 21.34 26.82 9.13
N ARG A 159 22.39 27.50 9.61
CA ARG A 159 22.40 28.03 10.96
C ARG A 159 21.46 29.22 11.09
N ALA A 160 21.39 30.06 10.06
CA ALA A 160 20.60 31.28 10.09
C ALA A 160 19.11 31.04 9.86
N LEU A 161 18.77 29.96 9.17
CA LEU A 161 17.38 29.69 8.82
C LEU A 161 16.91 28.33 9.35
N PRO A 162 16.93 28.15 10.68
CA PRO A 162 16.60 26.86 11.28
C PRO A 162 15.14 26.43 11.14
N LYS A 163 14.23 27.34 10.77
CA LYS A 163 12.84 26.96 10.50
C LYS A 163 12.58 26.37 9.11
N VAL A 164 13.57 26.49 8.23
CA VAL A 164 13.46 25.98 6.87
C VAL A 164 13.54 24.45 6.92
N ARG A 165 12.73 23.79 6.09
CA ARG A 165 12.74 22.34 6.05
C ARG A 165 13.08 21.76 4.68
N ASN A 166 12.99 22.60 3.65
CA ASN A 166 13.21 22.16 2.28
C ASN A 166 14.33 22.91 1.59
N TRP A 167 15.45 22.23 1.39
CA TRP A 167 16.66 22.83 0.85
C TRP A 167 17.09 22.25 -0.49
N ILE A 168 17.62 23.10 -1.37
CA ILE A 168 18.19 22.68 -2.65
C ILE A 168 19.62 23.21 -2.69
N THR A 169 20.59 22.36 -3.01
CA THR A 169 21.97 22.81 -3.07
C THR A 169 22.22 23.62 -4.34
N PHE A 170 22.14 23.00 -5.51
CA PHE A 170 22.40 23.66 -6.79
C PHE A 170 21.20 23.59 -7.72
N ASN A 171 20.94 24.69 -8.43
CA ASN A 171 19.96 24.69 -9.51
C ASN A 171 20.66 24.44 -10.85
N GLU A 172 20.31 23.34 -11.50
CA GLU A 172 20.77 23.07 -12.87
C GLU A 172 22.28 23.21 -13.04
N PRO A 173 23.06 22.32 -12.42
CA PRO A 173 24.50 22.35 -12.58
C PRO A 173 24.93 22.23 -14.05
N LEU A 174 24.12 21.61 -14.91
CA LEU A 174 24.50 21.53 -16.32
C LEU A 174 24.64 22.91 -16.95
N CYS A 175 23.77 23.82 -16.51
CA CYS A 175 23.77 25.19 -17.00
C CYS A 175 24.94 25.99 -16.45
N SER A 176 25.37 25.68 -15.22
CA SER A 176 26.59 26.30 -14.71
C SER A 176 27.79 25.81 -15.51
N ALA A 177 27.77 24.54 -15.90
CA ALA A 177 28.92 23.90 -16.52
C ALA A 177 29.10 24.08 -18.01
N ILE A 178 28.09 23.72 -18.80
CA ILE A 178 28.22 23.78 -20.26
C ILE A 178 28.15 25.19 -20.84
N PRO A 179 27.03 25.92 -20.61
CA PRO A 179 26.98 27.30 -21.07
C PRO A 179 28.05 28.14 -20.39
N GLY A 180 28.34 27.87 -19.12
CA GLY A 180 29.33 28.68 -18.42
C GLY A 180 30.79 28.50 -18.79
N TYR A 181 31.19 27.28 -19.13
CA TYR A 181 32.58 26.95 -19.38
C TYR A 181 32.82 26.18 -20.67
N GLY A 182 31.74 25.88 -21.40
CA GLY A 182 31.82 25.14 -22.64
C GLY A 182 31.57 26.02 -23.84
N SER A 183 30.36 26.58 -23.94
CA SER A 183 30.03 27.43 -25.08
C SER A 183 30.28 28.90 -24.76
N GLY A 184 30.38 29.24 -23.48
CA GLY A 184 30.62 30.62 -23.05
C GLY A 184 29.41 31.52 -23.06
N THR A 185 28.22 30.95 -23.23
CA THR A 185 26.99 31.74 -23.35
C THR A 185 26.46 32.27 -22.01
N PHE A 186 26.82 31.62 -20.92
CA PHE A 186 26.43 32.07 -19.57
C PHE A 186 27.71 32.41 -18.82
N ALA A 187 27.58 33.14 -17.72
CA ALA A 187 28.72 33.48 -16.87
C ALA A 187 29.44 32.22 -16.39
N PRO A 188 30.78 32.24 -16.28
CA PRO A 188 31.70 33.35 -16.52
C PRO A 188 32.13 33.49 -17.99
N GLY A 189 31.49 32.76 -18.89
CA GLY A 189 31.72 32.90 -20.32
C GLY A 189 32.98 32.27 -20.86
N ARG A 190 33.42 31.17 -20.23
CA ARG A 190 34.60 30.48 -20.73
C ARG A 190 34.30 29.44 -21.81
N GLN A 191 35.31 29.04 -22.57
CA GLN A 191 35.11 28.04 -23.62
C GLN A 191 36.23 27.02 -23.59
N SER A 192 35.86 25.79 -23.21
CA SER A 192 36.82 24.71 -23.06
C SER A 192 36.19 23.35 -23.32
N THR A 193 36.98 22.41 -23.80
CA THR A 193 36.54 21.04 -24.03
C THR A 193 36.68 20.18 -22.77
N SER A 194 37.31 20.74 -21.74
CA SER A 194 37.49 20.01 -20.49
C SER A 194 36.80 20.65 -19.30
N GLU A 195 36.79 21.98 -19.27
CA GLU A 195 36.26 22.71 -18.12
C GLU A 195 34.84 22.35 -17.69
N PRO A 196 33.89 22.16 -18.63
CA PRO A 196 32.55 21.77 -18.17
C PRO A 196 32.55 20.50 -17.32
N TRP A 197 33.37 19.52 -17.69
CA TRP A 197 33.41 18.26 -16.96
C TRP A 197 34.07 18.43 -15.59
N THR A 198 35.06 19.32 -15.52
CA THR A 198 35.71 19.64 -14.25
C THR A 198 34.72 20.30 -13.27
N VAL A 199 33.99 21.29 -13.79
CA VAL A 199 32.97 22.06 -13.09
C VAL A 199 31.85 21.17 -12.59
N GLY A 200 31.32 20.29 -13.43
CA GLY A 200 30.27 19.38 -12.99
C GLY A 200 30.70 18.54 -11.80
N HIS A 201 31.96 18.11 -11.83
CA HIS A 201 32.52 17.27 -10.80
C HIS A 201 32.62 18.04 -9.50
N ASN A 202 33.09 19.28 -9.60
CA ASN A 202 33.25 20.07 -8.37
C ASN A 202 31.92 20.44 -7.74
N ILE A 203 30.91 20.62 -8.59
CA ILE A 203 29.57 20.90 -8.08
C ILE A 203 29.07 19.68 -7.31
N LEU A 204 29.24 18.49 -7.89
CA LEU A 204 28.79 17.25 -7.25
C LEU A 204 29.46 17.07 -5.88
N VAL A 205 30.76 17.31 -5.82
CA VAL A 205 31.48 17.23 -4.55
C VAL A 205 31.00 18.27 -3.53
N ALA A 206 30.87 19.51 -3.97
CA ALA A 206 30.32 20.61 -3.18
C ALA A 206 28.96 20.24 -2.61
N HIS A 207 28.10 19.72 -3.48
CA HIS A 207 26.78 19.24 -3.10
C HIS A 207 26.85 18.21 -1.98
N GLY A 208 27.72 17.21 -2.16
CA GLY A 208 27.83 16.13 -1.19
C GLY A 208 28.34 16.63 0.15
N ARG A 209 29.28 17.57 0.13
CA ARG A 209 29.80 18.14 1.38
C ARG A 209 28.70 18.89 2.13
N ALA A 210 27.88 19.63 1.39
CA ALA A 210 26.77 20.41 1.95
C ALA A 210 25.68 19.53 2.54
N VAL A 211 25.36 18.44 1.85
CA VAL A 211 24.37 17.48 2.34
C VAL A 211 24.87 16.76 3.58
N LYS A 212 26.15 16.38 3.57
CA LYS A 212 26.70 15.74 4.75
C LYS A 212 26.66 16.71 5.93
N ALA A 213 26.99 17.97 5.69
CA ALA A 213 26.89 18.97 6.76
C ALA A 213 25.46 19.11 7.26
N TYR A 214 24.49 19.16 6.34
CA TYR A 214 23.10 19.24 6.76
C TYR A 214 22.68 18.04 7.61
N ARG A 215 22.97 16.84 7.13
CA ARG A 215 22.55 15.63 7.82
C ARG A 215 23.20 15.42 9.18
N ASP A 216 24.49 15.76 9.26
CA ASP A 216 25.24 15.59 10.50
C ASP A 216 24.87 16.63 11.54
N ASP A 217 24.80 17.89 11.14
CA ASP A 217 24.74 18.98 12.11
C ASP A 217 23.50 19.85 12.19
N PHE A 218 22.59 19.76 11.22
CA PHE A 218 21.48 20.71 11.15
C PHE A 218 20.06 20.16 10.95
N LYS A 219 19.96 18.94 10.44
CA LYS A 219 18.63 18.40 10.19
C LYS A 219 17.80 18.37 11.47
N PRO A 220 16.55 18.85 11.38
CA PRO A 220 15.71 18.97 12.57
C PRO A 220 15.28 17.63 13.14
N ALA A 221 15.18 17.57 14.46
CA ALA A 221 14.67 16.41 15.17
C ALA A 221 13.28 16.02 14.68
N SER A 222 12.48 17.00 14.30
CA SER A 222 11.13 16.73 13.83
C SER A 222 11.11 15.77 12.65
N GLY A 223 12.25 15.62 11.98
CA GLY A 223 12.43 14.69 10.86
C GLY A 223 11.95 15.06 9.47
N ASP A 224 11.40 16.25 9.31
CA ASP A 224 10.86 16.67 8.02
C ASP A 224 11.81 17.52 7.19
N GLY A 225 13.09 17.56 7.58
CA GLY A 225 14.10 18.32 6.84
C GLY A 225 14.58 17.49 5.66
N GLN A 226 14.77 18.11 4.51
CA GLN A 226 15.27 17.37 3.35
C GLN A 226 16.08 18.29 2.47
N ILE A 227 17.05 17.69 1.78
CA ILE A 227 17.96 18.44 0.92
C ILE A 227 18.25 17.61 -0.33
N GLY A 228 18.45 18.28 -1.46
CA GLY A 228 18.72 17.60 -2.72
C GLY A 228 19.17 18.58 -3.77
N ILE A 229 19.58 18.06 -4.92
CA ILE A 229 19.97 18.90 -6.05
C ILE A 229 18.84 19.02 -7.06
N VAL A 230 18.88 20.08 -7.86
CA VAL A 230 17.88 20.29 -8.89
C VAL A 230 18.53 20.08 -10.28
N LEU A 231 18.01 19.13 -11.04
CA LEU A 231 18.58 18.83 -12.35
C LEU A 231 17.56 19.13 -13.44
N ASN A 232 18.00 19.80 -14.50
CA ASN A 232 17.15 19.92 -15.69
C ASN A 232 17.32 18.75 -16.64
N GLY A 233 16.45 18.69 -17.65
CA GLY A 233 16.46 17.55 -18.54
C GLY A 233 15.20 17.55 -19.36
N ASP A 234 15.38 17.52 -20.68
CA ASP A 234 14.28 17.50 -21.61
C ASP A 234 14.20 16.10 -22.22
N PHE A 235 13.00 15.65 -22.56
CA PHE A 235 12.86 14.25 -22.95
C PHE A 235 13.28 14.01 -24.39
N THR A 236 13.51 12.75 -24.73
CA THR A 236 14.01 12.43 -26.06
C THR A 236 13.17 11.33 -26.71
N TYR A 237 13.00 11.46 -28.03
CA TYR A 237 12.28 10.50 -28.85
C TYR A 237 13.20 10.22 -30.04
N PRO A 238 13.29 8.96 -30.48
CA PRO A 238 14.17 8.68 -31.64
C PRO A 238 13.69 9.36 -32.91
N TRP A 239 14.62 9.88 -33.71
CA TRP A 239 14.25 10.47 -35.00
C TRP A 239 13.55 9.47 -35.90
N ASP A 240 14.17 8.29 -36.05
CA ASP A 240 13.61 7.10 -36.70
C ASP A 240 13.46 6.03 -35.62
N ALA A 241 12.23 5.83 -35.17
CA ALA A 241 11.95 4.92 -34.06
C ALA A 241 12.32 3.49 -34.43
N ALA A 242 12.27 3.17 -35.71
CA ALA A 242 12.59 1.83 -36.20
C ALA A 242 14.10 1.59 -36.34
N ASP A 243 14.91 2.59 -36.02
CA ASP A 243 16.36 2.45 -36.11
C ASP A 243 16.96 2.31 -34.71
N PRO A 244 17.50 1.11 -34.40
CA PRO A 244 18.07 0.91 -33.08
C PRO A 244 19.12 1.95 -32.73
N ALA A 245 19.84 2.47 -33.72
CA ALA A 245 20.82 3.52 -33.44
C ALA A 245 20.22 4.80 -32.86
N ASP A 246 18.98 5.13 -33.27
CA ASP A 246 18.32 6.34 -32.81
C ASP A 246 17.74 6.11 -31.41
N LYS A 247 17.26 4.90 -31.17
CA LYS A 247 16.84 4.54 -29.81
C LYS A 247 18.00 4.70 -28.82
N GLU A 248 19.15 4.16 -29.20
CA GLU A 248 20.38 4.27 -28.44
C GLU A 248 20.76 5.74 -28.31
N ALA A 249 20.70 6.49 -29.40
CA ALA A 249 21.11 7.89 -29.35
C ALA A 249 20.21 8.73 -28.42
N ALA A 250 18.91 8.45 -28.43
CA ALA A 250 17.98 9.14 -27.57
C ALA A 250 18.26 8.83 -26.10
N GLU A 251 18.58 7.57 -25.80
CA GLU A 251 18.94 7.22 -24.42
C GLU A 251 20.24 7.90 -23.98
N ARG A 252 21.23 7.87 -24.87
CA ARG A 252 22.54 8.42 -24.57
C ARG A 252 22.44 9.92 -24.33
N ARG A 253 21.54 10.57 -25.06
CA ARG A 253 21.32 12.00 -24.88
C ARG A 253 20.84 12.28 -23.45
N LEU A 254 19.87 11.51 -22.94
CA LEU A 254 19.38 11.71 -21.57
C LEU A 254 20.50 11.50 -20.57
N GLU A 255 21.39 10.57 -20.88
CA GLU A 255 22.51 10.28 -19.98
C GLU A 255 23.43 11.50 -19.87
N PHE A 256 23.73 12.14 -21.00
CA PHE A 256 24.62 13.30 -20.96
C PHE A 256 23.99 14.54 -20.34
N PHE A 257 22.66 14.62 -20.41
CA PHE A 257 21.91 15.77 -19.95
C PHE A 257 21.72 15.70 -18.43
N THR A 258 21.38 14.51 -17.97
CA THR A 258 20.84 14.33 -16.63
C THR A 258 21.51 13.25 -15.78
N ALA A 259 21.74 12.08 -16.36
CA ALA A 259 22.42 11.01 -15.66
C ALA A 259 23.82 11.43 -15.27
N TRP A 260 24.39 12.39 -16.00
CA TRP A 260 25.68 13.00 -15.69
C TRP A 260 25.79 13.27 -14.20
N PHE A 261 24.74 13.89 -13.67
CA PHE A 261 24.61 14.22 -12.24
C PHE A 261 23.89 13.18 -11.38
N ALA A 262 22.81 12.62 -11.87
CA ALA A 262 21.99 11.73 -11.04
C ALA A 262 22.59 10.33 -10.90
N ASP A 263 23.38 9.89 -11.88
CA ASP A 263 24.02 8.58 -11.73
C ASP A 263 25.02 8.59 -10.56
N PRO A 264 25.90 9.61 -10.49
CA PRO A 264 26.75 9.60 -9.29
C PRO A 264 25.97 9.64 -7.98
N ILE A 265 24.88 10.41 -7.95
CA ILE A 265 24.13 10.61 -6.72
C ILE A 265 23.37 9.35 -6.28
N TYR A 266 22.79 8.63 -7.25
CA TYR A 266 21.99 7.45 -6.92
C TYR A 266 22.74 6.13 -7.06
N LEU A 267 23.59 6.05 -8.07
CA LEU A 267 24.24 4.80 -8.45
C LEU A 267 25.73 4.70 -8.08
N GLY A 268 26.38 5.83 -7.86
CA GLY A 268 27.77 5.85 -7.40
C GLY A 268 28.87 6.17 -8.39
N ASP A 269 28.53 6.38 -9.65
CA ASP A 269 29.53 6.80 -10.63
C ASP A 269 28.87 7.42 -11.85
N TYR A 270 29.69 7.99 -12.74
CA TYR A 270 29.22 8.60 -13.97
C TYR A 270 28.67 7.55 -14.93
N PRO A 271 27.80 7.97 -15.85
CA PRO A 271 27.31 7.07 -16.89
C PRO A 271 28.48 6.50 -17.70
N ALA A 272 28.46 5.20 -17.94
CA ALA A 272 29.51 4.57 -18.74
C ALA A 272 29.65 5.24 -20.10
N SER A 273 28.53 5.68 -20.69
CA SER A 273 28.61 6.32 -22.00
C SER A 273 29.43 7.61 -21.96
N MET A 274 29.35 8.33 -20.85
CA MET A 274 30.16 9.54 -20.68
C MET A 274 31.64 9.23 -20.53
N ARG A 275 31.94 8.20 -19.74
CA ARG A 275 33.31 7.73 -19.54
C ARG A 275 33.95 7.30 -20.85
N LYS A 276 33.15 6.63 -21.69
CA LYS A 276 33.61 6.14 -22.98
C LYS A 276 34.01 7.29 -23.91
N GLN A 277 33.10 8.25 -24.07
CA GLN A 277 33.31 9.41 -24.94
C GLN A 277 34.36 10.37 -24.40
N LEU A 278 34.24 10.75 -23.13
CA LEU A 278 35.06 11.81 -22.57
C LEU A 278 36.43 11.39 -22.05
N GLY A 279 36.59 10.10 -21.79
CA GLY A 279 37.86 9.60 -21.27
C GLY A 279 38.38 10.44 -20.11
N ASP A 280 39.66 10.78 -20.16
CA ASP A 280 40.35 11.47 -19.07
C ASP A 280 39.84 12.89 -18.78
N ARG A 281 39.01 13.43 -19.66
CA ARG A 281 38.45 14.78 -19.48
C ARG A 281 37.34 14.81 -18.44
N LEU A 282 36.84 13.63 -18.11
CA LEU A 282 35.81 13.46 -17.09
C LEU A 282 36.53 13.00 -15.82
N PRO A 283 36.42 13.75 -14.71
CA PRO A 283 37.16 13.32 -13.53
C PRO A 283 36.70 11.98 -12.93
N THR A 284 37.50 11.46 -12.01
CA THR A 284 37.26 10.19 -11.34
C THR A 284 37.10 10.49 -9.86
N PHE A 285 35.98 10.06 -9.28
CA PHE A 285 35.75 10.26 -7.85
C PHE A 285 36.79 9.50 -7.06
N THR A 286 37.26 10.13 -5.99
CA THR A 286 38.09 9.43 -5.03
C THR A 286 37.12 8.67 -4.13
N PRO A 287 37.64 7.72 -3.32
CA PRO A 287 36.78 7.05 -2.37
C PRO A 287 36.07 8.02 -1.43
N GLU A 288 36.76 9.07 -1.02
CA GLU A 288 36.17 10.06 -0.12
C GLU A 288 35.05 10.80 -0.81
N GLU A 289 35.27 11.19 -2.07
CA GLU A 289 34.28 11.96 -2.80
C GLU A 289 33.04 11.12 -3.10
N ARG A 290 33.24 9.86 -3.44
CA ARG A 290 32.13 8.95 -3.73
C ARG A 290 31.26 8.76 -2.49
N ALA A 291 31.92 8.65 -1.33
CA ALA A 291 31.20 8.53 -0.06
C ALA A 291 30.29 9.74 0.20
N LEU A 292 30.72 10.91 -0.24
CA LEU A 292 29.93 12.13 -0.06
C LEU A 292 28.77 12.21 -1.05
N VAL A 293 29.03 11.84 -2.28
CA VAL A 293 28.10 12.03 -3.40
C VAL A 293 27.07 10.92 -3.51
N HIS A 294 27.49 9.67 -3.37
CA HIS A 294 26.56 8.55 -3.45
C HIS A 294 25.59 8.58 -2.27
N GLY A 295 24.30 8.75 -2.58
CA GLY A 295 23.22 8.80 -1.60
C GLY A 295 22.90 10.18 -1.06
N SER A 296 23.39 11.22 -1.74
CA SER A 296 23.22 12.59 -1.27
C SER A 296 21.94 13.31 -1.66
N ASN A 297 20.94 12.62 -2.19
CA ASN A 297 19.64 13.26 -2.48
C ASN A 297 18.53 12.71 -1.58
N ASP A 298 17.96 13.56 -0.72
CA ASP A 298 16.80 13.16 0.08
C ASP A 298 15.57 13.15 -0.81
N PHE A 299 15.59 13.96 -1.87
CA PHE A 299 14.53 13.97 -2.87
C PHE A 299 15.21 14.24 -4.22
N TYR A 300 14.49 13.98 -5.32
CA TYR A 300 14.98 14.29 -6.65
C TYR A 300 14.35 15.60 -7.09
N GLY A 301 15.19 16.60 -7.34
CA GLY A 301 14.71 17.91 -7.75
C GLY A 301 14.75 17.92 -9.26
N MET A 302 13.61 18.20 -9.89
CA MET A 302 13.44 18.13 -11.34
C MET A 302 12.99 19.42 -12.02
N ASN A 303 13.80 19.96 -12.93
CA ASN A 303 13.37 21.07 -13.78
C ASN A 303 13.08 20.44 -15.14
N HIS A 304 11.95 20.75 -15.75
CA HIS A 304 11.64 20.15 -17.06
C HIS A 304 10.80 21.11 -17.90
N TYR A 305 11.10 21.18 -19.18
CA TYR A 305 10.41 22.10 -20.07
C TYR A 305 9.93 21.54 -21.40
N THR A 306 10.74 20.69 -22.03
CA THR A 306 10.50 20.33 -23.42
C THR A 306 11.04 18.94 -23.76
N SER A 307 10.93 18.60 -25.04
CA SER A 307 11.40 17.35 -25.60
C SER A 307 11.91 17.61 -27.01
N ASN A 308 12.72 16.66 -27.46
CA ASN A 308 13.33 16.71 -28.78
C ASN A 308 13.41 15.33 -29.42
N TYR A 309 13.50 15.34 -30.75
CA TYR A 309 13.85 14.14 -31.47
C TYR A 309 15.37 14.06 -31.54
N ILE A 310 15.90 12.85 -31.45
CA ILE A 310 17.34 12.64 -31.41
C ILE A 310 17.77 11.69 -32.53
N ARG A 311 18.75 12.11 -33.31
CA ARG A 311 19.25 11.32 -34.44
C ARG A 311 20.72 10.98 -34.23
N HIS A 312 21.11 9.73 -34.47
CA HIS A 312 22.52 9.34 -34.28
C HIS A 312 23.38 9.93 -35.39
N ARG A 313 24.69 9.94 -35.17
CA ARG A 313 25.65 10.43 -36.15
C ARG A 313 26.52 9.30 -36.69
N SER A 314 27.01 9.49 -37.92
CA SER A 314 27.81 8.48 -38.62
C SER A 314 29.30 8.50 -38.28
N SER A 315 29.71 9.39 -37.38
CA SER A 315 31.11 9.55 -37.02
C SER A 315 31.33 9.73 -35.51
N PRO A 316 32.57 9.48 -35.03
CA PRO A 316 32.90 9.68 -33.62
C PRO A 316 32.76 11.14 -33.18
N ALA A 317 32.51 11.31 -31.89
CA ALA A 317 32.35 12.63 -31.29
C ALA A 317 33.63 13.44 -31.29
N SER A 318 33.50 14.75 -31.50
CA SER A 318 34.63 15.66 -31.38
C SER A 318 34.82 16.07 -29.92
N ALA A 319 35.99 16.63 -29.58
CA ALA A 319 36.20 17.10 -28.21
C ALA A 319 35.28 18.24 -27.79
N ASP A 320 34.72 18.97 -28.75
CA ASP A 320 33.81 20.08 -28.41
C ASP A 320 32.39 19.60 -28.12
N ASP A 321 32.16 18.30 -28.31
CA ASP A 321 30.84 17.73 -28.11
C ASP A 321 30.48 17.63 -26.63
N THR A 322 29.27 18.07 -26.31
CA THR A 322 28.76 18.01 -24.95
C THR A 322 27.40 17.32 -24.86
N VAL A 323 26.76 16.99 -25.99
CA VAL A 323 25.43 16.37 -25.96
C VAL A 323 25.43 14.84 -26.05
N GLY A 324 26.56 14.25 -26.43
CA GLY A 324 26.68 12.81 -26.57
C GLY A 324 26.62 12.36 -28.01
N ASN A 325 27.18 13.20 -28.88
CA ASN A 325 27.33 12.91 -30.31
C ASN A 325 26.02 12.61 -31.01
N VAL A 326 25.04 13.51 -30.89
CA VAL A 326 23.73 13.34 -31.51
C VAL A 326 23.23 14.67 -32.05
N ASP A 327 22.31 14.61 -33.01
CA ASP A 327 21.58 15.77 -33.51
C ASP A 327 20.33 15.94 -32.66
N VAL A 328 20.10 17.17 -32.21
CA VAL A 328 18.93 17.50 -31.41
C VAL A 328 17.96 18.28 -32.28
N LEU A 329 16.80 17.69 -32.54
CA LEU A 329 15.90 18.21 -33.57
C LEU A 329 14.47 18.39 -33.07
N PHE A 330 13.67 19.10 -33.87
CA PHE A 330 12.27 19.39 -33.58
C PHE A 330 11.32 18.61 -34.49
N THR A 331 11.89 17.94 -35.47
CA THR A 331 11.11 17.09 -36.38
C THR A 331 11.74 15.71 -36.50
N ASN A 332 10.90 14.73 -36.79
CA ASN A 332 11.36 13.35 -36.98
C ASN A 332 11.33 12.86 -38.43
N LYS A 333 11.67 11.58 -38.62
CA LYS A 333 11.73 11.00 -39.96
C LYS A 333 10.43 11.12 -40.76
N GLN A 334 9.30 11.04 -40.06
CA GLN A 334 7.97 11.16 -40.67
C GLN A 334 7.46 12.59 -40.85
N GLY A 335 8.26 13.57 -40.46
CA GLY A 335 7.90 14.98 -40.60
C GLY A 335 7.00 15.50 -39.49
N ASN A 336 6.89 14.72 -38.42
CA ASN A 336 6.10 15.21 -37.29
C ASN A 336 6.95 16.19 -36.48
N CYS A 337 6.27 17.10 -35.79
CA CYS A 337 6.93 18.15 -35.02
C CYS A 337 6.65 17.98 -33.53
N ILE A 338 7.65 18.27 -32.70
CA ILE A 338 7.54 18.12 -31.25
C ILE A 338 6.45 19.00 -30.62
N GLY A 339 6.37 20.24 -31.08
CA GLY A 339 5.41 21.17 -30.50
C GLY A 339 5.56 22.56 -31.07
N PRO A 340 4.65 23.47 -30.70
CA PRO A 340 4.64 24.83 -31.22
C PRO A 340 5.80 25.72 -30.75
N GLU A 341 6.14 26.73 -31.55
CA GLU A 341 7.20 27.66 -31.18
C GLU A 341 6.84 28.56 -29.99
N THR A 342 7.83 28.86 -29.18
CA THR A 342 7.68 29.85 -28.11
C THR A 342 8.70 30.96 -28.38
N GLN A 343 8.95 31.82 -27.39
CA GLN A 343 9.99 32.84 -27.53
C GLN A 343 11.38 32.25 -27.32
N SER A 344 11.44 31.04 -26.77
CA SER A 344 12.71 30.38 -26.46
C SER A 344 12.93 29.37 -27.58
N PRO A 345 13.99 29.54 -28.40
CA PRO A 345 14.16 28.60 -29.52
C PRO A 345 14.24 27.11 -29.15
N TRP A 346 14.72 26.86 -27.94
CA TRP A 346 14.89 25.54 -27.39
C TRP A 346 13.64 24.90 -26.80
N LEU A 347 12.57 25.68 -26.63
CA LEU A 347 11.38 25.21 -25.93
C LEU A 347 10.18 25.08 -26.85
N ARG A 348 9.77 23.83 -27.05
CA ARG A 348 8.54 23.49 -27.72
C ARG A 348 7.69 22.66 -26.75
N PRO A 349 6.46 23.10 -26.45
CA PRO A 349 5.65 22.36 -25.50
C PRO A 349 5.33 20.94 -26.01
N CYS A 350 5.47 19.97 -25.11
CA CYS A 350 5.26 18.55 -25.38
C CYS A 350 4.98 17.87 -24.05
N ALA A 351 3.71 17.93 -23.64
CA ALA A 351 3.29 17.38 -22.36
C ALA A 351 3.62 15.90 -22.16
N ALA A 352 3.51 15.10 -23.22
CA ALA A 352 3.81 13.67 -23.10
C ALA A 352 5.25 13.40 -22.68
N GLY A 353 6.18 14.25 -23.13
CA GLY A 353 7.56 14.14 -22.70
C GLY A 353 7.77 14.35 -21.21
N PHE A 354 6.89 15.13 -20.57
CA PHE A 354 6.95 15.39 -19.13
C PHE A 354 6.62 14.10 -18.36
N ARG A 355 5.51 13.46 -18.74
CA ARG A 355 5.15 12.16 -18.17
C ARG A 355 6.31 11.19 -18.39
N ASP A 356 6.86 11.18 -19.60
CA ASP A 356 7.87 10.18 -19.92
C ASP A 356 9.18 10.42 -19.14
N PHE A 357 9.54 11.69 -18.94
CA PHE A 357 10.74 11.99 -18.16
C PHE A 357 10.55 11.57 -16.70
N LEU A 358 9.37 11.82 -16.15
CA LEU A 358 9.10 11.38 -14.77
C LEU A 358 9.26 9.86 -14.62
N VAL A 359 8.77 9.12 -15.60
CA VAL A 359 8.89 7.68 -15.56
C VAL A 359 10.37 7.28 -15.72
N TRP A 360 11.12 7.94 -16.59
CA TRP A 360 12.52 7.58 -16.81
C TRP A 360 13.32 7.74 -15.51
N ILE A 361 13.11 8.86 -14.83
CA ILE A 361 13.81 9.13 -13.58
C ILE A 361 13.42 8.02 -12.59
N SER A 362 12.13 7.72 -12.50
CA SER A 362 11.63 6.76 -11.52
C SER A 362 12.22 5.37 -11.71
N LYS A 363 12.27 4.93 -12.97
CA LYS A 363 12.81 3.61 -13.32
C LYS A 363 14.32 3.50 -13.12
N ARG A 364 15.06 4.57 -13.36
CA ARG A 364 16.51 4.50 -13.26
C ARG A 364 16.95 4.65 -11.80
N TYR A 365 16.16 5.39 -11.01
CA TYR A 365 16.62 5.75 -9.67
C TYR A 365 15.74 5.28 -8.50
N GLY A 366 14.99 4.21 -8.71
CA GLY A 366 14.22 3.54 -7.67
C GLY A 366 13.05 4.31 -7.09
N TYR A 367 12.31 4.97 -7.98
CA TYR A 367 11.10 5.69 -7.59
C TYR A 367 11.38 6.66 -6.43
N PRO A 368 12.32 7.60 -6.62
CA PRO A 368 12.57 8.56 -5.54
C PRO A 368 11.41 9.52 -5.39
N PRO A 369 11.31 10.21 -4.24
CA PRO A 369 10.33 11.30 -4.21
C PRO A 369 10.84 12.43 -5.11
N ILE A 370 9.95 12.94 -5.95
CA ILE A 370 10.31 13.97 -6.93
C ILE A 370 9.58 15.27 -6.67
N TYR A 371 10.33 16.37 -6.68
CA TYR A 371 9.76 17.72 -6.67
C TYR A 371 10.05 18.32 -8.04
N VAL A 372 9.00 18.72 -8.75
CA VAL A 372 9.20 19.39 -10.05
C VAL A 372 9.39 20.85 -9.66
N THR A 373 10.64 21.26 -9.59
CA THR A 373 11.02 22.57 -9.05
C THR A 373 10.95 23.70 -10.08
N GLU A 374 10.79 23.35 -11.36
CA GLU A 374 10.57 24.34 -12.42
C GLU A 374 9.79 23.71 -13.56
N ASN A 375 8.72 24.39 -13.98
CA ASN A 375 8.08 24.00 -15.24
C ASN A 375 7.32 25.24 -15.72
N GLY A 376 7.41 25.58 -16.99
CA GLY A 376 6.72 26.80 -17.46
C GLY A 376 7.09 27.08 -18.91
N THR A 377 6.59 28.20 -19.43
CA THR A 377 6.84 28.48 -20.82
C THR A 377 6.87 29.98 -21.13
N SER A 378 7.57 30.30 -22.22
CA SER A 378 7.50 31.63 -22.79
C SER A 378 6.48 31.58 -23.93
N ILE A 379 6.13 32.75 -24.47
CA ILE A 379 5.17 32.90 -25.55
C ILE A 379 5.85 33.75 -26.64
N LYS A 380 5.89 33.26 -27.88
CA LYS A 380 6.59 33.97 -28.93
C LYS A 380 6.01 35.36 -29.12
N GLY A 381 6.89 36.36 -29.08
CA GLY A 381 6.54 37.77 -29.26
C GLY A 381 5.69 38.38 -28.17
N GLU A 382 5.65 37.72 -27.02
CA GLU A 382 4.85 38.17 -25.87
C GLU A 382 5.15 39.62 -25.49
N SER A 383 6.44 39.96 -25.39
CA SER A 383 6.87 41.29 -25.00
C SER A 383 6.45 42.41 -25.96
N ASP A 384 6.09 42.05 -27.20
CA ASP A 384 5.64 43.05 -28.17
C ASP A 384 4.13 43.29 -28.15
N LEU A 385 3.42 42.47 -27.37
CA LEU A 385 1.97 42.56 -27.25
C LEU A 385 1.51 43.74 -26.41
N PRO A 386 0.30 44.27 -26.70
CA PRO A 386 -0.26 45.25 -25.78
C PRO A 386 -0.60 44.56 -24.45
N LYS A 387 -0.75 45.34 -23.37
CA LYS A 387 -0.96 44.81 -22.02
C LYS A 387 -2.10 43.80 -21.93
N GLU A 388 -3.27 44.19 -22.41
CA GLU A 388 -4.46 43.34 -22.42
C GLU A 388 -4.20 41.96 -23.01
N LYS A 389 -3.48 41.91 -24.12
CA LYS A 389 -3.10 40.66 -24.78
C LYS A 389 -2.06 39.86 -23.99
N ILE A 390 -1.13 40.53 -23.33
CA ILE A 390 -0.17 39.82 -22.49
C ILE A 390 -0.92 39.16 -21.34
N LEU A 391 -1.91 39.85 -20.78
CA LEU A 391 -2.62 39.31 -19.61
C LEU A 391 -3.47 38.08 -19.97
N GLU A 392 -3.95 38.03 -21.20
CA GLU A 392 -4.71 36.87 -21.68
C GLU A 392 -3.77 35.82 -22.27
N ASP A 393 -2.95 35.24 -21.39
CA ASP A 393 -1.90 34.31 -21.82
C ASP A 393 -2.43 32.89 -21.96
N ASP A 394 -3.38 32.70 -22.87
CA ASP A 394 -4.00 31.40 -23.11
C ASP A 394 -3.00 30.30 -23.46
N PHE A 395 -1.92 30.65 -24.16
CA PHE A 395 -0.89 29.67 -24.55
C PHE A 395 -0.28 29.06 -23.29
N ARG A 396 0.00 29.92 -22.33
CA ARG A 396 0.58 29.50 -21.05
C ARG A 396 -0.44 28.74 -20.19
N VAL A 397 -1.68 29.21 -20.14
CA VAL A 397 -2.72 28.49 -19.42
C VAL A 397 -2.80 27.05 -19.92
N LYS A 398 -2.78 26.89 -21.24
CA LYS A 398 -2.87 25.55 -21.85
C LYS A 398 -1.63 24.71 -21.57
N TYR A 399 -0.47 25.35 -21.57
CA TYR A 399 0.78 24.69 -21.24
C TYR A 399 0.65 24.07 -19.85
N TYR A 400 0.27 24.88 -18.87
CA TYR A 400 0.08 24.38 -17.51
C TYR A 400 -0.97 23.28 -17.41
N ASN A 401 -2.14 23.49 -18.02
CA ASN A 401 -3.17 22.47 -17.99
C ASN A 401 -2.66 21.11 -18.50
N GLU A 402 -2.03 21.13 -19.67
CA GLU A 402 -1.57 19.89 -20.28
C GLU A 402 -0.41 19.24 -19.53
N TYR A 403 0.54 20.05 -19.08
CA TYR A 403 1.71 19.51 -18.37
C TYR A 403 1.31 18.93 -17.01
N ILE A 404 0.43 19.66 -16.32
CA ILE A 404 -0.03 19.21 -15.02
C ILE A 404 -0.80 17.90 -15.19
N ARG A 405 -1.64 17.81 -16.22
CA ARG A 405 -2.36 16.57 -16.45
C ARG A 405 -1.43 15.40 -16.84
N ALA A 406 -0.34 15.69 -17.53
CA ALA A 406 0.64 14.66 -17.85
C ALA A 406 1.33 14.15 -16.59
N MET A 407 1.66 15.08 -15.69
CA MET A 407 2.24 14.72 -14.40
C MET A 407 1.28 13.79 -13.66
N VAL A 408 0.00 14.16 -13.67
CA VAL A 408 -1.03 13.34 -13.02
C VAL A 408 -1.06 11.92 -13.58
N THR A 409 -0.90 11.82 -14.90
CA THR A 409 -0.88 10.51 -15.55
C THR A 409 0.30 9.70 -15.04
N ALA A 410 1.48 10.33 -14.95
CA ALA A 410 2.66 9.63 -14.42
C ALA A 410 2.45 9.14 -12.98
N VAL A 411 1.81 9.98 -12.17
CA VAL A 411 1.49 9.58 -10.80
C VAL A 411 0.50 8.42 -10.74
N GLU A 412 -0.62 8.59 -11.43
CA GLU A 412 -1.73 7.64 -11.37
C GLU A 412 -1.49 6.29 -11.99
N LEU A 413 -0.88 6.27 -13.17
CA LEU A 413 -0.68 5.04 -13.92
C LEU A 413 0.70 4.45 -13.71
N ASP A 414 1.71 5.31 -13.79
CA ASP A 414 3.09 4.83 -13.75
C ASP A 414 3.62 4.71 -12.33
N GLY A 415 2.84 5.19 -11.36
CA GLY A 415 3.25 5.13 -9.95
C GLY A 415 4.40 6.03 -9.52
N VAL A 416 4.61 7.11 -10.26
CA VAL A 416 5.74 8.01 -9.98
C VAL A 416 5.42 8.77 -8.70
N ASN A 417 6.42 8.91 -7.84
CA ASN A 417 6.17 9.58 -6.56
C ASN A 417 6.45 11.07 -6.61
N VAL A 418 5.54 11.81 -7.23
CA VAL A 418 5.68 13.26 -7.29
C VAL A 418 5.08 13.86 -6.02
N LYS A 419 5.90 14.65 -5.33
CA LYS A 419 5.56 15.29 -4.06
C LYS A 419 5.19 16.76 -4.18
N GLY A 420 5.65 17.42 -5.24
CA GLY A 420 5.34 18.84 -5.38
C GLY A 420 5.62 19.31 -6.79
N TYR A 421 5.08 20.48 -7.11
CA TYR A 421 5.19 21.08 -8.44
C TYR A 421 5.28 22.59 -8.31
N PHE A 422 6.26 23.19 -8.99
CA PHE A 422 6.49 24.63 -8.96
C PHE A 422 6.47 25.25 -10.34
N ALA A 423 5.59 26.24 -10.55
CA ALA A 423 5.53 26.90 -11.84
C ALA A 423 6.66 27.92 -11.93
N TRP A 424 7.44 27.82 -13.01
CA TRP A 424 8.42 28.86 -13.33
C TRP A 424 7.72 29.77 -14.34
N SER A 425 7.44 31.03 -14.02
CA SER A 425 7.87 31.69 -12.79
C SER A 425 6.72 32.53 -12.19
N LEU A 426 6.88 32.89 -10.93
CA LEU A 426 5.90 33.75 -10.26
C LEU A 426 5.68 35.04 -11.05
N MET A 427 6.77 35.56 -11.60
CA MET A 427 6.68 36.78 -12.41
C MET A 427 7.70 36.79 -13.54
N ASP A 428 7.42 37.58 -14.58
CA ASP A 428 8.42 37.82 -15.62
C ASP A 428 9.71 38.29 -14.96
N ASN A 429 10.87 37.92 -15.51
CA ASN A 429 12.13 38.28 -14.88
C ASN A 429 13.31 38.34 -15.84
N PHE A 430 14.51 38.52 -15.30
CA PHE A 430 15.71 38.56 -16.12
C PHE A 430 16.02 37.13 -16.57
N GLU A 431 15.80 36.82 -17.84
CA GLU A 431 16.02 35.49 -18.36
C GLU A 431 17.44 35.34 -18.91
N TRP A 432 18.42 35.56 -18.05
CA TRP A 432 19.82 35.28 -18.37
C TRP A 432 20.27 35.94 -19.68
N ALA A 433 20.85 35.17 -20.61
CA ALA A 433 21.39 35.75 -21.84
C ALA A 433 20.35 36.32 -22.80
N ASP A 434 19.09 35.98 -22.56
CA ASP A 434 17.94 36.53 -23.28
C ASP A 434 17.57 37.93 -22.80
N GLY A 435 17.99 38.28 -21.60
CA GLY A 435 17.56 39.54 -20.99
C GLY A 435 16.09 39.45 -20.60
N TYR A 436 15.42 40.59 -20.60
CA TYR A 436 14.02 40.67 -20.18
C TYR A 436 13.01 40.41 -21.29
N VAL A 437 13.49 40.18 -22.51
CA VAL A 437 12.58 40.01 -23.64
C VAL A 437 11.75 38.73 -23.50
N THR A 438 12.41 37.67 -23.02
CA THR A 438 11.75 36.38 -22.86
C THR A 438 11.04 36.36 -21.50
N ARG A 439 9.73 36.20 -21.52
CA ARG A 439 8.90 36.23 -20.30
C ARG A 439 8.36 34.84 -19.97
N PHE A 440 8.61 34.40 -18.74
CA PHE A 440 8.16 33.12 -18.23
C PHE A 440 7.14 33.29 -17.11
N GLY A 441 6.81 34.52 -16.77
CA GLY A 441 5.94 34.75 -15.63
C GLY A 441 4.47 34.43 -15.81
N VAL A 442 3.83 34.01 -14.72
CA VAL A 442 2.38 33.96 -14.63
C VAL A 442 1.89 35.36 -14.25
N THR A 443 2.85 36.21 -13.87
CA THR A 443 2.60 37.62 -13.55
C THR A 443 3.35 38.57 -14.47
N TYR A 444 2.63 39.51 -15.09
CA TYR A 444 3.25 40.52 -15.94
C TYR A 444 3.96 41.56 -15.08
N VAL A 445 5.16 41.93 -15.48
CA VAL A 445 5.92 42.97 -14.78
C VAL A 445 6.25 44.03 -15.82
N ASP A 446 5.74 45.23 -15.60
CA ASP A 446 5.96 46.36 -16.49
C ASP A 446 7.21 47.10 -16.00
N TYR A 447 8.35 46.75 -16.58
CA TYR A 447 9.65 47.28 -16.15
C TYR A 447 9.76 48.78 -16.38
N GLU A 448 9.03 49.29 -17.37
CA GLU A 448 9.07 50.72 -17.70
C GLU A 448 8.28 51.60 -16.72
N ASN A 449 7.35 50.98 -16.00
CA ASN A 449 6.48 51.66 -15.05
C ASN A 449 6.63 51.13 -13.62
N GLY A 450 7.84 51.26 -13.11
CA GLY A 450 8.19 50.91 -11.73
C GLY A 450 8.03 49.45 -11.36
N GLN A 451 8.26 48.57 -12.34
CA GLN A 451 8.16 47.12 -12.17
C GLN A 451 6.79 46.68 -11.62
N LYS A 452 5.75 47.41 -12.00
CA LYS A 452 4.40 47.13 -11.51
C LYS A 452 3.94 45.74 -11.93
N ARG A 453 3.28 45.03 -11.03
CA ARG A 453 2.81 43.68 -11.31
C ARG A 453 1.34 43.63 -11.71
N PHE A 454 1.02 42.69 -12.59
CA PHE A 454 -0.34 42.43 -13.06
C PHE A 454 -0.45 40.93 -13.32
N PRO A 455 -1.22 40.20 -12.50
CA PRO A 455 -1.39 38.77 -12.72
C PRO A 455 -1.99 38.45 -14.09
N LYS A 456 -1.38 37.51 -14.79
CA LYS A 456 -1.86 37.03 -16.09
C LYS A 456 -2.91 35.95 -15.84
N LYS A 457 -3.65 35.56 -16.87
CA LYS A 457 -4.68 34.55 -16.71
C LYS A 457 -4.16 33.25 -16.09
N SER A 458 -2.96 32.85 -16.50
CA SER A 458 -2.36 31.60 -16.02
C SER A 458 -2.14 31.58 -14.50
N ALA A 459 -1.82 32.73 -13.91
CA ALA A 459 -1.58 32.83 -12.48
C ALA A 459 -2.81 32.36 -11.70
N LYS A 460 -3.99 32.76 -12.16
CA LYS A 460 -5.24 32.44 -11.48
C LYS A 460 -5.74 31.04 -11.76
N SER A 461 -5.15 30.39 -12.77
CA SER A 461 -5.66 29.12 -13.25
C SER A 461 -5.15 27.91 -12.47
N LEU A 462 -4.08 28.09 -11.71
CA LEU A 462 -3.44 26.96 -11.05
C LEU A 462 -4.17 26.50 -9.80
N LYS A 463 -4.63 27.44 -8.98
CA LYS A 463 -5.37 27.03 -7.78
C LYS A 463 -6.59 26.16 -8.08
N PRO A 464 -7.48 26.58 -9.00
CA PRO A 464 -8.67 25.76 -9.19
C PRO A 464 -8.31 24.38 -9.75
N LEU A 465 -7.25 24.34 -10.56
CA LEU A 465 -6.75 23.09 -11.11
C LEU A 465 -6.24 22.14 -10.02
N PHE A 466 -5.34 22.62 -9.18
CA PHE A 466 -4.89 21.81 -8.05
C PHE A 466 -5.94 21.51 -6.96
N ASP A 467 -6.93 22.37 -6.79
CA ASP A 467 -8.00 22.08 -5.83
C ASP A 467 -8.83 20.87 -6.28
N GLU A 468 -8.90 20.67 -7.59
CA GLU A 468 -9.65 19.54 -8.16
C GLU A 468 -8.87 18.25 -7.93
N LEU A 469 -7.55 18.34 -8.07
CA LEU A 469 -6.66 17.18 -7.99
C LEU A 469 -6.28 16.70 -6.59
N ILE A 470 -5.89 17.62 -5.73
CA ILE A 470 -5.35 17.24 -4.43
C ILE A 470 -6.42 16.72 -3.50
N ALA A 471 -6.22 15.50 -3.03
CA ALA A 471 -7.22 14.79 -2.26
C ALA A 471 -7.52 15.45 -0.93
N ALA A 472 -8.62 14.99 -0.32
CA ALA A 472 -9.09 15.36 1.01
C ALA A 472 -9.48 16.83 1.17
N HIS B 7 10.93 -4.62 13.42
CA HIS B 7 9.76 -3.78 13.81
C HIS B 7 9.92 -2.39 13.22
N MET B 8 8.79 -1.78 12.87
CA MET B 8 8.83 -0.59 12.03
C MET B 8 7.61 0.31 12.21
N LEU B 9 7.89 1.59 12.38
CA LEU B 9 6.89 2.64 12.41
C LEU B 9 7.20 3.51 11.19
N PRO B 10 6.20 4.21 10.64
CA PRO B 10 6.42 5.01 9.43
C PRO B 10 7.47 6.11 9.59
N LYS B 11 8.07 6.53 8.48
CA LYS B 11 9.15 7.53 8.52
C LYS B 11 8.77 8.84 9.22
N ASP B 12 7.52 9.26 9.08
CA ASP B 12 7.08 10.53 9.64
C ASP B 12 6.57 10.48 11.09
N PHE B 13 6.62 9.30 11.71
CA PHE B 13 6.16 9.12 13.08
C PHE B 13 6.82 10.14 14.00
N GLN B 14 6.00 10.79 14.82
CA GLN B 14 6.48 11.82 15.76
C GLN B 14 6.46 11.27 17.18
N TRP B 15 7.55 11.47 17.91
CA TRP B 15 7.51 11.14 19.33
C TRP B 15 8.07 12.33 20.07
N GLY B 16 7.70 12.45 21.35
CA GLY B 16 8.26 13.50 22.17
C GLY B 16 7.74 13.39 23.58
N PHE B 17 7.54 14.55 24.18
CA PHE B 17 7.13 14.66 25.58
C PHE B 17 5.97 15.63 25.71
N ALA B 18 5.24 15.48 26.81
CA ALA B 18 4.08 16.34 27.08
C ALA B 18 4.16 17.02 28.44
N THR B 19 3.59 18.22 28.52
CA THR B 19 3.39 18.93 29.77
C THR B 19 2.05 19.68 29.69
N ALA B 20 1.70 20.38 30.78
CA ALA B 20 0.49 21.21 30.84
C ALA B 20 0.85 22.48 31.60
N ALA B 21 0.24 23.60 31.22
CA ALA B 21 0.62 24.92 31.73
C ALA B 21 0.68 25.03 33.24
N TYR B 22 -0.44 24.73 33.89
CA TYR B 22 -0.55 24.86 35.33
C TYR B 22 0.34 23.88 36.09
N GLN B 23 0.65 22.74 35.47
CA GLN B 23 1.50 21.76 36.13
C GLN B 23 2.99 22.11 36.14
N ILE B 24 3.44 22.99 35.23
CA ILE B 24 4.88 23.27 35.13
C ILE B 24 5.26 24.75 35.19
N GLU B 25 4.33 25.65 34.87
CA GLU B 25 4.75 27.03 34.57
C GLU B 25 5.14 27.93 35.73
N GLY B 26 4.38 27.84 36.82
CA GLY B 26 4.56 28.77 37.92
C GLY B 26 4.22 30.15 37.43
N ALA B 27 4.91 31.18 37.92
CA ALA B 27 4.63 32.55 37.48
C ALA B 27 3.14 32.82 37.36
N VAL B 28 2.39 32.49 38.40
CA VAL B 28 0.92 32.50 38.38
C VAL B 28 0.30 33.89 38.27
N ASP B 29 1.06 34.92 38.64
CA ASP B 29 0.58 36.30 38.57
C ASP B 29 1.54 37.19 37.78
N GLN B 30 2.51 36.58 37.11
CA GLN B 30 3.50 37.29 36.33
C GLN B 30 2.90 37.73 35.00
N ASP B 31 3.39 38.87 34.50
CA ASP B 31 3.00 39.42 33.22
C ASP B 31 1.49 39.51 33.07
N GLY B 32 0.80 39.77 34.18
CA GLY B 32 -0.64 40.00 34.19
C GLY B 32 -1.55 38.79 34.14
N ARG B 33 -1.03 37.58 34.35
CA ARG B 33 -1.90 36.40 34.39
C ARG B 33 -3.00 36.49 35.45
N GLY B 34 -4.23 36.22 35.02
CA GLY B 34 -5.38 36.13 35.92
C GLY B 34 -5.50 34.76 36.56
N PRO B 35 -6.30 34.65 37.63
CA PRO B 35 -6.37 33.34 38.28
C PRO B 35 -7.26 32.35 37.53
N SER B 36 -6.85 31.09 37.53
CA SER B 36 -7.68 30.04 36.97
C SER B 36 -8.45 29.40 38.12
N ILE B 37 -9.39 28.51 37.82
CA ILE B 37 -10.13 27.77 38.85
C ILE B 37 -9.19 26.90 39.70
N TRP B 38 -8.05 26.51 39.14
CA TRP B 38 -7.06 25.74 39.90
C TRP B 38 -6.31 26.58 40.94
N ASP B 39 -6.06 27.85 40.65
CA ASP B 39 -5.40 28.73 41.60
C ASP B 39 -6.29 28.84 42.84
N THR B 40 -7.58 29.00 42.59
CA THR B 40 -8.59 29.13 43.64
C THR B 40 -8.71 27.80 44.39
N PHE B 41 -8.74 26.69 43.66
CA PHE B 41 -8.90 25.40 44.30
C PHE B 41 -7.77 25.05 45.28
N CYS B 42 -6.54 25.33 44.88
CA CYS B 42 -5.36 25.05 45.70
C CYS B 42 -5.30 25.89 46.96
N ALA B 43 -5.99 27.03 46.92
CA ALA B 43 -6.06 27.94 48.07
C ALA B 43 -6.98 27.40 49.16
N GLN B 44 -7.83 26.45 48.81
CA GLN B 44 -8.76 25.84 49.77
C GLN B 44 -8.08 24.70 50.51
N PRO B 45 -8.28 24.63 51.83
CA PRO B 45 -7.63 23.57 52.60
C PRO B 45 -8.20 22.18 52.30
N GLY B 46 -7.32 21.18 52.30
CA GLY B 46 -7.74 19.80 52.13
C GLY B 46 -7.84 19.29 50.71
N LYS B 47 -7.85 20.20 49.73
CA LYS B 47 -8.00 19.82 48.34
C LYS B 47 -6.75 19.17 47.77
N ILE B 48 -5.57 19.64 48.16
CA ILE B 48 -4.31 19.12 47.63
C ILE B 48 -3.59 18.31 48.70
N ALA B 49 -3.31 17.05 48.39
CA ALA B 49 -2.69 16.09 49.30
C ALA B 49 -1.58 16.62 50.19
N ASP B 50 -0.61 17.31 49.58
CA ASP B 50 0.56 17.86 50.25
C ASP B 50 0.41 19.36 50.56
N GLY B 51 -0.78 19.92 50.38
CA GLY B 51 -1.04 21.32 50.71
C GLY B 51 -0.34 22.30 49.78
N SER B 52 0.10 21.83 48.61
CA SER B 52 0.81 22.64 47.63
C SER B 52 -0.11 23.27 46.57
N SER B 53 0.49 23.99 45.61
CA SER B 53 -0.21 24.63 44.51
C SER B 53 0.76 24.81 43.34
N GLY B 54 0.28 25.36 42.23
CA GLY B 54 1.13 25.59 41.06
C GLY B 54 1.89 26.89 41.12
N VAL B 55 1.93 27.51 42.29
CA VAL B 55 2.65 28.77 42.49
C VAL B 55 4.02 28.89 41.84
N THR B 56 4.90 27.91 42.06
CA THR B 56 6.23 27.92 41.48
C THR B 56 6.38 26.80 40.46
N ALA B 57 5.90 25.62 40.86
CA ALA B 57 5.99 24.43 40.05
C ALA B 57 7.43 24.27 39.56
N CYS B 58 7.61 24.10 38.26
CA CYS B 58 8.94 23.97 37.68
C CYS B 58 9.47 25.32 37.20
N ASP B 59 8.73 26.40 37.46
CA ASP B 59 9.07 27.75 37.01
C ASP B 59 9.34 27.76 35.50
N SER B 60 8.66 26.90 34.76
CA SER B 60 8.93 26.77 33.33
C SER B 60 8.66 28.05 32.51
N TYR B 61 7.74 28.88 32.98
CA TYR B 61 7.44 30.15 32.32
C TYR B 61 8.71 30.97 32.14
N ASN B 62 9.62 30.88 33.10
CA ASN B 62 10.87 31.64 33.08
C ASN B 62 12.08 30.83 32.65
N ARG B 63 11.84 29.62 32.15
CA ARG B 63 12.95 28.77 31.71
C ARG B 63 12.72 28.09 30.36
N THR B 64 12.12 28.83 29.44
CA THR B 64 11.85 28.29 28.11
C THR B 64 13.14 27.81 27.44
N ALA B 65 14.21 28.58 27.53
CA ALA B 65 15.47 28.20 26.88
C ALA B 65 16.01 26.89 27.44
N GLU B 66 15.94 26.75 28.75
CA GLU B 66 16.40 25.53 29.43
C GLU B 66 15.57 24.31 29.03
N ASP B 67 14.25 24.47 29.02
CA ASP B 67 13.36 23.40 28.57
C ASP B 67 13.59 23.00 27.11
N ILE B 68 13.78 23.97 26.23
CA ILE B 68 14.02 23.65 24.82
C ILE B 68 15.35 22.91 24.65
N ALA B 69 16.38 23.37 25.35
CA ALA B 69 17.68 22.70 25.38
C ALA B 69 17.56 21.25 25.86
N LEU B 70 16.75 21.03 26.90
CA LEU B 70 16.49 19.69 27.40
C LEU B 70 15.83 18.82 26.34
N LEU B 71 14.76 19.32 25.72
CA LEU B 71 14.07 18.58 24.66
C LEU B 71 15.04 18.19 23.55
N LYS B 72 15.88 19.14 23.18
CA LYS B 72 16.87 18.91 22.13
C LYS B 72 17.84 17.82 22.55
N SER B 73 18.32 17.87 23.78
CA SER B 73 19.30 16.88 24.25
C SER B 73 18.74 15.46 24.25
N LEU B 74 17.43 15.34 24.46
CA LEU B 74 16.75 14.04 24.52
C LEU B 74 16.27 13.50 23.17
N GLY B 75 16.39 14.34 22.13
CA GLY B 75 16.01 13.94 20.78
C GLY B 75 14.54 14.05 20.42
N ALA B 76 13.73 14.70 21.26
CA ALA B 76 12.31 14.87 20.99
C ALA B 76 12.04 15.45 19.61
N LYS B 77 11.11 14.83 18.88
CA LYS B 77 10.71 15.28 17.56
C LYS B 77 9.64 16.35 17.68
N SER B 78 8.81 16.20 18.71
CA SER B 78 7.66 17.08 18.96
C SER B 78 7.49 17.36 20.45
N TYR B 79 6.77 18.42 20.78
CA TYR B 79 6.58 18.75 22.18
C TYR B 79 5.15 19.21 22.36
N ARG B 80 4.44 18.56 23.27
CA ARG B 80 3.06 18.94 23.53
C ARG B 80 2.97 19.73 24.82
N PHE B 81 2.39 20.93 24.74
CA PHE B 81 2.28 21.81 25.89
C PHE B 81 0.95 22.54 25.78
N SER B 82 0.54 23.18 26.87
CA SER B 82 -0.72 23.92 26.85
C SER B 82 -0.52 25.43 27.04
N ILE B 83 -1.53 26.17 26.58
CA ILE B 83 -1.61 27.60 26.77
C ILE B 83 -2.49 27.88 28.00
N SER B 84 -1.99 28.72 28.91
CA SER B 84 -2.82 29.11 30.03
C SER B 84 -3.81 30.18 29.56
N TRP B 85 -5.10 29.85 29.52
CA TRP B 85 -6.12 30.79 29.04
C TRP B 85 -6.08 32.10 29.83
N SER B 86 -5.91 32.02 31.16
CA SER B 86 -5.88 33.26 31.95
C SER B 86 -4.61 34.10 31.77
N ARG B 87 -3.65 33.62 30.98
CA ARG B 87 -2.52 34.47 30.60
C ARG B 87 -2.86 35.29 29.38
N ILE B 88 -3.83 34.78 28.61
CA ILE B 88 -4.25 35.37 27.35
C ILE B 88 -5.42 36.35 27.53
N ILE B 89 -6.44 35.92 28.27
CA ILE B 89 -7.57 36.76 28.62
C ILE B 89 -7.77 36.56 30.11
N PRO B 90 -7.15 37.43 30.93
CA PRO B 90 -7.17 37.22 32.38
C PRO B 90 -8.53 36.94 33.01
N GLU B 91 -9.57 37.65 32.61
CA GLU B 91 -10.91 37.39 33.09
C GLU B 91 -11.58 36.27 32.31
N GLY B 92 -11.15 36.08 31.07
CA GLY B 92 -11.56 34.93 30.26
C GLY B 92 -12.48 35.15 29.09
N GLY B 93 -13.37 36.15 29.21
CA GLY B 93 -14.47 36.32 28.26
C GLY B 93 -14.18 37.09 27.00
N ARG B 94 -15.07 36.91 26.02
CA ARG B 94 -14.96 37.54 24.71
C ARG B 94 -15.03 39.06 24.76
N GLY B 95 -15.59 39.58 25.85
CA GLY B 95 -15.67 41.03 26.04
C GLY B 95 -14.65 41.56 27.02
N ASP B 96 -13.75 40.71 27.48
CA ASP B 96 -12.73 41.09 28.46
C ASP B 96 -11.41 41.47 27.80
N ALA B 97 -10.55 42.17 28.56
CA ALA B 97 -9.26 42.62 28.02
C ALA B 97 -8.28 41.48 27.78
N VAL B 98 -7.67 41.49 26.60
CA VAL B 98 -6.66 40.54 26.17
C VAL B 98 -5.28 41.01 26.63
N ASN B 99 -4.46 40.07 27.08
CA ASN B 99 -3.13 40.34 27.62
C ASN B 99 -2.07 40.02 26.58
N GLN B 100 -1.62 41.07 25.91
CA GLN B 100 -0.67 40.94 24.81
C GLN B 100 0.67 40.35 25.24
N ALA B 101 1.07 40.55 26.50
CA ALA B 101 2.35 40.00 26.94
C ALA B 101 2.27 38.48 27.01
N GLY B 102 1.09 37.99 27.40
CA GLY B 102 0.83 36.56 27.52
C GLY B 102 0.93 35.94 26.14
N ILE B 103 0.25 36.55 25.18
CA ILE B 103 0.35 36.08 23.79
C ILE B 103 1.80 36.01 23.31
N ASP B 104 2.55 37.08 23.55
CA ASP B 104 3.92 37.25 23.05
C ASP B 104 4.84 36.16 23.60
N HIS B 105 4.61 35.79 24.85
CA HIS B 105 5.35 34.72 25.47
C HIS B 105 5.26 33.42 24.65
N TYR B 106 4.04 33.05 24.27
CA TYR B 106 3.83 31.80 23.55
C TYR B 106 4.26 31.93 22.09
N VAL B 107 4.07 33.10 21.50
CA VAL B 107 4.53 33.31 20.12
C VAL B 107 6.04 33.07 20.06
N LYS B 108 6.75 33.64 21.01
CA LYS B 108 8.21 33.49 21.04
C LYS B 108 8.62 32.05 21.29
N PHE B 109 7.91 31.39 22.20
CA PHE B 109 8.21 30.01 22.55
C PHE B 109 8.07 29.10 21.34
N VAL B 110 7.00 29.29 20.56
CA VAL B 110 6.79 28.48 19.37
C VAL B 110 7.91 28.74 18.36
N ASP B 111 8.31 29.99 18.23
CA ASP B 111 9.38 30.35 17.30
C ASP B 111 10.67 29.69 17.77
N ASP B 112 10.90 29.69 19.07
CA ASP B 112 12.11 29.04 19.60
C ASP B 112 12.14 27.51 19.44
N LEU B 113 10.99 26.86 19.58
CA LEU B 113 10.89 25.41 19.35
C LEU B 113 11.20 25.06 17.90
N LEU B 114 10.58 25.80 16.98
CA LEU B 114 10.81 25.58 15.54
C LEU B 114 12.29 25.81 15.20
N ASP B 115 12.90 26.82 15.79
CA ASP B 115 14.32 27.08 15.58
C ASP B 115 15.13 25.88 16.08
N ALA B 116 14.65 25.26 17.15
CA ALA B 116 15.28 24.05 17.68
C ALA B 116 14.94 22.78 16.91
N GLY B 117 14.09 22.88 15.89
CA GLY B 117 13.70 21.72 15.08
C GLY B 117 12.70 20.79 15.76
N ILE B 118 11.92 21.33 16.69
CA ILE B 118 10.93 20.57 17.45
C ILE B 118 9.52 21.04 17.10
N THR B 119 8.62 20.12 16.80
CA THR B 119 7.28 20.49 16.37
C THR B 119 6.34 20.72 17.54
N PRO B 120 5.73 21.91 17.63
CA PRO B 120 4.80 22.16 18.73
C PRO B 120 3.45 21.48 18.50
N PHE B 121 2.90 20.92 19.57
CA PHE B 121 1.54 20.37 19.56
C PHE B 121 0.86 21.07 20.72
N ILE B 122 -0.11 21.93 20.42
CA ILE B 122 -0.62 22.86 21.43
C ILE B 122 -2.04 22.60 21.92
N THR B 123 -2.20 22.47 23.23
CA THR B 123 -3.47 22.24 23.90
C THR B 123 -4.01 23.59 24.36
N LEU B 124 -5.22 23.96 23.92
CA LEU B 124 -5.79 25.23 24.33
C LEU B 124 -6.34 25.22 25.76
N PHE B 125 -6.91 24.10 26.19
CA PHE B 125 -7.55 24.01 27.50
C PHE B 125 -7.07 22.74 28.17
N HIS B 126 -6.23 22.93 29.18
CA HIS B 126 -5.76 21.86 30.04
C HIS B 126 -6.23 22.16 31.46
N TRP B 127 -7.54 22.40 31.59
CA TRP B 127 -8.30 22.41 32.85
C TRP B 127 -8.33 23.73 33.60
N ASP B 128 -7.44 24.64 33.20
CA ASP B 128 -7.28 25.92 33.87
C ASP B 128 -8.26 27.01 33.41
N LEU B 129 -9.55 26.74 33.55
CA LEU B 129 -10.57 27.73 33.23
C LEU B 129 -10.33 29.02 34.01
N PRO B 130 -10.41 30.19 33.35
CA PRO B 130 -10.32 31.44 34.09
C PRO B 130 -11.38 31.54 35.18
N GLU B 131 -10.91 31.89 36.37
CA GLU B 131 -11.82 32.04 37.51
C GLU B 131 -12.92 33.05 37.19
N GLY B 132 -12.61 34.06 36.40
CA GLY B 132 -13.59 35.07 36.00
C GLY B 132 -14.84 34.53 35.33
N LEU B 133 -14.70 33.52 34.48
CA LEU B 133 -15.84 32.90 33.81
C LEU B 133 -16.65 32.03 34.77
N HIS B 134 -15.96 31.37 35.68
CA HIS B 134 -16.63 30.55 36.68
C HIS B 134 -17.53 31.43 37.54
N GLN B 135 -17.00 32.57 37.98
CA GLN B 135 -17.78 33.49 38.80
C GLN B 135 -18.91 34.20 38.03
N ARG B 136 -18.65 34.55 36.77
CA ARG B 136 -19.60 35.33 35.98
C ARG B 136 -20.89 34.60 35.62
N TYR B 137 -20.74 33.36 35.16
CA TYR B 137 -21.89 32.61 34.64
C TYR B 137 -21.88 31.11 34.92
N GLY B 138 -21.01 30.69 35.82
CA GLY B 138 -20.86 29.27 36.16
C GLY B 138 -19.86 28.52 35.32
N GLY B 139 -19.07 29.23 34.53
CA GLY B 139 -17.99 28.61 33.76
C GLY B 139 -18.44 27.46 32.88
N LEU B 140 -17.90 26.26 33.11
CA LEU B 140 -18.21 25.13 32.22
C LEU B 140 -19.68 24.67 32.23
N LEU B 141 -20.45 25.13 33.21
CA LEU B 141 -21.85 24.76 33.32
C LEU B 141 -22.75 25.50 32.36
N ASN B 142 -22.24 26.57 31.76
CA ASN B 142 -23.10 27.41 30.93
C ASN B 142 -23.13 27.06 29.45
N ARG B 143 -24.28 26.56 28.99
CA ARG B 143 -24.40 26.03 27.63
C ARG B 143 -24.35 27.08 26.52
N THR B 144 -24.66 28.31 26.89
CA THR B 144 -24.66 29.44 25.96
C THR B 144 -23.35 30.22 25.98
N GLU B 145 -22.93 30.64 27.17
CA GLU B 145 -21.76 31.49 27.27
C GLU B 145 -20.43 30.78 27.05
N PHE B 146 -20.29 29.57 27.57
CA PHE B 146 -18.96 28.97 27.55
C PHE B 146 -18.46 28.64 26.15
N PRO B 147 -19.32 28.05 25.30
CA PRO B 147 -18.81 27.77 23.96
C PRO B 147 -18.41 29.02 23.16
N LEU B 148 -19.10 30.13 23.41
CA LEU B 148 -18.81 31.41 22.76
C LEU B 148 -17.47 31.97 23.24
N ASP B 149 -17.24 31.91 24.55
CA ASP B 149 -15.98 32.38 25.10
C ASP B 149 -14.82 31.46 24.72
N PHE B 150 -15.06 30.16 24.66
CA PHE B 150 -14.00 29.26 24.26
C PHE B 150 -13.63 29.51 22.81
N GLU B 151 -14.60 29.69 21.94
CA GLU B 151 -14.28 29.91 20.52
C GLU B 151 -13.50 31.20 20.36
N ASN B 152 -13.87 32.23 21.13
CA ASN B 152 -13.19 33.51 21.04
C ASN B 152 -11.72 33.37 21.41
N TYR B 153 -11.50 32.67 22.52
CA TYR B 153 -10.14 32.39 23.00
C TYR B 153 -9.36 31.62 21.93
N ALA B 154 -9.94 30.56 21.38
CA ALA B 154 -9.29 29.77 20.34
C ALA B 154 -8.85 30.66 19.18
N ARG B 155 -9.75 31.56 18.76
CA ARG B 155 -9.45 32.45 17.66
C ARG B 155 -8.30 33.40 17.95
N VAL B 156 -8.21 33.90 19.19
CA VAL B 156 -7.10 34.77 19.57
C VAL B 156 -5.79 34.02 19.34
N MET B 157 -5.74 32.78 19.82
CA MET B 157 -4.53 31.97 19.65
C MET B 157 -4.28 31.58 18.20
N PHE B 158 -5.33 31.31 17.44
CA PHE B 158 -5.15 30.96 16.04
C PHE B 158 -4.56 32.15 15.29
N ARG B 159 -5.10 33.35 15.55
CA ARG B 159 -4.61 34.59 14.93
C ARG B 159 -3.13 34.83 15.22
N ALA B 160 -2.76 34.61 16.47
CA ALA B 160 -1.41 34.89 16.96
C ALA B 160 -0.34 33.88 16.59
N LEU B 161 -0.77 32.65 16.29
CA LEU B 161 0.18 31.56 16.07
C LEU B 161 0.09 30.90 14.70
N PRO B 162 0.32 31.70 13.63
CA PRO B 162 0.23 31.16 12.27
C PRO B 162 1.23 30.07 11.91
N LYS B 163 2.33 29.95 12.67
CA LYS B 163 3.33 28.91 12.40
C LYS B 163 2.99 27.54 12.97
N VAL B 164 1.98 27.49 13.83
CA VAL B 164 1.53 26.22 14.43
C VAL B 164 0.70 25.41 13.43
N ARG B 165 0.81 24.09 13.51
CA ARG B 165 0.04 23.19 12.67
C ARG B 165 -0.77 22.14 13.43
N ASN B 166 -0.42 21.91 14.69
CA ASN B 166 -1.01 20.81 15.46
C ASN B 166 -1.70 21.36 16.69
N TRP B 167 -3.03 21.34 16.67
CA TRP B 167 -3.85 21.93 17.72
C TRP B 167 -4.73 20.92 18.45
N ILE B 168 -4.87 21.11 19.75
CA ILE B 168 -5.76 20.29 20.57
C ILE B 168 -6.67 21.26 21.31
N THR B 169 -7.97 21.01 21.31
CA THR B 169 -8.92 21.86 22.03
C THR B 169 -8.91 21.65 23.55
N PHE B 170 -9.37 20.48 23.98
CA PHE B 170 -9.47 20.11 25.38
C PHE B 170 -8.62 18.87 25.69
N ASN B 171 -7.90 18.94 26.80
CA ASN B 171 -7.29 17.74 27.34
C ASN B 171 -8.21 17.06 28.34
N GLU B 172 -8.52 15.78 28.12
CA GLU B 172 -9.31 15.01 29.08
C GLU B 172 -10.57 15.70 29.64
N PRO B 173 -11.57 15.93 28.78
CA PRO B 173 -12.82 16.51 29.26
C PRO B 173 -13.45 15.70 30.40
N LEU B 174 -13.24 14.39 30.41
CA LEU B 174 -13.78 13.58 31.50
C LEU B 174 -13.30 14.08 32.85
N CYS B 175 -12.01 14.45 32.91
CA CYS B 175 -11.44 14.87 34.17
C CYS B 175 -11.94 16.25 34.55
N SER B 176 -12.26 17.08 33.56
CA SER B 176 -12.90 18.35 33.90
C SER B 176 -14.30 18.13 34.48
N ALA B 177 -14.98 17.09 33.99
CA ALA B 177 -16.40 16.90 34.28
C ALA B 177 -16.68 16.12 35.55
N ILE B 178 -16.14 14.91 35.66
CA ILE B 178 -16.47 14.05 36.79
C ILE B 178 -15.75 14.46 38.07
N PRO B 179 -14.41 14.49 38.06
CA PRO B 179 -13.76 14.97 39.28
C PRO B 179 -14.08 16.42 39.62
N GLY B 180 -14.34 17.24 38.59
CA GLY B 180 -14.62 18.65 38.84
C GLY B 180 -16.01 18.98 39.37
N TYR B 181 -17.01 18.21 38.97
CA TYR B 181 -18.42 18.50 39.21
C TYR B 181 -19.23 17.32 39.74
N GLY B 182 -18.62 16.15 39.79
CA GLY B 182 -19.26 14.94 40.34
C GLY B 182 -18.77 14.59 41.73
N SER B 183 -17.48 14.30 41.83
CA SER B 183 -16.85 13.93 43.10
C SER B 183 -16.21 15.09 43.84
N GLY B 184 -15.96 16.18 43.11
CA GLY B 184 -15.33 17.37 43.68
C GLY B 184 -13.84 17.30 43.99
N THR B 185 -13.18 16.26 43.52
CA THR B 185 -11.74 16.08 43.76
C THR B 185 -10.85 17.06 42.99
N PHE B 186 -11.35 17.58 41.87
CA PHE B 186 -10.61 18.53 41.04
C PHE B 186 -11.38 19.85 40.99
N ALA B 187 -10.69 20.94 40.67
CA ALA B 187 -11.35 22.24 40.55
C ALA B 187 -12.52 22.12 39.57
N PRO B 188 -13.65 22.79 39.86
CA PRO B 188 -13.91 23.72 40.96
C PRO B 188 -14.43 23.07 42.24
N GLY B 189 -14.37 21.75 42.29
CA GLY B 189 -14.73 21.00 43.49
C GLY B 189 -16.21 20.89 43.78
N ARG B 190 -17.04 20.83 42.75
CA ARG B 190 -18.48 20.70 42.92
C ARG B 190 -18.93 19.25 42.94
N GLN B 191 -20.09 18.98 43.53
CA GLN B 191 -20.62 17.63 43.62
C GLN B 191 -22.09 17.59 43.20
N SER B 192 -22.36 16.86 42.13
CA SER B 192 -23.70 16.85 41.53
C SER B 192 -23.89 15.59 40.67
N THR B 193 -25.13 15.13 40.61
CA THR B 193 -25.48 13.95 39.83
C THR B 193 -25.83 14.30 38.39
N SER B 194 -25.96 15.58 38.10
CA SER B 194 -26.29 16.07 36.76
C SER B 194 -25.18 16.88 36.10
N GLU B 195 -24.45 17.66 36.89
CA GLU B 195 -23.46 18.58 36.35
C GLU B 195 -22.34 17.97 35.49
N PRO B 196 -21.82 16.77 35.81
CA PRO B 196 -20.76 16.29 34.93
C PRO B 196 -21.22 16.09 33.48
N TRP B 197 -22.47 15.67 33.33
CA TRP B 197 -23.05 15.39 32.02
C TRP B 197 -23.36 16.72 31.35
N THR B 198 -23.74 17.71 32.14
CA THR B 198 -23.91 19.06 31.60
C THR B 198 -22.60 19.64 31.06
N VAL B 199 -21.54 19.47 31.84
CA VAL B 199 -20.21 19.98 31.53
C VAL B 199 -19.65 19.28 30.29
N GLY B 200 -19.80 17.96 30.21
CA GLY B 200 -19.28 17.23 29.04
C GLY B 200 -19.93 17.72 27.76
N HIS B 201 -21.23 17.96 27.78
CA HIS B 201 -21.93 18.47 26.61
C HIS B 201 -21.40 19.84 26.19
N ASN B 202 -21.20 20.72 27.17
CA ASN B 202 -20.75 22.08 26.85
C ASN B 202 -19.33 22.10 26.33
N ILE B 203 -18.52 21.15 26.83
CA ILE B 203 -17.17 21.00 26.31
C ILE B 203 -17.23 20.54 24.85
N LEU B 204 -18.07 19.54 24.57
CA LEU B 204 -18.18 19.12 23.17
C LEU B 204 -18.61 20.26 22.26
N VAL B 205 -19.59 21.04 22.67
CA VAL B 205 -20.03 22.15 21.84
C VAL B 205 -18.94 23.21 21.67
N ALA B 206 -18.26 23.57 22.76
CA ALA B 206 -17.13 24.49 22.69
C ALA B 206 -16.05 23.97 21.73
N HIS B 207 -15.76 22.67 21.83
CA HIS B 207 -14.84 22.00 20.91
C HIS B 207 -15.28 22.17 19.45
N GLY B 208 -16.54 21.87 19.14
CA GLY B 208 -17.06 22.01 17.78
C GLY B 208 -16.97 23.43 17.28
N ARG B 209 -17.23 24.40 18.15
CA ARG B 209 -17.15 25.80 17.73
C ARG B 209 -15.71 26.20 17.36
N ALA B 210 -14.75 25.79 18.19
CA ALA B 210 -13.34 26.07 17.92
C ALA B 210 -12.84 25.36 16.67
N VAL B 211 -13.28 24.12 16.47
CA VAL B 211 -12.86 23.36 15.31
C VAL B 211 -13.43 24.02 14.06
N LYS B 212 -14.68 24.44 14.09
CA LYS B 212 -15.26 25.11 12.91
C LYS B 212 -14.52 26.41 12.60
N ALA B 213 -14.20 27.17 13.64
CA ALA B 213 -13.45 28.42 13.48
C ALA B 213 -12.11 28.14 12.82
N TYR B 214 -11.40 27.12 13.31
CA TYR B 214 -10.11 26.77 12.70
C TYR B 214 -10.23 26.38 11.23
N ARG B 215 -11.13 25.44 10.95
CA ARG B 215 -11.28 24.93 9.59
C ARG B 215 -11.72 26.02 8.64
N ASP B 216 -12.59 26.91 9.11
CA ASP B 216 -13.16 27.93 8.23
C ASP B 216 -12.20 29.09 7.95
N ASP B 217 -11.49 29.53 8.99
CA ASP B 217 -10.81 30.81 8.94
C ASP B 217 -9.29 30.79 9.10
N PHE B 218 -8.74 29.63 9.45
CA PHE B 218 -7.31 29.59 9.75
C PHE B 218 -6.50 28.45 9.14
N LYS B 219 -7.04 27.75 8.16
CA LYS B 219 -6.23 26.70 7.55
C LYS B 219 -5.06 27.33 6.80
N PRO B 220 -3.83 26.86 7.06
CA PRO B 220 -2.64 27.41 6.41
C PRO B 220 -2.60 27.13 4.92
N ALA B 221 -2.02 28.05 4.16
CA ALA B 221 -1.78 27.86 2.73
C ALA B 221 -1.07 26.55 2.42
N SER B 222 -0.11 26.17 3.27
CA SER B 222 0.68 24.96 3.07
C SER B 222 -0.12 23.65 3.15
N GLY B 223 -1.34 23.72 3.67
CA GLY B 223 -2.29 22.60 3.63
C GLY B 223 -2.21 21.49 4.67
N ASP B 224 -1.48 21.72 5.75
CA ASP B 224 -1.17 20.68 6.73
C ASP B 224 -1.56 20.91 8.21
N GLY B 225 -2.55 21.75 8.45
CA GLY B 225 -2.98 22.01 9.81
C GLY B 225 -4.00 20.98 10.28
N GLN B 226 -4.07 20.76 11.58
CA GLN B 226 -5.04 19.80 12.11
C GLN B 226 -5.42 20.14 13.55
N ILE B 227 -6.64 19.77 13.94
CA ILE B 227 -7.16 20.05 15.27
C ILE B 227 -7.99 18.86 15.74
N GLY B 228 -7.98 18.61 17.05
CA GLY B 228 -8.74 17.49 17.59
C GLY B 228 -8.81 17.62 19.10
N ILE B 229 -9.61 16.76 19.70
CA ILE B 229 -9.75 16.70 21.16
C ILE B 229 -8.90 15.56 21.70
N VAL B 230 -8.49 15.66 22.96
CA VAL B 230 -7.74 14.61 23.65
C VAL B 230 -8.60 13.90 24.72
N LEU B 231 -8.84 12.61 24.51
CA LEU B 231 -9.66 11.79 25.40
C LEU B 231 -8.82 10.78 26.18
N ASN B 232 -9.00 10.68 27.49
CA ASN B 232 -8.33 9.60 28.21
C ASN B 232 -9.22 8.35 28.20
N GLY B 233 -8.67 7.24 28.67
CA GLY B 233 -9.43 5.99 28.75
C GLY B 233 -8.48 4.85 29.08
N ASP B 234 -8.86 4.07 30.09
CA ASP B 234 -8.08 2.91 30.48
C ASP B 234 -8.81 1.66 30.00
N PHE B 235 -8.08 0.59 29.71
CA PHE B 235 -8.73 -0.55 29.07
C PHE B 235 -9.41 -1.44 30.10
N THR B 236 -10.25 -2.35 29.59
CA THR B 236 -11.05 -3.18 30.47
C THR B 236 -10.99 -4.64 30.08
N TYR B 237 -10.97 -5.48 31.10
CA TYR B 237 -10.97 -6.94 30.96
C TYR B 237 -12.09 -7.44 31.86
N PRO B 238 -12.81 -8.48 31.45
CA PRO B 238 -13.92 -8.98 32.28
C PRO B 238 -13.42 -9.64 33.57
N TRP B 239 -14.12 -9.41 34.68
CA TRP B 239 -13.72 -10.05 35.94
C TRP B 239 -13.78 -11.58 35.85
N ASP B 240 -14.88 -12.07 35.28
CA ASP B 240 -15.05 -13.48 34.89
C ASP B 240 -15.31 -13.48 33.38
N ALA B 241 -14.26 -13.83 32.64
CA ALA B 241 -14.29 -13.90 31.17
C ALA B 241 -15.37 -14.82 30.61
N ALA B 242 -15.71 -15.87 31.35
CA ALA B 242 -16.79 -16.76 30.91
C ALA B 242 -18.21 -16.25 31.22
N ASP B 243 -18.32 -15.10 31.88
CA ASP B 243 -19.61 -14.50 32.16
C ASP B 243 -19.91 -13.42 31.14
N PRO B 244 -20.90 -13.64 30.24
CA PRO B 244 -21.28 -12.65 29.24
C PRO B 244 -21.59 -11.27 29.82
N ALA B 245 -22.15 -11.21 31.04
CA ALA B 245 -22.47 -9.95 31.69
C ALA B 245 -21.21 -9.14 32.00
N ASP B 246 -20.12 -9.82 32.31
CA ASP B 246 -18.85 -9.15 32.58
C ASP B 246 -18.20 -8.62 31.30
N LYS B 247 -18.38 -9.32 30.18
CA LYS B 247 -17.88 -8.84 28.89
C LYS B 247 -18.70 -7.62 28.49
N GLU B 248 -20.01 -7.66 28.72
CA GLU B 248 -20.87 -6.51 28.45
C GLU B 248 -20.46 -5.32 29.31
N ALA B 249 -20.20 -5.58 30.60
CA ALA B 249 -19.77 -4.55 31.54
C ALA B 249 -18.45 -3.91 31.13
N ALA B 250 -17.50 -4.72 30.67
CA ALA B 250 -16.19 -4.19 30.31
C ALA B 250 -16.34 -3.29 29.08
N GLU B 251 -17.23 -3.65 28.17
CA GLU B 251 -17.46 -2.80 27.00
C GLU B 251 -18.18 -1.51 27.41
N ARG B 252 -19.17 -1.63 28.30
CA ARG B 252 -19.95 -0.48 28.75
C ARG B 252 -19.08 0.52 29.49
N ARG B 253 -18.09 0.01 30.24
CA ARG B 253 -17.16 0.86 30.96
C ARG B 253 -16.41 1.77 29.99
N LEU B 254 -15.94 1.19 28.90
CA LEU B 254 -15.23 1.93 27.84
C LEU B 254 -16.14 2.98 27.24
N GLU B 255 -17.41 2.63 27.05
CA GLU B 255 -18.38 3.61 26.52
C GLU B 255 -18.55 4.83 27.43
N PHE B 256 -18.72 4.60 28.72
CA PHE B 256 -18.83 5.69 29.68
C PHE B 256 -17.55 6.50 29.86
N PHE B 257 -16.38 5.87 29.72
CA PHE B 257 -15.10 6.52 29.91
C PHE B 257 -14.74 7.38 28.69
N THR B 258 -14.96 6.84 27.49
CA THR B 258 -14.36 7.41 26.29
C THR B 258 -15.37 7.67 25.17
N ALA B 259 -16.22 6.69 24.85
CA ALA B 259 -17.21 6.93 23.82
C ALA B 259 -18.17 8.07 24.15
N TRP B 260 -18.27 8.40 25.43
CA TRP B 260 -19.02 9.56 25.92
C TRP B 260 -18.74 10.78 25.02
N PHE B 261 -17.45 11.01 24.76
CA PHE B 261 -17.03 12.10 23.90
C PHE B 261 -16.82 11.68 22.46
N ALA B 262 -16.21 10.52 22.21
CA ALA B 262 -15.91 10.16 20.83
C ALA B 262 -17.12 9.76 19.99
N ASP B 263 -18.17 9.21 20.62
CA ASP B 263 -19.34 8.87 19.82
C ASP B 263 -19.98 10.12 19.20
N PRO B 264 -20.18 11.17 19.99
CA PRO B 264 -20.71 12.37 19.34
C PRO B 264 -19.83 12.91 18.22
N ILE B 265 -18.52 12.93 18.45
CA ILE B 265 -17.58 13.44 17.46
C ILE B 265 -17.51 12.62 16.16
N TYR B 266 -17.57 11.29 16.26
CA TYR B 266 -17.45 10.44 15.07
C TYR B 266 -18.78 9.94 14.53
N LEU B 267 -19.72 9.68 15.44
CA LEU B 267 -20.95 8.98 15.10
C LEU B 267 -22.23 9.82 15.21
N GLY B 268 -22.16 10.95 15.90
CA GLY B 268 -23.26 11.91 15.97
C GLY B 268 -24.12 11.97 17.21
N ASP B 269 -24.00 10.99 18.11
CA ASP B 269 -24.78 11.02 19.36
C ASP B 269 -24.02 10.33 20.49
N TYR B 270 -24.52 10.47 21.71
CA TYR B 270 -23.96 9.74 22.84
C TYR B 270 -24.17 8.23 22.71
N PRO B 271 -23.30 7.43 23.37
CA PRO B 271 -23.55 5.99 23.40
C PRO B 271 -24.94 5.60 23.92
N ALA B 272 -25.57 4.61 23.29
CA ALA B 272 -26.91 4.17 23.70
C ALA B 272 -26.94 3.74 25.16
N SER B 273 -25.85 3.13 25.64
CA SER B 273 -25.78 2.67 27.02
C SER B 273 -25.83 3.83 28.01
N MET B 274 -25.24 4.96 27.61
CA MET B 274 -25.27 6.14 28.45
C MET B 274 -26.65 6.78 28.46
N ARG B 275 -27.27 6.92 27.30
CA ARG B 275 -28.64 7.44 27.24
C ARG B 275 -29.60 6.59 28.09
N LYS B 276 -29.41 5.27 28.04
CA LYS B 276 -30.24 4.34 28.80
C LYS B 276 -30.15 4.56 30.31
N GLN B 277 -28.92 4.62 30.83
CA GLN B 277 -28.68 4.81 32.26
C GLN B 277 -29.00 6.23 32.74
N LEU B 278 -28.57 7.24 31.98
CA LEU B 278 -28.62 8.61 32.46
C LEU B 278 -29.89 9.39 32.11
N GLY B 279 -30.59 8.95 31.07
CA GLY B 279 -31.79 9.65 30.62
C GLY B 279 -31.55 11.09 30.26
N ASP B 280 -32.45 11.97 30.72
CA ASP B 280 -32.35 13.38 30.39
C ASP B 280 -31.23 14.15 31.09
N ARG B 281 -30.43 13.45 31.89
CA ARG B 281 -29.24 14.06 32.47
C ARG B 281 -28.20 14.33 31.40
N LEU B 282 -28.24 13.48 30.36
CA LEU B 282 -27.46 13.71 29.17
C LEU B 282 -28.28 14.61 28.25
N PRO B 283 -27.75 15.80 27.95
CA PRO B 283 -28.49 16.68 27.05
C PRO B 283 -28.68 16.08 25.66
N THR B 284 -29.67 16.63 24.98
CA THR B 284 -29.96 16.26 23.61
C THR B 284 -29.29 17.33 22.76
N PHE B 285 -28.51 16.89 21.78
CA PHE B 285 -27.93 17.82 20.85
C PHE B 285 -29.02 18.52 20.04
N THR B 286 -28.90 19.83 19.94
CA THR B 286 -29.78 20.57 19.03
C THR B 286 -29.18 20.28 17.65
N PRO B 287 -29.99 20.44 16.59
CA PRO B 287 -29.42 20.31 15.26
C PRO B 287 -28.15 21.16 15.05
N GLU B 288 -28.10 22.38 15.58
CA GLU B 288 -26.93 23.24 15.40
C GLU B 288 -25.72 22.64 16.11
N GLU B 289 -25.93 22.15 17.33
CA GLU B 289 -24.87 21.53 18.10
C GLU B 289 -24.36 20.26 17.44
N ARG B 290 -25.27 19.40 16.97
CA ARG B 290 -24.83 18.18 16.31
C ARG B 290 -23.97 18.51 15.07
N ALA B 291 -24.38 19.53 14.33
CA ALA B 291 -23.62 19.95 13.14
C ALA B 291 -22.18 20.39 13.44
N LEU B 292 -22.01 21.05 14.59
CA LEU B 292 -20.71 21.47 15.09
C LEU B 292 -19.86 20.30 15.58
N VAL B 293 -20.49 19.38 16.31
CA VAL B 293 -19.76 18.32 16.99
C VAL B 293 -19.43 17.13 16.09
N HIS B 294 -20.41 16.70 15.30
CA HIS B 294 -20.25 15.50 14.48
C HIS B 294 -19.24 15.78 13.38
N GLY B 295 -18.12 15.06 13.40
CA GLY B 295 -17.10 15.26 12.36
C GLY B 295 -15.98 16.20 12.77
N SER B 296 -15.93 16.56 14.05
CA SER B 296 -15.04 17.62 14.54
C SER B 296 -13.63 17.21 14.95
N ASN B 297 -13.20 15.99 14.65
CA ASN B 297 -11.83 15.57 14.95
C ASN B 297 -11.03 15.36 13.65
N ASP B 298 -9.98 16.15 13.45
CA ASP B 298 -9.07 15.87 12.33
C ASP B 298 -8.18 14.66 12.64
N PHE B 299 -7.94 14.45 13.92
CA PHE B 299 -7.21 13.29 14.42
C PHE B 299 -7.83 12.92 15.76
N TYR B 300 -7.52 11.72 16.22
CA TYR B 300 -7.96 11.23 17.53
C TYR B 300 -6.79 11.42 18.51
N GLY B 301 -7.00 12.27 19.51
CA GLY B 301 -6.03 12.45 20.60
C GLY B 301 -6.34 11.48 21.73
N MET B 302 -5.34 10.71 22.14
CA MET B 302 -5.51 9.62 23.08
C MET B 302 -4.53 9.73 24.24
N ASN B 303 -5.07 9.84 25.44
CA ASN B 303 -4.27 9.66 26.66
C ASN B 303 -4.61 8.30 27.23
N HIS B 304 -3.60 7.54 27.62
CA HIS B 304 -3.80 6.18 28.10
C HIS B 304 -2.75 5.82 29.13
N TYR B 305 -3.16 5.15 30.21
CA TYR B 305 -2.23 4.80 31.28
C TYR B 305 -2.29 3.35 31.79
N THR B 306 -3.49 2.80 31.89
CA THR B 306 -3.66 1.57 32.65
C THR B 306 -4.88 0.77 32.22
N SER B 307 -5.14 -0.34 32.91
CA SER B 307 -6.31 -1.17 32.62
C SER B 307 -6.88 -1.68 33.94
N ASN B 308 -8.11 -2.17 33.88
CA ASN B 308 -8.77 -2.76 35.03
C ASN B 308 -9.63 -3.97 34.68
N TYR B 309 -9.89 -4.81 35.68
CA TYR B 309 -10.91 -5.83 35.52
C TYR B 309 -12.23 -5.16 35.88
N ILE B 310 -13.29 -5.55 35.17
CA ILE B 310 -14.61 -4.96 35.34
C ILE B 310 -15.65 -6.02 35.69
N ARG B 311 -16.41 -5.80 36.77
CA ARG B 311 -17.40 -6.79 37.19
C ARG B 311 -18.78 -6.14 37.12
N HIS B 312 -19.74 -6.82 36.49
CA HIS B 312 -21.11 -6.31 36.43
C HIS B 312 -21.76 -6.23 37.81
N ARG B 313 -22.83 -5.43 37.88
CA ARG B 313 -23.60 -5.31 39.12
C ARG B 313 -24.99 -5.88 38.90
N SER B 314 -25.66 -6.22 40.01
CA SER B 314 -26.93 -6.93 39.97
C SER B 314 -28.15 -6.03 40.04
N SER B 315 -27.91 -4.74 40.32
CA SER B 315 -28.94 -3.74 40.52
C SER B 315 -28.70 -2.59 39.54
N PRO B 316 -29.76 -1.87 39.13
CA PRO B 316 -29.56 -0.68 38.29
C PRO B 316 -28.79 0.42 39.01
N ALA B 317 -28.04 1.22 38.25
CA ALA B 317 -27.20 2.26 38.82
C ALA B 317 -28.00 3.32 39.57
N SER B 318 -27.36 3.86 40.61
CA SER B 318 -27.83 5.00 41.38
C SER B 318 -27.57 6.26 40.57
N ALA B 319 -28.17 7.37 41.01
CA ALA B 319 -28.00 8.64 40.32
C ALA B 319 -26.57 9.16 40.37
N ASP B 320 -25.84 8.77 41.40
CA ASP B 320 -24.47 9.24 41.54
C ASP B 320 -23.44 8.41 40.78
N ASP B 321 -23.87 7.36 40.08
CA ASP B 321 -22.94 6.52 39.34
C ASP B 321 -22.43 7.27 38.12
N THR B 322 -21.13 7.20 37.87
CA THR B 322 -20.54 7.86 36.70
C THR B 322 -19.76 6.90 35.82
N VAL B 323 -19.56 5.67 36.29
CA VAL B 323 -18.72 4.70 35.58
C VAL B 323 -19.46 3.73 34.67
N GLY B 324 -20.78 3.67 34.81
CA GLY B 324 -21.58 2.74 34.01
C GLY B 324 -22.07 1.51 34.77
N ASN B 325 -22.22 1.65 36.08
CA ASN B 325 -22.77 0.61 36.94
C ASN B 325 -21.92 -0.66 36.96
N VAL B 326 -20.63 -0.49 37.23
CA VAL B 326 -19.68 -1.60 37.26
C VAL B 326 -18.72 -1.43 38.43
N ASP B 327 -18.16 -2.55 38.89
CA ASP B 327 -17.05 -2.52 39.83
C ASP B 327 -15.79 -2.43 38.98
N VAL B 328 -14.86 -1.58 39.41
CA VAL B 328 -13.56 -1.41 38.77
C VAL B 328 -12.53 -2.01 39.71
N LEU B 329 -11.80 -3.03 39.24
CA LEU B 329 -10.98 -3.87 40.13
C LEU B 329 -9.58 -4.10 39.59
N PHE B 330 -8.69 -4.52 40.48
CA PHE B 330 -7.32 -4.82 40.11
C PHE B 330 -7.05 -6.31 40.02
N THR B 331 -7.98 -7.13 40.53
CA THR B 331 -7.86 -8.58 40.47
C THR B 331 -9.10 -9.19 39.83
N ASN B 332 -8.95 -10.37 39.24
CA ASN B 332 -10.07 -11.03 38.56
C ASN B 332 -10.54 -12.27 39.31
N LYS B 333 -11.41 -13.05 38.69
CA LYS B 333 -12.00 -14.20 39.37
C LYS B 333 -10.95 -15.27 39.70
N GLN B 334 -9.95 -15.40 38.83
CA GLN B 334 -8.91 -16.40 39.04
C GLN B 334 -7.81 -15.95 40.00
N GLY B 335 -7.94 -14.72 40.49
CA GLY B 335 -6.95 -14.17 41.41
C GLY B 335 -5.76 -13.51 40.73
N ASN B 336 -5.86 -13.35 39.41
CA ASN B 336 -4.82 -12.64 38.67
C ASN B 336 -4.88 -11.12 38.88
N CYS B 337 -3.74 -10.47 38.73
CA CYS B 337 -3.61 -9.04 39.03
C CYS B 337 -3.24 -8.28 37.77
N ILE B 338 -3.80 -7.08 37.60
CA ILE B 338 -3.53 -6.27 36.42
C ILE B 338 -2.07 -5.88 36.23
N GLY B 339 -1.40 -5.51 37.32
CA GLY B 339 -0.01 -5.04 37.25
C GLY B 339 0.48 -4.51 38.58
N PRO B 340 1.77 -4.15 38.66
CA PRO B 340 2.42 -3.70 39.90
C PRO B 340 1.93 -2.33 40.37
N GLU B 341 1.98 -2.08 41.67
CA GLU B 341 1.61 -0.79 42.24
C GLU B 341 2.57 0.33 41.85
N THR B 342 2.05 1.55 41.78
CA THR B 342 2.81 2.76 41.50
C THR B 342 2.47 3.76 42.58
N GLN B 343 2.82 5.03 42.39
CA GLN B 343 2.46 6.02 43.40
C GLN B 343 1.01 6.45 43.27
N SER B 344 0.41 6.16 42.12
CA SER B 344 -0.97 6.49 41.77
C SER B 344 -1.85 5.25 42.00
N PRO B 345 -2.75 5.28 42.99
CA PRO B 345 -3.51 4.06 43.28
C PRO B 345 -4.29 3.52 42.07
N TRP B 346 -4.61 4.41 41.14
CA TRP B 346 -5.41 4.02 39.98
C TRP B 346 -4.58 3.45 38.84
N LEU B 347 -3.26 3.59 38.93
CA LEU B 347 -2.36 3.28 37.82
C LEU B 347 -1.55 2.01 38.07
N ARG B 348 -1.90 0.95 37.33
CA ARG B 348 -1.12 -0.30 37.33
C ARG B 348 -0.67 -0.56 35.90
N PRO B 349 0.64 -0.72 35.67
CA PRO B 349 1.11 -0.95 34.31
C PRO B 349 0.53 -2.23 33.71
N CYS B 350 0.01 -2.11 32.49
CA CYS B 350 -0.56 -3.23 31.75
C CYS B 350 -0.43 -2.92 30.26
N ALA B 351 0.74 -3.23 29.69
CA ALA B 351 1.01 -2.83 28.32
C ALA B 351 0.03 -3.42 27.30
N ALA B 352 -0.45 -4.64 27.53
CA ALA B 352 -1.40 -5.22 26.57
C ALA B 352 -2.70 -4.40 26.45
N GLY B 353 -3.06 -3.73 27.54
CA GLY B 353 -4.25 -2.87 27.57
C GLY B 353 -4.10 -1.67 26.65
N PHE B 354 -2.87 -1.20 26.43
CA PHE B 354 -2.58 -0.11 25.49
C PHE B 354 -2.80 -0.56 24.03
N ARG B 355 -2.26 -1.71 23.68
CA ARG B 355 -2.50 -2.26 22.35
C ARG B 355 -4.00 -2.41 22.15
N ASP B 356 -4.68 -2.91 23.17
CA ASP B 356 -6.10 -3.26 23.04
C ASP B 356 -6.96 -2.01 22.92
N PHE B 357 -6.57 -0.95 23.63
CA PHE B 357 -7.36 0.29 23.55
C PHE B 357 -7.17 0.90 22.16
N LEU B 358 -5.94 0.91 21.65
CA LEU B 358 -5.68 1.38 20.28
C LEU B 358 -6.54 0.69 19.23
N VAL B 359 -6.68 -0.63 19.36
CA VAL B 359 -7.50 -1.42 18.46
C VAL B 359 -8.99 -1.08 18.65
N TRP B 360 -9.44 -0.91 19.89
CA TRP B 360 -10.82 -0.55 20.21
C TRP B 360 -11.25 0.76 19.54
N ILE B 361 -10.45 1.80 19.73
CA ILE B 361 -10.68 3.12 19.12
C ILE B 361 -10.77 2.96 17.61
N SER B 362 -9.81 2.23 17.06
CA SER B 362 -9.75 2.08 15.60
C SER B 362 -10.96 1.37 15.00
N LYS B 363 -11.39 0.27 15.62
CA LYS B 363 -12.57 -0.44 15.15
C LYS B 363 -13.86 0.35 15.29
N ARG B 364 -13.98 1.10 16.36
CA ARG B 364 -15.22 1.83 16.59
C ARG B 364 -15.34 3.05 15.68
N TYR B 365 -14.20 3.68 15.37
CA TYR B 365 -14.24 5.00 14.73
C TYR B 365 -13.62 5.06 13.35
N GLY B 366 -13.46 3.90 12.72
CA GLY B 366 -12.99 3.88 11.34
C GLY B 366 -11.53 4.20 11.11
N TYR B 367 -10.68 3.69 11.99
CA TYR B 367 -9.22 3.80 11.85
C TYR B 367 -8.76 5.24 11.63
N PRO B 368 -9.05 6.10 12.61
CA PRO B 368 -8.65 7.49 12.45
C PRO B 368 -7.16 7.60 12.72
N PRO B 369 -6.52 8.68 12.27
CA PRO B 369 -5.12 8.85 12.67
C PRO B 369 -5.10 9.15 14.16
N ILE B 370 -4.26 8.45 14.91
CA ILE B 370 -4.21 8.63 16.36
C ILE B 370 -2.89 9.18 16.84
N TYR B 371 -2.99 10.20 17.70
CA TYR B 371 -1.82 10.68 18.42
C TYR B 371 -1.98 10.31 19.89
N VAL B 372 -0.99 9.57 20.40
CA VAL B 372 -1.01 9.18 21.80
C VAL B 372 -0.37 10.39 22.49
N THR B 373 -1.19 11.24 23.06
CA THR B 373 -0.76 12.54 23.59
C THR B 373 -0.30 12.51 25.06
N GLU B 374 -0.56 11.39 25.72
CA GLU B 374 0.02 11.11 27.04
C GLU B 374 0.14 9.62 27.29
N ASN B 375 1.30 9.22 27.79
CA ASN B 375 1.47 7.87 28.31
C ASN B 375 2.69 7.91 29.23
N GLY B 376 2.57 7.31 30.41
CA GLY B 376 3.64 7.42 31.40
C GLY B 376 3.24 6.84 32.74
N THR B 377 4.15 6.92 33.69
CA THR B 377 3.90 6.31 35.00
C THR B 377 4.59 7.02 36.16
N SER B 378 4.00 6.82 37.33
CA SER B 378 4.63 7.18 38.59
C SER B 378 5.34 5.95 39.15
N ILE B 379 6.15 6.16 40.19
CA ILE B 379 6.90 5.08 40.84
C ILE B 379 6.59 5.19 42.32
N LYS B 380 6.13 4.08 42.91
CA LYS B 380 5.81 4.08 44.34
C LYS B 380 7.02 4.49 45.17
N GLY B 381 6.82 5.48 46.04
CA GLY B 381 7.85 5.98 46.95
C GLY B 381 8.96 6.77 46.28
N GLU B 382 8.73 7.19 45.04
CA GLU B 382 9.82 7.81 44.28
C GLU B 382 10.36 9.08 44.96
N SER B 383 9.47 9.92 45.48
CA SER B 383 9.88 11.18 46.10
C SER B 383 10.70 11.00 47.37
N ASP B 384 10.70 9.80 47.92
CA ASP B 384 11.45 9.49 49.14
C ASP B 384 12.86 9.00 48.88
N LEU B 385 13.16 8.68 47.62
CA LEU B 385 14.43 8.08 47.21
C LEU B 385 15.58 9.08 47.14
N PRO B 386 16.82 8.61 47.36
CA PRO B 386 17.88 9.57 47.10
C PRO B 386 17.87 9.96 45.62
N LYS B 387 18.43 11.12 45.31
CA LYS B 387 18.56 11.58 43.93
C LYS B 387 19.14 10.53 42.99
N GLU B 388 20.21 9.85 43.40
CA GLU B 388 20.85 8.85 42.52
C GLU B 388 19.92 7.70 42.15
N LYS B 389 19.07 7.30 43.10
CA LYS B 389 18.12 6.22 42.87
C LYS B 389 16.94 6.74 42.03
N ILE B 390 16.57 8.00 42.19
CA ILE B 390 15.49 8.54 41.37
C ILE B 390 15.93 8.53 39.92
N LEU B 391 17.19 8.85 39.66
CA LEU B 391 17.69 8.88 38.29
C LEU B 391 17.76 7.48 37.67
N GLU B 392 17.95 6.45 38.48
CA GLU B 392 17.99 5.08 37.97
C GLU B 392 16.57 4.51 37.95
N ASP B 393 15.68 5.11 37.15
CA ASP B 393 14.24 4.80 37.19
C ASP B 393 13.85 3.61 36.32
N ASP B 394 14.41 2.46 36.66
CA ASP B 394 14.19 1.26 35.86
C ASP B 394 12.73 0.88 35.67
N PHE B 395 11.90 1.07 36.69
CA PHE B 395 10.46 0.81 36.59
C PHE B 395 9.84 1.59 35.41
N ARG B 396 10.22 2.86 35.28
CA ARG B 396 9.68 3.71 34.23
C ARG B 396 10.33 3.38 32.88
N VAL B 397 11.61 3.02 32.88
CA VAL B 397 12.28 2.59 31.65
C VAL B 397 11.49 1.41 31.09
N LYS B 398 11.14 0.47 31.97
CA LYS B 398 10.44 -0.76 31.59
C LYS B 398 9.02 -0.44 31.13
N TYR B 399 8.35 0.48 31.82
CA TYR B 399 7.00 0.90 31.42
C TYR B 399 7.02 1.39 29.98
N TYR B 400 7.90 2.34 29.67
CA TYR B 400 7.98 2.85 28.30
C TYR B 400 8.37 1.76 27.31
N ASN B 401 9.33 0.91 27.67
CA ASN B 401 9.67 -0.16 26.76
C ASN B 401 8.50 -1.05 26.36
N GLU B 402 7.76 -1.50 27.36
CA GLU B 402 6.65 -2.40 27.11
C GLU B 402 5.45 -1.74 26.44
N TYR B 403 5.16 -0.50 26.82
CA TYR B 403 4.02 0.20 26.26
C TYR B 403 4.33 0.61 24.81
N ILE B 404 5.54 1.10 24.55
CA ILE B 404 5.90 1.46 23.18
C ILE B 404 5.84 0.24 22.27
N ARG B 405 6.38 -0.89 22.73
CA ARG B 405 6.32 -2.12 21.96
C ARG B 405 4.88 -2.60 21.74
N ALA B 406 4.02 -2.39 22.73
CA ALA B 406 2.61 -2.73 22.56
C ALA B 406 1.96 -1.87 21.49
N MET B 407 2.28 -0.58 21.47
CA MET B 407 1.79 0.33 20.44
C MET B 407 2.28 -0.12 19.06
N VAL B 408 3.54 -0.53 18.97
CA VAL B 408 4.08 -1.01 17.70
C VAL B 408 3.30 -2.24 17.26
N THR B 409 2.89 -3.09 18.19
CA THR B 409 2.11 -4.28 17.85
C THR B 409 0.77 -3.87 17.24
N ALA B 410 0.11 -2.91 17.88
CA ALA B 410 -1.17 -2.42 17.38
C ALA B 410 -1.00 -1.85 15.98
N VAL B 411 0.10 -1.14 15.73
CA VAL B 411 0.36 -0.60 14.41
C VAL B 411 0.61 -1.73 13.40
N GLU B 412 1.58 -2.58 13.70
CA GLU B 412 2.05 -3.62 12.78
C GLU B 412 1.05 -4.71 12.42
N LEU B 413 0.42 -5.25 13.46
CA LEU B 413 -0.51 -6.36 13.29
C LEU B 413 -1.94 -5.89 13.09
N ASP B 414 -2.40 -4.99 13.93
CA ASP B 414 -3.81 -4.59 13.90
C ASP B 414 -4.09 -3.44 12.93
N GLY B 415 -3.04 -2.90 12.32
CA GLY B 415 -3.20 -1.82 11.34
C GLY B 415 -3.72 -0.51 11.91
N VAL B 416 -3.43 -0.26 13.18
CA VAL B 416 -3.83 1.01 13.80
C VAL B 416 -2.95 2.14 13.24
N ASN B 417 -3.57 3.25 12.87
CA ASN B 417 -2.80 4.36 12.29
C ASN B 417 -2.31 5.33 13.38
N VAL B 418 -1.28 4.92 14.12
CA VAL B 418 -0.69 5.83 15.10
C VAL B 418 0.32 6.70 14.39
N LYS B 419 0.13 8.01 14.56
CA LYS B 419 0.93 9.08 13.96
C LYS B 419 1.96 9.65 14.94
N GLY B 420 1.75 9.49 16.24
CA GLY B 420 2.65 10.12 17.18
C GLY B 420 2.45 9.59 18.58
N TYR B 421 3.45 9.80 19.41
CA TYR B 421 3.47 9.31 20.79
C TYR B 421 4.22 10.30 21.68
N PHE B 422 3.57 10.74 22.76
CA PHE B 422 4.10 11.72 23.71
C PHE B 422 4.17 11.15 25.12
N ALA B 423 5.39 11.12 25.64
CA ALA B 423 5.59 10.70 27.02
C ALA B 423 5.15 11.76 28.01
N TRP B 424 4.28 11.35 28.94
CA TRP B 424 3.90 12.19 30.07
C TRP B 424 4.80 11.75 31.24
N SER B 425 5.68 12.62 31.74
CA SER B 425 5.86 14.01 31.30
C SER B 425 7.34 14.29 31.03
N LEU B 426 7.63 15.40 30.35
CA LEU B 426 9.01 15.85 30.17
C LEU B 426 9.71 15.94 31.53
N MET B 427 8.99 16.39 32.55
CA MET B 427 9.59 16.55 33.87
C MET B 427 8.57 16.36 34.99
N ASP B 428 9.09 15.98 36.16
CA ASP B 428 8.25 15.86 37.35
C ASP B 428 7.52 17.19 37.50
N ASN B 429 6.29 17.15 37.99
CA ASN B 429 5.52 18.39 38.02
C ASN B 429 4.37 18.36 39.03
N PHE B 430 3.53 19.39 39.02
CA PHE B 430 2.40 19.43 39.93
C PHE B 430 1.31 18.46 39.47
N GLU B 431 1.18 17.32 40.14
CA GLU B 431 0.16 16.32 39.81
C GLU B 431 -1.21 16.55 40.46
N TRP B 432 -1.77 17.72 40.23
CA TRP B 432 -3.14 18.06 40.61
C TRP B 432 -3.42 17.77 42.08
N ALA B 433 -4.45 16.97 42.38
CA ALA B 433 -4.81 16.71 43.77
C ALA B 433 -3.72 15.98 44.55
N ASP B 434 -2.78 15.36 43.84
CA ASP B 434 -1.66 14.68 44.50
C ASP B 434 -0.53 15.65 44.87
N GLY B 435 -0.57 16.86 44.33
CA GLY B 435 0.53 17.81 44.51
C GLY B 435 1.81 17.32 43.84
N TYR B 436 2.94 17.57 44.50
CA TYR B 436 4.25 17.27 43.94
C TYR B 436 4.79 15.89 44.28
N VAL B 437 4.12 15.22 45.22
CA VAL B 437 4.57 13.92 45.72
C VAL B 437 4.56 12.86 44.63
N THR B 438 3.60 12.92 43.72
CA THR B 438 3.52 12.00 42.60
C THR B 438 4.32 12.52 41.41
N ARG B 439 5.34 11.75 41.03
CA ARG B 439 6.27 12.12 39.98
C ARG B 439 6.08 11.29 38.72
N PHE B 440 5.73 11.96 37.62
CA PHE B 440 5.58 11.33 36.31
C PHE B 440 6.71 11.67 35.34
N GLY B 441 7.66 12.50 35.76
CA GLY B 441 8.69 12.93 34.81
C GLY B 441 9.73 11.92 34.35
N VAL B 442 10.22 12.13 33.12
CA VAL B 442 11.42 11.42 32.69
C VAL B 442 12.65 12.19 33.17
N THR B 443 12.41 13.41 33.63
CA THR B 443 13.43 14.30 34.18
C THR B 443 13.08 14.66 35.62
N TYR B 444 14.07 14.50 36.49
CA TYR B 444 13.88 14.83 37.90
C TYR B 444 13.96 16.35 38.09
N VAL B 445 13.07 16.89 38.91
CA VAL B 445 13.09 18.33 39.22
C VAL B 445 13.31 18.42 40.73
N ASP B 446 14.38 19.09 41.14
CA ASP B 446 14.68 19.25 42.56
C ASP B 446 14.03 20.53 43.05
N TYR B 447 12.80 20.43 43.56
CA TYR B 447 12.03 21.61 43.94
C TYR B 447 12.67 22.40 45.07
N GLU B 448 13.53 21.73 45.84
CA GLU B 448 14.15 22.38 46.98
C GLU B 448 15.44 23.10 46.60
N ASN B 449 15.97 22.80 45.43
CA ASN B 449 17.19 23.41 44.93
C ASN B 449 16.98 24.12 43.61
N GLY B 450 16.10 25.12 43.62
CA GLY B 450 15.88 25.97 42.46
C GLY B 450 15.24 25.27 41.26
N GLN B 451 14.49 24.22 41.53
CA GLN B 451 13.82 23.45 40.48
C GLN B 451 14.82 23.01 39.40
N LYS B 452 16.00 22.58 39.85
CA LYS B 452 17.04 22.12 38.94
C LYS B 452 16.58 20.83 38.24
N ARG B 453 16.86 20.72 36.94
CA ARG B 453 16.51 19.52 36.16
C ARG B 453 17.65 18.52 36.05
N PHE B 454 17.31 17.23 36.15
CA PHE B 454 18.24 16.12 36.00
C PHE B 454 17.55 14.99 35.24
N PRO B 455 17.97 14.72 33.99
CA PRO B 455 17.34 13.61 33.27
C PRO B 455 17.52 12.25 33.94
N LYS B 456 16.44 11.46 33.93
CA LYS B 456 16.44 10.13 34.52
C LYS B 456 16.79 9.16 33.40
N LYS B 457 17.05 7.91 33.77
CA LYS B 457 17.38 6.87 32.79
C LYS B 457 16.30 6.81 31.72
N SER B 458 15.03 6.92 32.12
CA SER B 458 13.91 6.84 31.18
C SER B 458 13.95 7.86 30.04
N ALA B 459 14.36 9.09 30.37
CA ALA B 459 14.47 10.17 29.39
C ALA B 459 15.44 9.80 28.28
N LYS B 460 16.54 9.15 28.66
CA LYS B 460 17.59 8.81 27.71
C LYS B 460 17.28 7.56 26.91
N SER B 461 16.33 6.76 27.41
CA SER B 461 16.02 5.49 26.77
C SER B 461 15.14 5.64 25.53
N LEU B 462 14.47 6.78 25.40
CA LEU B 462 13.45 6.91 24.37
C LEU B 462 14.00 7.08 22.96
N LYS B 463 14.99 7.95 22.80
CA LYS B 463 15.63 8.11 21.48
C LYS B 463 16.16 6.81 20.86
N PRO B 464 16.95 6.00 21.57
CA PRO B 464 17.42 4.76 20.94
C PRO B 464 16.30 3.82 20.55
N LEU B 465 15.25 3.76 21.37
CA LEU B 465 14.09 2.93 21.03
C LEU B 465 13.42 3.37 19.74
N PHE B 466 13.08 4.65 19.63
CA PHE B 466 12.46 5.14 18.41
C PHE B 466 13.37 5.12 17.19
N ASP B 467 14.67 5.38 17.38
CA ASP B 467 15.61 5.29 16.25
C ASP B 467 15.63 3.90 15.62
N GLU B 468 15.37 2.88 16.43
CA GLU B 468 15.29 1.50 15.97
C GLU B 468 13.99 1.26 15.22
N LEU B 469 12.91 1.89 15.69
CA LEU B 469 11.59 1.61 15.16
C LEU B 469 11.26 2.37 13.88
N ILE B 470 11.67 3.63 13.83
CA ILE B 470 11.20 4.55 12.80
C ILE B 470 11.95 4.35 11.48
N ALA B 471 11.18 4.11 10.41
CA ALA B 471 11.75 3.87 9.09
C ALA B 471 12.57 5.05 8.56
N ALA B 472 13.66 4.73 7.86
CA ALA B 472 14.55 5.73 7.29
C ALA B 472 13.95 6.39 6.04
N HIS C 7 3.63 -12.08 37.65
CA HIS C 7 2.78 -12.85 36.69
C HIS C 7 2.63 -14.28 37.18
N MET C 8 1.44 -14.85 36.97
CA MET C 8 1.07 -16.11 37.61
C MET C 8 0.22 -17.04 36.74
N LEU C 9 0.68 -18.27 36.62
CA LEU C 9 -0.10 -19.37 36.08
C LEU C 9 -0.66 -20.18 37.25
N PRO C 10 -1.75 -20.93 37.05
CA PRO C 10 -2.27 -21.72 38.17
C PRO C 10 -1.27 -22.75 38.70
N LYS C 11 -1.42 -23.13 39.96
CA LYS C 11 -0.50 -24.05 40.60
C LYS C 11 -0.39 -25.42 39.94
N ASP C 12 -1.45 -25.86 39.27
CA ASP C 12 -1.50 -27.17 38.62
C ASP C 12 -1.12 -27.15 37.13
N PHE C 13 -0.68 -26.00 36.63
CA PHE C 13 -0.20 -25.89 35.24
C PHE C 13 0.90 -26.90 34.94
N GLN C 14 0.78 -27.58 33.81
CA GLN C 14 1.76 -28.59 33.41
C GLN C 14 2.57 -28.13 32.20
N TRP C 15 3.85 -28.43 32.16
CA TRP C 15 4.61 -28.11 30.95
C TRP C 15 5.61 -29.21 30.62
N GLY C 16 5.99 -29.30 29.36
CA GLY C 16 7.04 -30.24 29.00
C GLY C 16 7.46 -30.08 27.55
N PHE C 17 7.81 -31.22 26.95
CA PHE C 17 8.32 -31.28 25.58
C PHE C 17 7.49 -32.26 24.75
N ALA C 18 7.49 -32.09 23.44
CA ALA C 18 6.69 -32.92 22.57
C ALA C 18 7.54 -33.55 21.47
N THR C 19 7.19 -34.77 21.09
CA THR C 19 7.73 -35.43 19.91
C THR C 19 6.64 -36.23 19.18
N ALA C 20 7.02 -36.88 18.08
CA ALA C 20 6.11 -37.72 17.32
C ALA C 20 6.90 -38.95 16.88
N ALA C 21 6.25 -40.11 16.83
CA ALA C 21 7.00 -41.34 16.64
C ALA C 21 7.86 -41.41 15.37
N TYR C 22 7.29 -41.11 14.21
CA TYR C 22 8.06 -41.26 12.98
C TYR C 22 9.18 -40.22 12.90
N GLN C 23 9.01 -39.10 13.62
CA GLN C 23 10.01 -38.05 13.61
C GLN C 23 11.26 -38.40 14.42
N ILE C 24 11.15 -39.25 15.42
CA ILE C 24 12.26 -39.52 16.32
C ILE C 24 12.66 -40.99 16.50
N GLU C 25 11.78 -41.93 16.18
CA GLU C 25 12.01 -43.31 16.64
C GLU C 25 13.04 -44.13 15.88
N GLY C 26 13.06 -44.00 14.54
CA GLY C 26 13.90 -44.92 13.76
C GLY C 26 13.32 -46.30 13.95
N ALA C 27 14.19 -47.32 13.92
CA ALA C 27 13.77 -48.69 14.12
C ALA C 27 12.52 -49.00 13.29
N VAL C 28 12.57 -48.60 12.02
CA VAL C 28 11.36 -48.64 11.18
C VAL C 28 10.87 -50.05 10.86
N ASP C 29 11.76 -51.03 10.91
CA ASP C 29 11.32 -52.43 10.77
C ASP C 29 11.88 -53.29 11.90
N GLN C 30 11.98 -52.68 13.08
CA GLN C 30 12.47 -53.40 14.25
C GLN C 30 11.27 -53.87 15.04
N ASP C 31 11.43 -55.02 15.69
CA ASP C 31 10.45 -55.53 16.64
C ASP C 31 9.06 -55.67 16.01
N GLY C 32 9.06 -56.06 14.74
CA GLY C 32 7.81 -56.35 14.03
C GLY C 32 7.04 -55.17 13.50
N ARG C 33 7.60 -53.97 13.52
CA ARG C 33 6.88 -52.81 13.01
C ARG C 33 6.57 -52.93 11.53
N GLY C 34 5.31 -52.69 11.16
CA GLY C 34 4.93 -52.68 9.75
C GLY C 34 5.14 -51.30 9.14
N PRO C 35 5.15 -51.20 7.80
CA PRO C 35 5.37 -49.86 7.23
C PRO C 35 4.15 -48.93 7.33
N SER C 36 4.43 -47.64 7.50
CA SER C 36 3.37 -46.64 7.42
C SER C 36 3.42 -45.95 6.05
N ILE C 37 2.41 -45.14 5.77
CA ILE C 37 2.40 -44.37 4.51
C ILE C 37 3.59 -43.42 4.43
N TRP C 38 4.15 -43.01 5.57
CA TRP C 38 5.36 -42.19 5.57
C TRP C 38 6.61 -42.98 5.18
N ASP C 39 6.67 -44.25 5.57
CA ASP C 39 7.76 -45.08 5.09
C ASP C 39 7.72 -45.15 3.57
N THR C 40 6.53 -45.41 3.01
CA THR C 40 6.34 -45.54 1.56
C THR C 40 6.68 -44.24 0.85
N PHE C 41 6.16 -43.13 1.37
CA PHE C 41 6.36 -41.81 0.80
C PHE C 41 7.83 -41.42 0.67
N CYS C 42 8.64 -41.67 1.71
CA CYS C 42 10.05 -41.29 1.74
C CYS C 42 10.90 -42.05 0.74
N ALA C 43 10.34 -43.17 0.27
CA ALA C 43 11.02 -43.99 -0.73
C ALA C 43 10.72 -43.46 -2.13
N GLN C 44 9.86 -42.45 -2.24
CA GLN C 44 9.55 -41.85 -3.53
C GLN C 44 10.52 -40.72 -3.86
N PRO C 45 11.10 -40.71 -5.07
CA PRO C 45 12.08 -39.67 -5.36
C PRO C 45 11.50 -38.25 -5.37
N GLY C 46 12.19 -37.30 -4.74
CA GLY C 46 11.77 -35.89 -4.77
C GLY C 46 10.76 -35.42 -3.74
N LYS C 47 10.24 -36.34 -2.92
CA LYS C 47 9.23 -36.01 -1.92
C LYS C 47 9.82 -35.34 -0.70
N ILE C 48 11.02 -35.76 -0.32
CA ILE C 48 11.71 -35.25 0.86
C ILE C 48 12.88 -34.39 0.39
N ALA C 49 12.93 -33.14 0.84
CA ALA C 49 13.89 -32.16 0.33
C ALA C 49 15.38 -32.55 0.28
N ASP C 50 15.83 -33.22 1.32
CA ASP C 50 17.21 -33.66 1.43
C ASP C 50 17.42 -35.13 1.08
N GLY C 51 16.39 -35.76 0.55
CA GLY C 51 16.42 -37.18 0.19
C GLY C 51 16.45 -38.13 1.38
N SER C 52 16.00 -37.65 2.54
CA SER C 52 16.09 -38.45 3.76
C SER C 52 14.80 -39.21 4.05
N SER C 53 14.79 -39.98 5.13
CA SER C 53 13.62 -40.67 5.65
C SER C 53 13.76 -40.82 7.16
N GLY C 54 12.76 -41.44 7.77
CA GLY C 54 12.74 -41.67 9.21
C GLY C 54 13.49 -42.93 9.57
N VAL C 55 14.23 -43.54 8.63
CA VAL C 55 14.82 -44.86 8.90
C VAL C 55 15.51 -45.04 10.25
N THR C 56 16.40 -44.11 10.59
CA THR C 56 17.14 -44.10 11.86
C THR C 56 16.67 -42.96 12.76
N ALA C 57 16.39 -41.81 12.15
CA ALA C 57 16.01 -40.60 12.88
C ALA C 57 16.94 -40.38 14.08
N CYS C 58 16.34 -40.18 15.25
CA CYS C 58 17.09 -40.00 16.49
C CYS C 58 17.29 -41.31 17.24
N ASP C 59 16.85 -42.41 16.64
CA ASP C 59 16.97 -43.76 17.20
C ASP C 59 16.33 -43.83 18.59
N SER C 60 15.29 -43.02 18.80
CA SER C 60 14.64 -42.98 20.10
C SER C 60 14.01 -44.29 20.58
N TYR C 61 13.61 -45.14 19.65
CA TYR C 61 13.01 -46.42 20.01
C TYR C 61 13.97 -47.19 20.92
N ASN C 62 15.26 -47.07 20.61
CA ASN C 62 16.33 -47.76 21.30
C ASN C 62 17.03 -46.97 22.40
N ARG C 63 16.52 -45.77 22.65
CA ARG C 63 17.12 -44.85 23.61
C ARG C 63 16.14 -44.26 24.61
N THR C 64 15.19 -45.05 25.09
CA THR C 64 14.21 -44.58 26.06
C THR C 64 14.78 -44.10 27.39
N ALA C 65 15.75 -44.82 27.96
CA ALA C 65 16.37 -44.35 29.20
C ALA C 65 17.05 -43.00 28.97
N GLU C 66 17.71 -42.85 27.83
CA GLU C 66 18.44 -41.61 27.54
C GLU C 66 17.50 -40.41 27.36
N ASP C 67 16.36 -40.66 26.72
CA ASP C 67 15.37 -39.63 26.50
C ASP C 67 14.69 -39.23 27.81
N ILE C 68 14.41 -40.22 28.66
CA ILE C 68 13.91 -39.95 30.01
C ILE C 68 14.90 -39.12 30.82
N ALA C 69 16.16 -39.52 30.79
CA ALA C 69 17.23 -38.77 31.47
C ALA C 69 17.29 -37.32 30.99
N LEU C 70 17.16 -37.11 29.68
CA LEU C 70 17.16 -35.78 29.12
C LEU C 70 15.99 -34.94 29.65
N LEU C 71 14.78 -35.51 29.55
CA LEU C 71 13.60 -34.89 30.12
C LEU C 71 13.79 -34.46 31.58
N LYS C 72 14.34 -35.35 32.39
CA LYS C 72 14.54 -35.05 33.81
C LYS C 72 15.55 -33.92 34.00
N SER C 73 16.64 -33.95 33.23
CA SER C 73 17.68 -32.93 33.32
C SER C 73 17.16 -31.54 32.99
N LEU C 74 16.12 -31.48 32.15
CA LEU C 74 15.52 -30.23 31.72
C LEU C 74 14.34 -29.78 32.60
N GLY C 75 13.99 -30.61 33.56
CA GLY C 75 12.94 -30.28 34.52
C GLY C 75 11.51 -30.49 34.05
N ALA C 76 11.34 -31.25 32.97
CA ALA C 76 10.01 -31.52 32.43
C ALA C 76 9.31 -32.59 33.26
N LYS C 77 8.09 -32.27 33.68
CA LYS C 77 7.30 -33.26 34.42
C LYS C 77 6.17 -33.81 33.58
N SER C 78 6.10 -33.40 32.31
CA SER C 78 5.14 -33.95 31.37
C SER C 78 5.82 -34.16 30.02
N TYR C 79 5.37 -35.16 29.28
CA TYR C 79 5.97 -35.49 27.99
C TYR C 79 4.89 -35.94 27.01
N ARG C 80 4.84 -35.29 25.85
CA ARG C 80 3.85 -35.63 24.82
C ARG C 80 4.58 -36.38 23.71
N PHE C 81 4.08 -37.56 23.35
CA PHE C 81 4.72 -38.39 22.33
C PHE C 81 3.63 -39.21 21.67
N SER C 82 3.94 -39.88 20.57
CA SER C 82 2.93 -40.65 19.88
C SER C 82 3.26 -42.14 19.83
N ILE C 83 2.20 -42.92 19.58
CA ILE C 83 2.32 -44.36 19.41
C ILE C 83 2.30 -44.62 17.91
N SER C 84 3.26 -45.39 17.41
CA SER C 84 3.27 -45.78 16.01
C SER C 84 2.27 -46.91 15.82
N TRP C 85 1.12 -46.63 15.22
CA TRP C 85 0.08 -47.65 15.00
C TRP C 85 0.62 -48.97 14.44
N SER C 86 1.51 -48.87 13.47
CA SER C 86 2.05 -50.05 12.78
C SER C 86 3.06 -50.84 13.61
N ARG C 87 3.42 -50.33 14.78
CA ARG C 87 4.15 -51.14 15.74
C ARG C 87 3.17 -52.00 16.52
N ILE C 88 1.92 -51.56 16.63
CA ILE C 88 0.92 -52.23 17.44
C ILE C 88 0.14 -53.27 16.62
N ILE C 89 -0.30 -52.88 15.44
CA ILE C 89 -0.97 -53.78 14.50
C ILE C 89 -0.27 -53.51 13.15
N PRO C 90 0.76 -54.30 12.81
CA PRO C 90 1.54 -53.97 11.62
C PRO C 90 0.76 -53.69 10.34
N GLU C 91 -0.28 -54.48 10.06
CA GLU C 91 -1.14 -54.23 8.90
C GLU C 91 -2.21 -53.20 9.17
N GLY C 92 -2.55 -53.00 10.43
CA GLY C 92 -3.41 -51.91 10.88
C GLY C 92 -4.83 -52.20 11.28
N GLY C 93 -5.44 -53.20 10.64
CA GLY C 93 -6.86 -53.50 10.78
C GLY C 93 -7.29 -54.30 12.00
N ARG C 94 -8.58 -54.19 12.30
CA ARG C 94 -9.19 -54.89 13.41
C ARG C 94 -9.15 -56.42 13.29
N GLY C 95 -8.89 -56.91 12.08
CA GLY C 95 -8.86 -58.33 11.78
C GLY C 95 -7.45 -58.87 11.67
N ASP C 96 -6.47 -57.98 11.86
CA ASP C 96 -5.06 -58.30 11.66
C ASP C 96 -4.38 -58.69 12.97
N ALA C 97 -3.25 -59.35 12.85
CA ALA C 97 -2.48 -59.77 14.01
C ALA C 97 -1.89 -58.58 14.77
N VAL C 98 -1.96 -58.67 16.09
CA VAL C 98 -1.33 -57.69 16.96
C VAL C 98 0.15 -58.07 17.05
N ASN C 99 0.96 -57.06 17.38
CA ASN C 99 2.40 -57.22 17.55
C ASN C 99 2.69 -56.95 19.02
N GLN C 100 2.78 -58.04 19.80
CA GLN C 100 2.91 -57.90 21.24
C GLN C 100 4.22 -57.21 21.63
N ALA C 101 5.27 -57.39 20.84
CA ALA C 101 6.52 -56.67 21.09
C ALA C 101 6.33 -55.16 21.07
N GLY C 102 5.42 -54.67 20.21
CA GLY C 102 5.21 -53.23 20.12
C GLY C 102 4.45 -52.72 21.32
N ILE C 103 3.40 -53.46 21.67
CA ILE C 103 2.61 -53.12 22.86
C ILE C 103 3.54 -53.12 24.06
N ASP C 104 4.35 -54.16 24.20
CA ASP C 104 5.27 -54.29 25.33
C ASP C 104 6.20 -53.08 25.49
N HIS C 105 6.73 -52.61 24.35
CA HIS C 105 7.63 -51.46 24.31
C HIS C 105 7.01 -50.24 24.97
N TYR C 106 5.78 -49.93 24.59
CA TYR C 106 5.14 -48.72 25.09
C TYR C 106 4.65 -48.86 26.52
N VAL C 107 4.16 -50.04 26.92
CA VAL C 107 3.84 -50.31 28.31
C VAL C 107 5.07 -50.05 29.17
N LYS C 108 6.22 -50.59 28.78
CA LYS C 108 7.44 -50.36 29.53
C LYS C 108 7.84 -48.89 29.56
N PHE C 109 7.74 -48.22 28.42
CA PHE C 109 8.10 -46.80 28.33
C PHE C 109 7.26 -45.98 29.31
N VAL C 110 5.95 -46.19 29.31
CA VAL C 110 5.04 -45.45 30.19
C VAL C 110 5.36 -45.74 31.66
N ASP C 111 5.60 -46.99 32.00
CA ASP C 111 6.05 -47.33 33.36
C ASP C 111 7.33 -46.60 33.72
N ASP C 112 8.27 -46.55 32.79
CA ASP C 112 9.54 -45.86 33.04
C ASP C 112 9.35 -44.35 33.19
N LEU C 113 8.47 -43.75 32.40
CA LEU C 113 8.21 -42.32 32.51
C LEU C 113 7.63 -41.98 33.86
N LEU C 114 6.62 -42.75 34.24
CA LEU C 114 5.93 -42.57 35.52
C LEU C 114 6.88 -42.79 36.71
N ASP C 115 7.76 -43.78 36.61
CA ASP C 115 8.75 -44.06 37.65
C ASP C 115 9.67 -42.87 37.89
N ALA C 116 9.93 -42.12 36.83
CA ALA C 116 10.73 -40.91 36.84
C ALA C 116 9.90 -39.67 37.12
N GLY C 117 8.62 -39.86 37.39
CA GLY C 117 7.73 -38.74 37.73
C GLY C 117 7.34 -37.85 36.57
N ILE C 118 7.25 -38.42 35.37
CA ILE C 118 6.88 -37.69 34.16
C ILE C 118 5.54 -38.24 33.70
N THR C 119 4.58 -37.35 33.46
CA THR C 119 3.22 -37.71 33.07
C THR C 119 3.13 -37.80 31.54
N PRO C 120 2.72 -38.97 31.03
CA PRO C 120 2.59 -39.07 29.57
C PRO C 120 1.34 -38.41 29.01
N PHE C 121 1.51 -37.73 27.88
CA PHE C 121 0.38 -37.20 27.11
C PHE C 121 0.53 -37.90 25.76
N ILE C 122 -0.38 -38.81 25.45
CA ILE C 122 -0.15 -39.72 24.33
C ILE C 122 -1.04 -39.51 23.11
N THR C 123 -0.39 -39.30 21.96
CA THR C 123 -1.08 -39.15 20.68
C THR C 123 -1.20 -40.51 20.00
N LEU C 124 -2.41 -40.91 19.65
CA LEU C 124 -2.65 -42.19 18.98
C LEU C 124 -2.26 -42.14 17.50
N PHE C 125 -2.59 -41.04 16.83
CA PHE C 125 -2.35 -40.90 15.40
C PHE C 125 -1.58 -39.64 15.06
N HIS C 126 -0.32 -39.81 14.71
CA HIS C 126 0.51 -38.68 14.32
C HIS C 126 1.01 -38.92 12.90
N TRP C 127 0.03 -39.11 12.02
CA TRP C 127 0.13 -39.15 10.56
C TRP C 127 0.59 -40.46 9.96
N ASP C 128 1.13 -41.35 10.80
CA ASP C 128 1.72 -42.60 10.34
C ASP C 128 0.72 -43.74 10.17
N LEU C 129 -0.28 -43.54 9.30
CA LEU C 129 -1.27 -44.58 8.99
C LEU C 129 -0.55 -45.84 8.51
N PRO C 130 -0.95 -47.04 8.98
CA PRO C 130 -0.33 -48.24 8.43
C PRO C 130 -0.63 -48.35 6.95
N GLU C 131 0.42 -48.63 6.16
CA GLU C 131 0.29 -48.76 4.72
C GLU C 131 -0.68 -49.89 4.34
N GLY C 132 -0.79 -50.94 5.16
CA GLY C 132 -1.76 -52.01 4.89
C GLY C 132 -3.18 -51.51 4.74
N LEU C 133 -3.55 -50.51 5.53
CA LEU C 133 -4.90 -49.93 5.50
C LEU C 133 -5.09 -49.06 4.26
N HIS C 134 -4.04 -48.31 3.91
CA HIS C 134 -4.05 -47.50 2.69
C HIS C 134 -4.26 -48.39 1.47
N GLN C 135 -3.54 -49.50 1.42
CA GLN C 135 -3.68 -50.48 0.35
C GLN C 135 -4.97 -51.29 0.36
N ARG C 136 -5.49 -51.59 1.55
CA ARG C 136 -6.66 -52.44 1.68
C ARG C 136 -7.93 -51.77 1.18
N TYR C 137 -8.12 -50.51 1.57
CA TYR C 137 -9.39 -49.85 1.31
C TYR C 137 -9.29 -48.34 1.09
N GLY C 138 -8.08 -47.84 0.85
CA GLY C 138 -7.88 -46.41 0.68
C GLY C 138 -7.66 -45.60 1.94
N GLY C 139 -7.39 -46.29 3.04
CA GLY C 139 -7.03 -45.63 4.30
C GLY C 139 -8.02 -44.58 4.75
N LEU C 140 -7.53 -43.35 4.92
CA LEU C 140 -8.31 -42.24 5.44
C LEU C 140 -9.48 -41.84 4.56
N LEU C 141 -9.49 -42.32 3.33
CA LEU C 141 -10.59 -42.01 2.42
C LEU C 141 -11.86 -42.81 2.70
N ASN C 142 -11.73 -43.86 3.50
CA ASN C 142 -12.85 -44.77 3.68
C ASN C 142 -13.69 -44.42 4.89
N ARG C 143 -14.91 -43.95 4.61
CA ARG C 143 -15.85 -43.48 5.62
C ARG C 143 -16.32 -44.57 6.59
N THR C 144 -16.31 -45.82 6.16
CA THR C 144 -16.79 -46.88 7.03
C THR C 144 -15.65 -47.68 7.67
N GLU C 145 -14.71 -48.11 6.83
CA GLU C 145 -13.60 -48.94 7.29
C GLU C 145 -12.64 -48.21 8.22
N PHE C 146 -12.29 -46.97 7.90
CA PHE C 146 -11.31 -46.27 8.72
C PHE C 146 -11.70 -46.03 10.18
N PRO C 147 -12.92 -45.52 10.45
CA PRO C 147 -13.36 -45.33 11.83
C PRO C 147 -13.42 -46.65 12.61
N LEU C 148 -13.86 -47.73 11.98
CA LEU C 148 -13.84 -49.04 12.64
C LEU C 148 -12.43 -49.47 13.04
N ASP C 149 -11.47 -49.33 12.12
CA ASP C 149 -10.10 -49.71 12.45
C ASP C 149 -9.46 -48.77 13.45
N PHE C 150 -9.78 -47.48 13.36
CA PHE C 150 -9.21 -46.53 14.33
C PHE C 150 -9.73 -46.81 15.73
N GLU C 151 -11.04 -47.00 15.87
CA GLU C 151 -11.61 -47.32 17.19
C GLU C 151 -10.99 -48.57 17.80
N ASN C 152 -10.76 -49.58 16.96
CA ASN C 152 -10.18 -50.84 17.41
C ASN C 152 -8.79 -50.59 17.97
N TYR C 153 -7.96 -49.90 17.19
CA TYR C 153 -6.61 -49.50 17.59
C TYR C 153 -6.60 -48.71 18.90
N ALA C 154 -7.48 -47.72 18.99
CA ALA C 154 -7.59 -46.93 20.22
C ALA C 154 -7.88 -47.82 21.42
N ARG C 155 -8.83 -48.75 21.27
CA ARG C 155 -9.16 -49.65 22.36
C ARG C 155 -7.99 -50.55 22.78
N VAL C 156 -7.22 -51.02 21.80
CA VAL C 156 -6.01 -51.78 22.11
C VAL C 156 -5.08 -50.98 23.03
N MET C 157 -4.83 -49.73 22.67
CA MET C 157 -4.00 -48.87 23.52
C MET C 157 -4.63 -48.52 24.86
N PHE C 158 -5.95 -48.26 24.88
CA PHE C 158 -6.56 -47.98 26.17
C PHE C 158 -6.40 -49.16 27.15
N ARG C 159 -6.57 -50.37 26.62
CA ARG C 159 -6.46 -51.58 27.41
C ARG C 159 -5.01 -51.79 27.84
N ALA C 160 -4.08 -51.50 26.93
CA ALA C 160 -2.67 -51.75 27.20
C ALA C 160 -2.02 -50.78 28.19
N LEU C 161 -2.52 -49.54 28.20
CA LEU C 161 -1.94 -48.46 29.00
C LEU C 161 -2.94 -47.83 29.99
N PRO C 162 -3.45 -48.63 30.95
CA PRO C 162 -4.44 -48.07 31.86
C PRO C 162 -3.87 -46.99 32.80
N LYS C 163 -2.55 -46.90 32.93
CA LYS C 163 -1.95 -45.85 33.77
C LYS C 163 -1.98 -44.45 33.13
N VAL C 164 -2.20 -44.40 31.83
CA VAL C 164 -2.25 -43.13 31.08
C VAL C 164 -3.57 -42.44 31.39
N ARG C 165 -3.54 -41.12 31.55
CA ARG C 165 -4.74 -40.33 31.84
C ARG C 165 -4.97 -39.22 30.83
N ASN C 166 -3.98 -38.96 29.97
CA ASN C 166 -4.10 -37.87 29.02
C ASN C 166 -3.88 -38.39 27.61
N TRP C 167 -4.98 -38.42 26.85
CA TRP C 167 -4.99 -38.98 25.51
C TRP C 167 -5.34 -37.96 24.44
N ILE C 168 -4.66 -38.12 23.30
CA ILE C 168 -4.93 -37.36 22.09
C ILE C 168 -5.23 -38.34 20.96
N THR C 169 -6.33 -38.10 20.24
CA THR C 169 -6.70 -38.94 19.11
C THR C 169 -5.81 -38.68 17.90
N PHE C 170 -5.97 -37.52 17.27
CA PHE C 170 -5.21 -37.19 16.08
C PHE C 170 -4.40 -35.92 16.30
N ASN C 171 -3.20 -35.88 15.74
CA ASN C 171 -2.40 -34.66 15.70
C ASN C 171 -2.64 -33.99 14.35
N GLU C 172 -3.18 -32.77 14.35
CA GLU C 172 -3.25 -31.95 13.16
C GLU C 172 -3.89 -32.63 11.94
N PRO C 173 -5.18 -32.97 12.05
CA PRO C 173 -5.89 -33.57 10.93
C PRO C 173 -5.81 -32.76 9.63
N LEU C 174 -5.76 -31.43 9.71
CA LEU C 174 -5.57 -30.62 8.50
C LEU C 174 -4.33 -31.07 7.72
N CYS C 175 -3.23 -31.37 8.42
CA CYS C 175 -1.99 -31.77 7.76
C CYS C 175 -2.12 -33.12 7.06
N SER C 176 -2.88 -34.01 7.67
CA SER C 176 -3.19 -35.31 7.06
C SER C 176 -4.03 -35.10 5.81
N ALA C 177 -4.94 -34.13 5.89
CA ALA C 177 -5.89 -33.94 4.79
C ALA C 177 -5.42 -33.10 3.59
N ILE C 178 -4.98 -31.87 3.83
CA ILE C 178 -4.61 -30.98 2.72
C ILE C 178 -3.26 -31.34 2.08
N PRO C 179 -2.16 -31.31 2.85
CA PRO C 179 -0.90 -31.75 2.25
C PRO C 179 -0.93 -33.19 1.77
N GLY C 180 -1.73 -34.04 2.41
CA GLY C 180 -1.74 -35.46 2.04
C GLY C 180 -2.57 -35.81 0.82
N TYR C 181 -3.65 -35.06 0.60
CA TYR C 181 -4.64 -35.42 -0.41
C TYR C 181 -5.01 -34.25 -1.33
N GLY C 182 -4.55 -33.05 -1.00
CA GLY C 182 -4.77 -31.85 -1.79
C GLY C 182 -3.54 -31.48 -2.61
N SER C 183 -2.45 -31.16 -1.93
CA SER C 183 -1.22 -30.76 -2.60
C SER C 183 -0.24 -31.89 -2.86
N GLY C 184 -0.37 -33.00 -2.15
CA GLY C 184 0.54 -34.14 -2.34
C GLY C 184 1.91 -33.96 -1.73
N THR C 185 2.09 -32.92 -0.92
CA THR C 185 3.40 -32.67 -0.32
C THR C 185 3.72 -33.61 0.84
N PHE C 186 2.69 -34.15 1.48
CA PHE C 186 2.82 -35.11 2.59
C PHE C 186 2.22 -36.45 2.16
N ALA C 187 2.59 -37.53 2.85
CA ALA C 187 2.03 -38.85 2.57
C ALA C 187 0.51 -38.81 2.67
N PRO C 188 -0.20 -39.54 1.80
CA PRO C 188 0.27 -40.42 0.72
C PRO C 188 0.64 -39.75 -0.61
N GLY C 189 0.64 -38.43 -0.67
CA GLY C 189 1.10 -37.72 -1.86
C GLY C 189 0.05 -37.60 -2.94
N ARG C 190 -1.21 -37.62 -2.53
CA ARG C 190 -2.31 -37.48 -3.48
C ARG C 190 -2.70 -36.03 -3.73
N GLN C 191 -3.30 -35.80 -4.89
CA GLN C 191 -3.74 -34.45 -5.26
C GLN C 191 -5.17 -34.49 -5.79
N SER C 192 -6.06 -33.85 -5.03
CA SER C 192 -7.48 -33.83 -5.37
C SER C 192 -8.12 -32.55 -4.87
N THR C 193 -9.14 -32.07 -5.59
CA THR C 193 -9.92 -30.93 -5.12
C THR C 193 -11.01 -31.40 -4.17
N SER C 194 -11.18 -32.71 -4.02
CA SER C 194 -12.23 -33.28 -3.17
C SER C 194 -11.79 -34.15 -1.99
N GLU C 195 -10.71 -34.90 -2.17
CA GLU C 195 -10.22 -35.82 -1.14
C GLU C 195 -9.92 -35.20 0.23
N PRO C 196 -9.33 -33.99 0.29
CA PRO C 196 -9.10 -33.47 1.65
C PRO C 196 -10.36 -33.32 2.51
N TRP C 197 -11.47 -32.96 1.86
CA TRP C 197 -12.72 -32.76 2.57
C TRP C 197 -13.32 -34.09 3.01
N THR C 198 -13.14 -35.12 2.18
CA THR C 198 -13.53 -36.49 2.55
C THR C 198 -12.72 -36.97 3.74
N VAL C 199 -11.40 -36.81 3.66
CA VAL C 199 -10.48 -37.23 4.71
C VAL C 199 -10.78 -36.58 6.06
N GLY C 200 -10.98 -35.27 6.07
CA GLY C 200 -11.27 -34.53 7.29
C GLY C 200 -12.51 -35.09 7.95
N HIS C 201 -13.54 -35.35 7.16
CA HIS C 201 -14.75 -35.94 7.70
C HIS C 201 -14.52 -37.31 8.37
N ASN C 202 -13.75 -38.17 7.71
CA ASN C 202 -13.50 -39.50 8.25
C ASN C 202 -12.66 -39.45 9.53
N ILE C 203 -11.76 -38.48 9.57
CA ILE C 203 -10.95 -38.32 10.76
C ILE C 203 -11.87 -37.88 11.90
N LEU C 204 -12.78 -36.94 11.64
CA LEU C 204 -13.68 -36.52 12.72
C LEU C 204 -14.52 -37.66 13.28
N VAL C 205 -15.06 -38.50 12.39
CA VAL C 205 -15.88 -39.63 12.80
C VAL C 205 -15.00 -40.62 13.55
N ALA C 206 -13.80 -40.90 13.06
CA ALA C 206 -12.89 -41.82 13.75
C ALA C 206 -12.57 -41.32 15.16
N HIS C 207 -12.28 -40.03 15.25
CA HIS C 207 -12.09 -39.36 16.53
C HIS C 207 -13.31 -39.53 17.42
N GLY C 208 -14.52 -39.27 16.91
CA GLY C 208 -15.72 -39.46 17.73
C GLY C 208 -15.88 -40.87 18.28
N ARG C 209 -15.62 -41.87 17.43
CA ARG C 209 -15.72 -43.26 17.86
C ARG C 209 -14.73 -43.57 18.97
N ALA C 210 -13.49 -43.09 18.81
CA ALA C 210 -12.44 -43.35 19.79
C ALA C 210 -12.76 -42.67 21.12
N VAL C 211 -13.24 -41.43 21.04
CA VAL C 211 -13.67 -40.70 22.23
C VAL C 211 -14.80 -41.42 22.97
N LYS C 212 -15.83 -41.84 22.22
CA LYS C 212 -16.93 -42.59 22.82
C LYS C 212 -16.45 -43.87 23.53
N ALA C 213 -15.52 -44.59 22.91
CA ALA C 213 -14.95 -45.82 23.46
C ALA C 213 -14.22 -45.51 24.77
N TYR C 214 -13.42 -44.44 24.77
CA TYR C 214 -12.72 -44.02 25.98
C TYR C 214 -13.68 -43.66 27.10
N ARG C 215 -14.60 -42.73 26.83
CA ARG C 215 -15.52 -42.26 27.85
C ARG C 215 -16.40 -43.36 28.44
N ASP C 216 -16.82 -44.27 27.58
CA ASP C 216 -17.74 -45.34 27.99
C ASP C 216 -17.07 -46.48 28.74
N ASP C 217 -15.89 -46.89 28.28
CA ASP C 217 -15.32 -48.15 28.72
C ASP C 217 -14.00 -48.08 29.48
N PHE C 218 -13.37 -46.91 29.55
CA PHE C 218 -12.07 -46.77 30.19
C PHE C 218 -11.88 -45.60 31.16
N LYS C 219 -12.54 -44.48 30.89
CA LYS C 219 -12.36 -43.24 31.65
C LYS C 219 -12.87 -43.42 33.08
N PRO C 220 -12.10 -42.98 34.09
CA PRO C 220 -12.60 -43.05 35.46
C PRO C 220 -13.86 -42.22 35.69
N ALA C 221 -14.73 -42.66 36.61
CA ALA C 221 -15.93 -41.90 36.91
C ALA C 221 -15.60 -40.60 37.64
N SER C 222 -14.37 -40.53 38.16
CA SER C 222 -13.82 -39.34 38.81
C SER C 222 -13.02 -38.55 37.78
N GLY C 223 -12.96 -37.24 37.99
CA GLY C 223 -12.29 -36.33 37.04
C GLY C 223 -10.78 -36.43 36.93
N ASP C 224 -10.29 -37.45 36.25
CA ASP C 224 -8.86 -37.55 35.95
C ASP C 224 -8.58 -37.76 34.45
N GLY C 225 -8.91 -38.93 33.92
CA GLY C 225 -8.69 -39.23 32.50
C GLY C 225 -9.35 -38.26 31.55
N GLN C 226 -8.71 -38.00 30.40
CA GLN C 226 -9.28 -37.06 29.41
C GLN C 226 -8.74 -37.33 28.02
N ILE C 227 -9.56 -36.99 27.03
CA ILE C 227 -9.22 -37.25 25.63
C ILE C 227 -9.69 -36.10 24.76
N GLY C 228 -8.94 -35.82 23.70
CA GLY C 228 -9.28 -34.76 22.78
C GLY C 228 -8.43 -34.83 21.52
N ILE C 229 -8.75 -33.95 20.57
CA ILE C 229 -8.01 -33.87 19.31
C ILE C 229 -7.04 -32.69 19.41
N VAL C 230 -6.00 -32.74 18.58
CA VAL C 230 -5.06 -31.63 18.47
C VAL C 230 -5.16 -30.97 17.10
N LEU C 231 -5.42 -29.66 17.13
CA LEU C 231 -5.66 -28.86 15.93
C LEU C 231 -4.61 -27.77 15.83
N ASN C 232 -3.98 -27.65 14.66
CA ASN C 232 -3.14 -26.48 14.41
C ASN C 232 -3.94 -25.31 13.90
N GLY C 233 -3.28 -24.17 13.77
CA GLY C 233 -3.95 -22.94 13.39
C GLY C 233 -3.02 -21.79 13.73
N ASP C 234 -2.78 -20.99 12.71
CA ASP C 234 -1.95 -19.81 12.84
C ASP C 234 -2.89 -18.62 12.76
N PHE C 235 -2.56 -17.56 13.50
CA PHE C 235 -3.53 -16.47 13.60
C PHE C 235 -3.56 -15.62 12.34
N THR C 236 -4.60 -14.80 12.23
CA THR C 236 -4.78 -13.98 11.04
C THR C 236 -5.04 -12.51 11.37
N TYR C 237 -4.38 -11.65 10.61
CA TYR C 237 -4.55 -10.20 10.70
C TYR C 237 -4.98 -9.69 9.33
N PRO C 238 -5.92 -8.74 9.29
CA PRO C 238 -6.34 -8.24 7.98
C PRO C 238 -5.20 -7.54 7.24
N TRP C 239 -5.09 -7.75 5.93
CA TRP C 239 -4.04 -7.08 5.17
C TRP C 239 -4.26 -5.56 5.19
N ASP C 240 -5.50 -5.12 4.97
CA ASP C 240 -5.86 -3.70 5.09
C ASP C 240 -6.92 -3.72 6.18
N ALA C 241 -6.50 -3.34 7.38
CA ALA C 241 -7.35 -3.38 8.55
C ALA C 241 -8.61 -2.53 8.42
N ALA C 242 -8.54 -1.51 7.56
CA ALA C 242 -9.65 -0.59 7.39
C ALA C 242 -10.64 -1.06 6.32
N ASP C 243 -10.40 -2.24 5.74
CA ASP C 243 -11.32 -2.80 4.75
C ASP C 243 -12.08 -3.94 5.39
N PRO C 244 -13.41 -3.80 5.53
CA PRO C 244 -14.20 -4.89 6.11
C PRO C 244 -14.01 -6.21 5.41
N ALA C 245 -13.72 -6.18 4.11
CA ALA C 245 -13.53 -7.40 3.35
C ALA C 245 -12.30 -8.18 3.84
N ASP C 246 -11.27 -7.50 4.34
CA ASP C 246 -10.07 -8.18 4.77
C ASP C 246 -10.29 -8.69 6.20
N LYS C 247 -11.15 -7.99 6.95
CA LYS C 247 -11.51 -8.44 8.28
C LYS C 247 -12.32 -9.73 8.17
N GLU C 248 -13.30 -9.76 7.27
CA GLU C 248 -14.04 -10.98 6.97
C GLU C 248 -13.12 -12.09 6.44
N ALA C 249 -12.18 -11.75 5.57
CA ALA C 249 -11.25 -12.73 4.98
C ALA C 249 -10.37 -13.36 6.04
N ALA C 250 -9.88 -12.56 6.98
CA ALA C 250 -9.04 -13.07 8.06
C ALA C 250 -9.84 -14.06 8.93
N GLU C 251 -11.11 -13.75 9.19
CA GLU C 251 -11.99 -14.63 9.96
C GLU C 251 -12.27 -15.93 9.21
N ARG C 252 -12.56 -15.82 7.91
CA ARG C 252 -12.86 -16.98 7.07
C ARG C 252 -11.66 -17.90 6.95
N ARG C 253 -10.47 -17.31 6.89
CA ARG C 253 -9.25 -18.12 6.90
C ARG C 253 -9.15 -19.00 8.14
N LEU C 254 -9.43 -18.43 9.31
CA LEU C 254 -9.43 -19.19 10.56
C LEU C 254 -10.47 -20.29 10.54
N GLU C 255 -11.59 -20.02 9.88
CA GLU C 255 -12.63 -21.03 9.78
C GLU C 255 -12.17 -22.23 8.96
N PHE C 256 -11.51 -21.97 7.83
CA PHE C 256 -11.00 -23.04 6.99
C PHE C 256 -9.77 -23.71 7.60
N PHE C 257 -9.06 -23.06 8.51
CA PHE C 257 -7.83 -23.64 9.05
C PHE C 257 -8.20 -24.55 10.22
N THR C 258 -9.06 -24.04 11.09
CA THR C 258 -9.27 -24.65 12.39
C THR C 258 -10.72 -24.96 12.76
N ALA C 259 -11.63 -24.04 12.47
CA ALA C 259 -13.04 -24.27 12.73
C ALA C 259 -13.60 -25.43 11.91
N TRP C 260 -12.96 -25.72 10.77
CA TRP C 260 -13.23 -26.92 10.01
C TRP C 260 -13.42 -28.15 10.93
N PHE C 261 -12.53 -28.29 11.90
CA PHE C 261 -12.60 -29.41 12.84
C PHE C 261 -13.27 -29.01 14.13
N ALA C 262 -12.98 -27.80 14.63
CA ALA C 262 -13.54 -27.49 15.94
C ALA C 262 -15.03 -27.15 15.94
N ASP C 263 -15.56 -26.57 14.86
CA ASP C 263 -17.01 -26.30 14.83
C ASP C 263 -17.80 -27.62 14.96
N PRO C 264 -17.43 -28.67 14.21
CA PRO C 264 -18.17 -29.92 14.41
C PRO C 264 -18.09 -30.45 15.82
N ILE C 265 -16.90 -30.38 16.42
CA ILE C 265 -16.64 -30.87 17.76
C ILE C 265 -17.36 -30.06 18.84
N TYR C 266 -17.39 -28.74 18.73
CA TYR C 266 -18.03 -27.92 19.77
C TYR C 266 -19.45 -27.51 19.44
N LEU C 267 -19.70 -27.23 18.16
CA LEU C 267 -20.97 -26.61 17.78
C LEU C 267 -21.95 -27.52 17.04
N GLY C 268 -21.45 -28.60 16.45
CA GLY C 268 -22.32 -29.57 15.78
C GLY C 268 -22.26 -29.69 14.27
N ASP C 269 -21.59 -28.78 13.58
CA ASP C 269 -21.44 -28.96 12.14
C ASP C 269 -20.29 -28.09 11.62
N TYR C 270 -19.96 -28.20 10.34
CA TYR C 270 -18.93 -27.37 9.72
C TYR C 270 -19.28 -25.88 9.64
N PRO C 271 -18.26 -25.02 9.53
CA PRO C 271 -18.53 -23.60 9.32
C PRO C 271 -19.35 -23.34 8.05
N ALA C 272 -20.30 -22.40 8.16
CA ALA C 272 -21.13 -22.03 7.02
C ALA C 272 -20.29 -21.61 5.80
N SER C 273 -19.21 -20.88 6.04
CA SER C 273 -18.30 -20.42 4.98
C SER C 273 -17.72 -21.59 4.17
N MET C 274 -17.49 -22.71 4.85
CA MET C 274 -16.97 -23.88 4.15
C MET C 274 -18.03 -24.56 3.30
N ARG C 275 -19.27 -24.61 3.79
CA ARG C 275 -20.36 -25.22 3.02
C ARG C 275 -20.58 -24.38 1.76
N LYS C 276 -20.52 -23.06 1.91
CA LYS C 276 -20.69 -22.13 0.78
C LYS C 276 -19.67 -22.39 -0.32
N GLN C 277 -18.40 -22.49 0.05
CA GLN C 277 -17.36 -22.64 -0.96
C GLN C 277 -17.27 -24.04 -1.58
N LEU C 278 -17.39 -25.06 -0.74
CA LEU C 278 -17.12 -26.44 -1.13
C LEU C 278 -18.32 -27.24 -1.58
N GLY C 279 -19.50 -26.82 -1.14
CA GLY C 279 -20.75 -27.50 -1.46
C GLY C 279 -20.75 -28.99 -1.23
N ASP C 280 -21.10 -29.74 -2.26
CA ASP C 280 -21.23 -31.18 -2.12
C ASP C 280 -19.90 -31.91 -1.87
N ARG C 281 -18.78 -31.22 -2.05
CA ARG C 281 -17.48 -31.81 -1.73
C ARG C 281 -17.25 -31.99 -0.22
N LEU C 282 -17.95 -31.19 0.58
CA LEU C 282 -17.89 -31.27 2.03
C LEU C 282 -19.03 -32.18 2.50
N PRO C 283 -18.70 -33.31 3.18
CA PRO C 283 -19.75 -34.23 3.59
C PRO C 283 -20.80 -33.67 4.55
N THR C 284 -21.97 -34.31 4.50
CA THR C 284 -23.08 -34.00 5.38
C THR C 284 -23.03 -35.01 6.50
N PHE C 285 -23.09 -34.52 7.73
CA PHE C 285 -23.10 -35.41 8.89
C PHE C 285 -24.42 -36.15 8.94
N THR C 286 -24.33 -37.45 9.23
CA THR C 286 -25.54 -38.22 9.49
C THR C 286 -25.88 -37.90 10.95
N PRO C 287 -27.13 -38.16 11.37
CA PRO C 287 -27.46 -37.98 12.79
C PRO C 287 -26.53 -38.79 13.71
N GLU C 288 -26.23 -40.02 13.31
CA GLU C 288 -25.27 -40.87 14.01
C GLU C 288 -23.89 -40.21 14.12
N GLU C 289 -23.42 -39.68 13.00
CA GLU C 289 -22.08 -39.07 13.02
C GLU C 289 -22.02 -37.83 13.90
N ARG C 290 -23.07 -37.01 13.84
CA ARG C 290 -23.15 -35.79 14.64
C ARG C 290 -23.14 -36.13 16.13
N ALA C 291 -23.89 -37.17 16.52
CA ALA C 291 -23.90 -37.61 17.91
C ALA C 291 -22.53 -38.07 18.42
N LEU C 292 -21.72 -38.61 17.52
CA LEU C 292 -20.35 -39.01 17.87
C LEU C 292 -19.38 -37.85 17.96
N VAL C 293 -19.52 -36.92 17.03
CA VAL C 293 -18.57 -35.82 16.92
C VAL C 293 -18.88 -34.64 17.84
N HIS C 294 -20.15 -34.23 17.92
CA HIS C 294 -20.53 -33.06 18.71
C HIS C 294 -20.33 -33.34 20.20
N GLY C 295 -19.44 -32.60 20.85
CA GLY C 295 -19.15 -32.81 22.27
C GLY C 295 -17.98 -33.72 22.58
N SER C 296 -17.23 -34.05 21.53
CA SER C 296 -16.16 -35.04 21.63
C SER C 296 -14.77 -34.58 22.10
N ASN C 297 -14.60 -33.35 22.59
CA ASN C 297 -13.36 -32.93 23.23
C ASN C 297 -13.48 -32.78 24.74
N ASP C 298 -12.70 -33.53 25.53
CA ASP C 298 -12.65 -33.26 26.97
C ASP C 298 -11.81 -32.02 27.22
N PHE C 299 -10.86 -31.76 26.31
CA PHE C 299 -10.03 -30.55 26.33
C PHE C 299 -9.79 -30.15 24.87
N TYR C 300 -9.27 -28.94 24.69
CA TYR C 300 -8.91 -28.46 23.35
C TYR C 300 -7.39 -28.59 23.23
N GLY C 301 -6.95 -29.42 22.30
CA GLY C 301 -5.53 -29.59 22.04
C GLY C 301 -5.12 -28.60 20.97
N MET C 302 -4.14 -27.75 21.27
CA MET C 302 -3.73 -26.67 20.35
C MET C 302 -2.27 -26.72 19.91
N ASN C 303 -2.02 -26.80 18.61
CA ASN C 303 -0.67 -26.56 18.10
C ASN C 303 -0.67 -25.18 17.48
N HIS C 304 0.34 -24.36 17.76
CA HIS C 304 0.37 -22.99 17.25
C HIS C 304 1.80 -22.56 17.00
N TYR C 305 2.02 -21.85 15.90
CA TYR C 305 3.39 -21.44 15.56
C TYR C 305 3.57 -20.00 15.10
N THR C 306 2.62 -19.51 14.32
CA THR C 306 2.81 -18.26 13.59
C THR C 306 1.50 -17.54 13.28
N SER C 307 1.63 -16.44 12.54
CA SER C 307 0.48 -15.64 12.11
C SER C 307 0.71 -15.14 10.69
N ASN C 308 -0.35 -14.69 10.02
CA ASN C 308 -0.22 -14.18 8.65
C ASN C 308 -1.18 -13.02 8.40
N TYR C 309 -0.87 -12.11 7.48
CA TYR C 309 -1.85 -11.13 7.02
C TYR C 309 -2.69 -11.82 5.95
N ILE C 310 -3.99 -11.52 5.95
CA ILE C 310 -4.92 -12.14 5.01
C ILE C 310 -5.59 -11.05 4.18
N ARG C 311 -5.52 -11.20 2.85
CA ARG C 311 -6.13 -10.25 1.92
C ARG C 311 -7.26 -10.92 1.15
N HIS C 312 -8.40 -10.25 1.02
CA HIS C 312 -9.50 -10.83 0.26
C HIS C 312 -9.20 -10.91 -1.23
N ARG C 313 -9.99 -11.70 -1.94
CA ARG C 313 -9.86 -11.80 -3.39
C ARG C 313 -11.20 -11.45 -4.03
N SER C 314 -11.13 -10.80 -5.19
CA SER C 314 -12.31 -10.35 -5.93
C SER C 314 -12.85 -11.42 -6.87
N SER C 315 -12.02 -12.41 -7.17
CA SER C 315 -12.39 -13.49 -8.07
C SER C 315 -13.09 -14.64 -7.35
N PRO C 316 -13.86 -15.45 -8.09
CA PRO C 316 -14.49 -16.63 -7.49
C PRO C 316 -13.44 -17.65 -7.03
N ALA C 317 -13.77 -18.44 -6.01
CA ALA C 317 -12.82 -19.44 -5.52
C ALA C 317 -12.57 -20.55 -6.55
N SER C 318 -11.30 -20.92 -6.70
CA SER C 318 -10.93 -21.99 -7.63
C SER C 318 -11.29 -23.33 -7.01
N ALA C 319 -11.45 -24.36 -7.84
CA ALA C 319 -11.71 -25.72 -7.37
C ALA C 319 -10.62 -26.21 -6.42
N ASP C 320 -9.38 -25.87 -6.72
CA ASP C 320 -8.22 -26.31 -5.94
C ASP C 320 -7.92 -25.47 -4.69
N ASP C 321 -8.75 -24.46 -4.45
CA ASP C 321 -8.58 -23.63 -3.25
C ASP C 321 -8.87 -24.44 -1.98
N THR C 322 -8.01 -24.29 -0.98
CA THR C 322 -8.22 -24.92 0.32
C THR C 322 -8.18 -23.96 1.50
N VAL C 323 -7.95 -22.67 1.25
CA VAL C 323 -7.72 -21.72 2.34
C VAL C 323 -8.90 -20.80 2.62
N GLY C 324 -9.90 -20.81 1.74
CA GLY C 324 -11.04 -19.94 1.83
C GLY C 324 -11.00 -18.73 0.90
N ASN C 325 -10.31 -18.89 -0.23
CA ASN C 325 -10.26 -17.87 -1.26
C ASN C 325 -9.66 -16.54 -0.79
N VAL C 326 -8.51 -16.66 -0.13
CA VAL C 326 -7.77 -15.48 0.36
C VAL C 326 -6.29 -15.59 -0.01
N ASP C 327 -5.59 -14.45 0.03
CA ASP C 327 -4.14 -14.39 -0.18
C ASP C 327 -3.54 -14.47 1.24
N VAL C 328 -2.58 -15.36 1.44
CA VAL C 328 -1.90 -15.54 2.72
C VAL C 328 -0.52 -14.88 2.61
N LEU C 329 -0.31 -13.84 3.41
CA LEU C 329 0.81 -12.93 3.19
C LEU C 329 1.64 -12.67 4.44
N PHE C 330 2.85 -12.16 4.25
CA PHE C 330 3.79 -11.87 5.32
C PHE C 330 3.94 -10.38 5.55
N THR C 331 3.45 -9.57 4.62
CA THR C 331 3.47 -8.12 4.80
C THR C 331 2.07 -7.56 4.56
N ASN C 332 1.79 -6.41 5.18
CA ASN C 332 0.46 -5.80 5.09
C ASN C 332 0.45 -4.55 4.20
N LYS C 333 -0.70 -3.87 4.14
CA LYS C 333 -0.86 -2.70 3.29
C LYS C 333 0.14 -1.58 3.59
N GLN C 334 0.51 -1.45 4.87
CA GLN C 334 1.45 -0.43 5.31
C GLN C 334 2.91 -0.87 5.20
N GLY C 335 3.15 -2.09 4.71
CA GLY C 335 4.50 -2.61 4.58
C GLY C 335 5.11 -3.19 5.84
N ASN C 336 4.29 -3.35 6.87
CA ASN C 336 4.73 -4.05 8.09
C ASN C 336 4.82 -5.54 7.84
N CYS C 337 5.70 -6.18 8.62
CA CYS C 337 5.98 -7.60 8.49
C CYS C 337 5.58 -8.35 9.76
N ILE C 338 5.03 -9.55 9.59
CA ILE C 338 4.60 -10.40 10.69
C ILE C 338 5.77 -10.69 11.63
N GLY C 339 6.93 -10.96 11.07
CA GLY C 339 8.09 -11.26 11.92
C GLY C 339 9.26 -11.80 11.11
N PRO C 340 10.36 -12.11 11.80
CA PRO C 340 11.61 -12.52 11.15
C PRO C 340 11.54 -13.90 10.49
N GLU C 341 12.36 -14.09 9.45
CA GLU C 341 12.45 -15.37 8.75
C GLU C 341 13.03 -16.46 9.64
N THR C 342 12.56 -17.69 9.44
CA THR C 342 13.17 -18.87 10.06
C THR C 342 13.60 -19.79 8.93
N GLN C 343 13.88 -21.06 9.21
CA GLN C 343 14.23 -22.02 8.17
C GLN C 343 12.97 -22.49 7.44
N SER C 344 11.81 -22.25 8.05
CA SER C 344 10.52 -22.66 7.50
C SER C 344 9.84 -21.46 6.85
N PRO C 345 9.62 -21.49 5.53
CA PRO C 345 9.02 -20.34 4.84
C PRO C 345 7.68 -19.89 5.42
N TRP C 346 6.93 -20.86 5.93
CA TRP C 346 5.63 -20.62 6.57
C TRP C 346 5.66 -20.02 7.97
N LEU C 347 6.82 -20.06 8.64
CA LEU C 347 6.90 -19.72 10.06
C LEU C 347 7.63 -18.41 10.33
N ARG C 348 6.90 -17.40 10.78
CA ARG C 348 7.48 -16.13 11.25
C ARG C 348 7.04 -15.94 12.70
N PRO C 349 7.98 -15.79 13.63
CA PRO C 349 7.55 -15.59 15.02
C PRO C 349 6.68 -14.34 15.18
N CYS C 350 5.62 -14.49 15.96
CA CYS C 350 4.64 -13.43 16.19
C CYS C 350 3.90 -13.80 17.47
N ALA C 351 4.50 -13.44 18.61
CA ALA C 351 3.92 -13.85 19.88
C ALA C 351 2.51 -13.35 20.12
N ALA C 352 2.19 -12.15 19.64
CA ALA C 352 0.87 -11.57 19.84
C ALA C 352 -0.23 -12.44 19.24
N GLY C 353 0.09 -13.11 18.13
CA GLY C 353 -0.86 -13.98 17.44
C GLY C 353 -1.20 -15.21 18.27
N PHE C 354 -0.29 -15.61 19.15
CA PHE C 354 -0.53 -16.73 20.06
C PHE C 354 -1.55 -16.33 21.12
N ARG C 355 -1.34 -15.18 21.75
CA ARG C 355 -2.36 -14.66 22.65
C ARG C 355 -3.70 -14.55 21.92
N ASP C 356 -3.68 -14.02 20.70
CA ASP C 356 -4.94 -13.78 20.01
C ASP C 356 -5.65 -15.08 19.63
N PHE C 357 -4.88 -16.08 19.22
CA PHE C 357 -5.46 -17.39 18.89
C PHE C 357 -6.08 -18.01 20.14
N LEU C 358 -5.38 -17.96 21.27
CA LEU C 358 -5.95 -18.47 22.52
C LEU C 358 -7.31 -17.84 22.83
N VAL C 359 -7.38 -16.53 22.66
CA VAL C 359 -8.62 -15.79 22.93
C VAL C 359 -9.70 -16.20 21.93
N TRP C 360 -9.32 -16.38 20.68
CA TRP C 360 -10.25 -16.76 19.60
C TRP C 360 -10.93 -18.09 19.90
N ILE C 361 -10.11 -19.07 20.25
CA ILE C 361 -10.63 -20.38 20.64
C ILE C 361 -11.59 -20.24 21.82
N SER C 362 -11.19 -19.45 22.81
CA SER C 362 -11.95 -19.39 24.05
C SER C 362 -13.32 -18.75 23.83
N LYS C 363 -13.35 -17.71 23.02
CA LYS C 363 -14.60 -17.01 22.75
C LYS C 363 -15.55 -17.84 21.89
N ARG C 364 -14.98 -18.52 20.89
CA ARG C 364 -15.78 -19.30 19.97
C ARG C 364 -16.28 -20.58 20.62
N TYR C 365 -15.49 -21.17 21.52
CA TYR C 365 -15.79 -22.51 22.02
C TYR C 365 -16.15 -22.61 23.50
N GLY C 366 -16.48 -21.47 24.12
CA GLY C 366 -16.90 -21.47 25.52
C GLY C 366 -15.89 -21.73 26.61
N TYR C 367 -14.69 -21.18 26.44
CA TYR C 367 -13.62 -21.27 27.45
C TYR C 367 -13.25 -22.71 27.82
N PRO C 368 -12.90 -23.54 26.81
CA PRO C 368 -12.50 -24.90 27.12
C PRO C 368 -11.11 -24.94 27.75
N PRO C 369 -10.81 -26.01 28.50
CA PRO C 369 -9.44 -26.21 28.99
C PRO C 369 -8.57 -26.46 27.76
N ILE C 370 -7.50 -25.68 27.66
CA ILE C 370 -6.63 -25.74 26.48
C ILE C 370 -5.26 -26.28 26.88
N TYR C 371 -4.79 -27.25 26.11
CA TYR C 371 -3.42 -27.71 26.23
C TYR C 371 -2.73 -27.29 24.94
N VAL C 372 -1.69 -26.46 25.10
CA VAL C 372 -0.84 -26.11 23.97
C VAL C 372 0.11 -27.28 23.79
N THR C 373 -0.22 -28.11 22.81
CA THR C 373 0.49 -29.36 22.53
C THR C 373 1.71 -29.29 21.61
N GLU C 374 1.90 -28.16 20.93
CA GLU C 374 3.11 -27.84 20.15
C GLU C 374 3.28 -26.32 20.02
N ASN C 375 4.49 -25.84 20.31
CA ASN C 375 4.88 -24.47 20.01
C ASN C 375 6.41 -24.46 19.98
N GLY C 376 6.99 -23.83 18.96
CA GLY C 376 8.44 -23.78 18.80
C GLY C 376 8.79 -23.21 17.45
N THR C 377 10.10 -23.18 17.16
CA THR C 377 10.61 -22.60 15.93
C THR C 377 11.87 -23.26 15.39
N SER C 378 12.09 -23.05 14.10
CA SER C 378 13.35 -23.35 13.46
C SER C 378 14.15 -22.05 13.42
N ILE C 379 15.40 -22.12 12.98
CA ILE C 379 16.25 -20.95 12.91
C ILE C 379 16.84 -21.01 11.51
N LYS C 380 16.73 -19.91 10.76
CA LYS C 380 17.23 -19.94 9.38
C LYS C 380 18.74 -20.23 9.34
N GLY C 381 19.13 -21.22 8.53
CA GLY C 381 20.53 -21.59 8.36
C GLY C 381 21.13 -22.39 9.50
N GLU C 382 20.29 -22.79 10.46
CA GLU C 382 20.78 -23.51 11.63
C GLU C 382 21.65 -24.72 11.28
N SER C 383 21.25 -25.51 10.28
CA SER C 383 22.00 -26.71 9.95
C SER C 383 23.37 -26.48 9.33
N ASP C 384 23.66 -25.23 8.98
CA ASP C 384 24.94 -24.88 8.38
C ASP C 384 25.90 -24.28 9.40
N LEU C 385 25.44 -24.17 10.65
CA LEU C 385 26.24 -23.56 11.71
C LEU C 385 27.21 -24.55 12.32
N PRO C 386 28.34 -24.05 12.84
CA PRO C 386 29.17 -24.96 13.64
C PRO C 386 28.40 -25.37 14.90
N LYS C 387 28.69 -26.57 15.38
CA LYS C 387 27.98 -27.14 16.54
C LYS C 387 27.93 -26.20 17.76
N GLU C 388 29.06 -25.58 18.08
CA GLU C 388 29.10 -24.61 19.17
C GLU C 388 28.09 -23.47 19.02
N LYS C 389 27.87 -23.02 17.78
CA LYS C 389 26.89 -21.98 17.51
C LYS C 389 25.46 -22.50 17.53
N ILE C 390 25.26 -23.78 17.15
CA ILE C 390 23.94 -24.39 17.20
C ILE C 390 23.43 -24.37 18.65
N LEU C 391 24.34 -24.64 19.58
CA LEU C 391 23.96 -24.71 20.98
C LEU C 391 23.59 -23.35 21.54
N GLU C 392 24.12 -22.25 21.01
CA GLU C 392 23.76 -20.92 21.50
C GLU C 392 22.56 -20.42 20.69
N ASP C 393 21.41 -21.05 20.88
CA ASP C 393 20.24 -20.74 20.05
C ASP C 393 19.36 -19.57 20.53
N ASP C 394 19.99 -18.40 20.68
CA ASP C 394 19.30 -17.20 21.12
C ASP C 394 17.95 -16.90 20.45
N PHE C 395 17.84 -17.12 19.14
CA PHE C 395 16.59 -16.87 18.43
C PHE C 395 15.46 -17.72 19.04
N ARG C 396 15.79 -18.98 19.34
CA ARG C 396 14.82 -19.89 19.95
C ARG C 396 14.51 -19.55 21.40
N VAL C 397 15.52 -19.17 22.18
CA VAL C 397 15.33 -18.74 23.55
C VAL C 397 14.32 -17.59 23.59
N LYS C 398 14.51 -16.62 22.71
CA LYS C 398 13.64 -15.45 22.60
C LYS C 398 12.23 -15.82 22.14
N TYR C 399 12.13 -16.75 21.19
CA TYR C 399 10.84 -17.26 20.76
C TYR C 399 10.07 -17.78 21.97
N TYR C 400 10.67 -18.68 22.73
CA TYR C 400 9.94 -19.24 23.87
C TYR C 400 9.60 -18.19 24.92
N ASN C 401 10.54 -17.28 25.18
CA ASN C 401 10.28 -16.25 26.17
C ASN C 401 9.09 -15.39 25.76
N GLU C 402 9.04 -14.98 24.50
CA GLU C 402 7.92 -14.12 24.07
C GLU C 402 6.58 -14.82 23.93
N TYR C 403 6.57 -16.05 23.42
CA TYR C 403 5.32 -16.77 23.28
C TYR C 403 4.77 -17.17 24.64
N ILE C 404 5.63 -17.66 25.52
CA ILE C 404 5.18 -18.02 26.86
C ILE C 404 4.60 -16.80 27.59
N ARG C 405 5.25 -15.64 27.45
CA ARG C 405 4.71 -14.42 28.02
C ARG C 405 3.36 -14.07 27.40
N ALA C 406 3.22 -14.28 26.09
CA ALA C 406 1.95 -14.02 25.42
C ALA C 406 0.82 -14.94 25.92
N MET C 407 1.15 -16.20 26.22
CA MET C 407 0.18 -17.15 26.76
C MET C 407 -0.20 -16.68 28.15
N VAL C 408 0.77 -16.25 28.95
CA VAL C 408 0.47 -15.73 30.30
C VAL C 408 -0.49 -14.54 30.23
N THR C 409 -0.29 -13.68 29.25
CA THR C 409 -1.21 -12.56 29.03
C THR C 409 -2.64 -13.02 28.75
N ALA C 410 -2.80 -14.01 27.89
CA ALA C 410 -4.11 -14.55 27.56
C ALA C 410 -4.77 -15.14 28.82
N VAL C 411 -3.98 -15.82 29.64
CA VAL C 411 -4.50 -16.41 30.88
C VAL C 411 -4.92 -15.32 31.86
N GLU C 412 -4.01 -14.38 32.11
CA GLU C 412 -4.21 -13.36 33.13
C GLU C 412 -5.26 -12.32 32.80
N LEU C 413 -5.21 -11.79 31.58
CA LEU C 413 -6.07 -10.68 31.22
C LEU C 413 -7.35 -11.17 30.57
N ASP C 414 -7.20 -12.12 29.64
CA ASP C 414 -8.34 -12.57 28.88
C ASP C 414 -9.11 -13.70 29.53
N GLY C 415 -8.56 -14.28 30.60
CA GLY C 415 -9.24 -15.35 31.31
C GLY C 415 -9.28 -16.67 30.55
N VAL C 416 -8.31 -16.87 29.67
CA VAL C 416 -8.19 -18.14 28.94
C VAL C 416 -7.74 -19.26 29.88
N ASN C 417 -8.42 -20.40 29.78
CA ASN C 417 -8.10 -21.53 30.65
C ASN C 417 -7.03 -22.45 30.07
N VAL C 418 -5.79 -21.98 30.05
CA VAL C 418 -4.71 -22.84 29.56
C VAL C 418 -4.25 -23.74 30.71
N LYS C 419 -4.20 -25.05 30.45
CA LYS C 419 -3.85 -26.04 31.48
C LYS C 419 -2.45 -26.60 31.29
N GLY C 420 -1.88 -26.42 30.10
CA GLY C 420 -0.55 -26.99 29.88
C GLY C 420 0.09 -26.45 28.62
N TYR C 421 1.40 -26.65 28.53
CA TYR C 421 2.18 -26.15 27.40
C TYR C 421 3.32 -27.11 27.10
N PHE C 422 3.44 -27.52 25.83
CA PHE C 422 4.51 -28.40 25.36
C PHE C 422 5.35 -27.77 24.23
N ALA C 423 6.66 -27.69 24.45
CA ALA C 423 7.58 -27.18 23.45
C ALA C 423 7.82 -28.23 22.38
N TRP C 424 7.62 -27.82 21.14
CA TRP C 424 8.00 -28.64 19.99
C TRP C 424 9.38 -28.15 19.54
N SER C 425 10.43 -28.96 19.61
CA SER C 425 10.42 -30.35 20.00
C SER C 425 11.54 -30.60 21.00
N LEU C 426 11.44 -31.75 21.68
CA LEU C 426 12.45 -32.18 22.63
C LEU C 426 13.79 -32.25 21.90
N MET C 427 13.80 -32.74 20.67
CA MET C 427 15.06 -32.79 19.92
C MET C 427 14.90 -32.53 18.42
N ASP C 428 15.97 -32.07 17.80
CA ASP C 428 16.04 -31.96 16.34
C ASP C 428 15.66 -33.32 15.78
N ASN C 429 14.75 -33.32 14.80
CA ASN C 429 14.23 -34.59 14.32
C ASN C 429 13.86 -34.54 12.84
N PHE C 430 13.20 -35.57 12.34
CA PHE C 430 12.83 -35.63 10.93
C PHE C 430 11.62 -34.75 10.70
N GLU C 431 11.81 -33.61 10.04
CA GLU C 431 10.74 -32.64 9.81
C GLU C 431 10.03 -32.87 8.49
N TRP C 432 9.45 -34.07 8.37
CA TRP C 432 8.59 -34.44 7.26
C TRP C 432 9.20 -34.11 5.91
N ALA C 433 8.51 -33.33 5.08
CA ALA C 433 9.03 -33.06 3.74
C ALA C 433 10.28 -32.19 3.66
N ASP C 434 10.63 -31.50 4.75
CA ASP C 434 11.89 -30.76 4.82
C ASP C 434 13.06 -31.68 5.16
N GLY C 435 12.79 -32.89 5.64
CA GLY C 435 13.86 -33.77 6.10
C GLY C 435 14.47 -33.25 7.38
N TYR C 436 15.77 -33.49 7.57
CA TYR C 436 16.47 -33.10 8.80
C TYR C 436 17.02 -31.67 8.75
N VAL C 437 16.95 -31.03 7.59
CA VAL C 437 17.50 -29.67 7.42
C VAL C 437 16.85 -28.67 8.38
N THR C 438 15.54 -28.81 8.55
CA THR C 438 14.79 -27.91 9.41
C THR C 438 14.84 -28.41 10.84
N ARG C 439 15.40 -27.58 11.71
CA ARG C 439 15.59 -27.99 13.08
C ARG C 439 14.65 -27.29 14.06
N PHE C 440 13.78 -28.06 14.71
CA PHE C 440 12.86 -27.50 15.69
C PHE C 440 13.26 -27.83 17.13
N GLY C 441 14.35 -28.58 17.29
CA GLY C 441 14.65 -29.07 18.62
C GLY C 441 15.22 -28.07 19.62
N VAL C 442 14.91 -28.28 20.90
CA VAL C 442 15.63 -27.54 21.95
C VAL C 442 16.92 -28.29 22.29
N THR C 443 17.11 -29.49 21.73
CA THR C 443 18.30 -30.33 21.94
C THR C 443 18.85 -30.70 20.58
N TYR C 444 20.15 -30.61 20.42
CA TYR C 444 20.86 -30.96 19.20
C TYR C 444 21.18 -32.44 19.27
N VAL C 445 21.02 -33.16 18.15
CA VAL C 445 21.42 -34.57 18.14
C VAL C 445 22.73 -34.67 17.33
N ASP C 446 23.78 -35.18 17.95
CA ASP C 446 25.10 -35.23 17.31
C ASP C 446 25.40 -36.58 16.70
N TYR C 447 25.12 -36.69 15.40
CA TYR C 447 25.38 -37.91 14.63
C TYR C 447 26.86 -38.17 14.35
N GLU C 448 27.74 -37.36 14.91
CA GLU C 448 29.18 -37.55 14.74
C GLU C 448 29.79 -38.07 16.04
N ASN C 449 29.10 -37.83 17.15
CA ASN C 449 29.51 -38.29 18.46
C ASN C 449 28.41 -39.19 19.03
N GLY C 450 28.10 -40.23 18.26
CA GLY C 450 27.01 -41.16 18.53
C GLY C 450 25.70 -40.54 18.10
N GLN C 451 24.69 -40.67 18.94
CA GLN C 451 23.41 -40.01 18.78
C GLN C 451 23.23 -39.20 20.05
N LYS C 452 24.34 -38.78 20.66
CA LYS C 452 24.28 -38.08 21.94
C LYS C 452 23.45 -36.81 21.85
N ARG C 453 22.61 -36.59 22.86
CA ARG C 453 21.77 -35.41 22.92
C ARG C 453 22.54 -34.30 23.63
N PHE C 454 22.55 -33.12 23.00
CA PHE C 454 23.18 -31.94 23.56
C PHE C 454 22.16 -30.82 23.69
N PRO C 455 21.70 -30.56 24.91
CA PRO C 455 20.72 -29.46 25.07
C PRO C 455 21.25 -28.11 24.64
N LYS C 456 20.38 -27.38 23.94
CA LYS C 456 20.68 -26.04 23.47
C LYS C 456 20.34 -25.10 24.61
N LYS C 457 20.75 -23.84 24.50
CA LYS C 457 20.39 -22.83 25.50
C LYS C 457 18.88 -22.78 25.75
N SER C 458 18.08 -22.90 24.69
CA SER C 458 16.62 -22.86 24.84
C SER C 458 16.08 -23.95 25.76
N ALA C 459 16.60 -25.16 25.63
CA ALA C 459 16.16 -26.27 26.48
C ALA C 459 16.23 -25.94 27.97
N LYS C 460 17.38 -25.40 28.37
CA LYS C 460 17.64 -25.02 29.75
C LYS C 460 16.88 -23.77 30.19
N SER C 461 16.32 -23.04 29.25
CA SER C 461 15.66 -21.79 29.59
C SER C 461 14.22 -21.95 30.08
N LEU C 462 13.57 -23.06 29.76
CA LEU C 462 12.16 -23.22 30.10
C LEU C 462 11.87 -23.45 31.58
N LYS C 463 12.67 -24.28 32.26
CA LYS C 463 12.42 -24.53 33.68
C LYS C 463 12.39 -23.26 34.54
N PRO C 464 13.41 -22.39 34.43
CA PRO C 464 13.37 -21.18 35.25
C PRO C 464 12.22 -20.24 34.92
N LEU C 465 11.81 -20.24 33.66
CA LEU C 465 10.67 -19.42 33.25
C LEU C 465 9.41 -19.95 33.94
N PHE C 466 9.17 -21.25 33.84
CA PHE C 466 7.96 -21.81 34.45
C PHE C 466 8.02 -21.82 35.98
N ASP C 467 9.21 -22.04 36.54
CA ASP C 467 9.33 -21.94 38.00
C ASP C 467 8.87 -20.57 38.51
N GLU C 468 9.20 -19.52 37.77
CA GLU C 468 8.82 -18.15 38.14
C GLU C 468 7.33 -17.88 37.99
N LEU C 469 6.67 -18.63 37.11
CA LEU C 469 5.26 -18.39 36.81
C LEU C 469 4.31 -19.23 37.66
N ILE C 470 4.63 -20.51 37.83
CA ILE C 470 3.80 -21.42 38.61
C ILE C 470 4.13 -21.32 40.09
N ALA C 471 3.09 -21.15 40.90
CA ALA C 471 3.18 -21.03 42.35
C ALA C 471 3.66 -22.32 43.02
N MET D 8 -0.82 15.75 -36.42
CA MET D 8 -0.71 15.33 -37.85
C MET D 8 -0.59 13.81 -38.02
N LEU D 9 -1.48 13.26 -38.86
CA LEU D 9 -1.46 11.85 -39.24
C LEU D 9 -1.20 11.86 -40.74
N PRO D 10 -0.55 10.83 -41.29
CA PRO D 10 -0.20 10.69 -42.70
C PRO D 10 -1.38 10.83 -43.67
N LYS D 11 -1.12 11.33 -44.88
CA LYS D 11 -2.16 11.58 -45.89
C LYS D 11 -3.07 10.42 -46.28
N ASP D 12 -2.58 9.19 -46.18
CA ASP D 12 -3.40 8.06 -46.61
C ASP D 12 -4.06 7.33 -45.43
N PHE D 13 -3.99 7.91 -44.25
CA PHE D 13 -4.58 7.30 -43.06
C PHE D 13 -6.05 6.97 -43.28
N GLN D 14 -6.44 5.75 -42.96
CA GLN D 14 -7.82 5.29 -43.16
C GLN D 14 -8.58 5.30 -41.85
N TRP D 15 -9.87 5.67 -41.88
CA TRP D 15 -10.68 5.59 -40.67
C TRP D 15 -12.10 5.21 -41.04
N GLY D 16 -12.82 4.61 -40.09
CA GLY D 16 -14.20 4.19 -40.36
C GLY D 16 -14.85 3.60 -39.12
N PHE D 17 -15.79 2.69 -39.34
CA PHE D 17 -16.53 2.05 -38.25
C PHE D 17 -16.47 0.55 -38.43
N ALA D 18 -16.83 -0.18 -37.38
CA ALA D 18 -16.73 -1.62 -37.39
C ALA D 18 -18.02 -2.25 -36.88
N THR D 19 -18.33 -3.42 -37.45
CA THR D 19 -19.43 -4.28 -37.02
C THR D 19 -19.03 -5.75 -37.14
N ALA D 20 -19.91 -6.65 -36.71
CA ALA D 20 -19.71 -8.08 -36.82
C ALA D 20 -21.03 -8.70 -37.22
N ALA D 21 -20.98 -9.76 -38.04
CA ALA D 21 -22.19 -10.30 -38.65
C ALA D 21 -23.28 -10.68 -37.66
N TYR D 22 -22.91 -11.50 -36.66
CA TYR D 22 -23.93 -11.99 -35.74
C TYR D 22 -24.51 -10.87 -34.89
N GLN D 23 -23.71 -9.85 -34.64
CA GLN D 23 -24.11 -8.74 -33.80
C GLN D 23 -25.15 -7.83 -34.46
N ILE D 24 -25.16 -7.77 -35.78
CA ILE D 24 -26.01 -6.81 -36.51
C ILE D 24 -27.00 -7.37 -37.54
N GLU D 25 -26.70 -8.53 -38.10
CA GLU D 25 -27.38 -8.96 -39.33
C GLU D 25 -28.83 -9.39 -39.18
N GLY D 26 -29.13 -10.14 -38.13
CA GLY D 26 -30.42 -10.79 -38.01
C GLY D 26 -30.54 -11.81 -39.13
N ALA D 27 -31.76 -11.99 -39.64
CA ALA D 27 -32.00 -12.89 -40.75
C ALA D 27 -31.26 -14.21 -40.50
N VAL D 28 -31.39 -14.73 -39.29
CA VAL D 28 -30.59 -15.88 -38.85
C VAL D 28 -30.86 -17.18 -39.61
N ASP D 29 -32.05 -17.30 -40.16
CA ASP D 29 -32.42 -18.50 -40.90
C ASP D 29 -32.96 -18.16 -42.28
N GLN D 30 -32.59 -16.98 -42.77
CA GLN D 30 -33.05 -16.46 -44.05
C GLN D 30 -32.06 -16.77 -45.17
N ASP D 31 -32.58 -17.00 -46.37
CA ASP D 31 -31.74 -17.06 -47.55
C ASP D 31 -30.66 -18.13 -47.42
N GLY D 32 -31.05 -19.26 -46.84
CA GLY D 32 -30.19 -20.45 -46.72
C GLY D 32 -29.20 -20.53 -45.58
N ARG D 33 -29.09 -19.48 -44.76
CA ARG D 33 -28.14 -19.52 -43.65
C ARG D 33 -28.34 -20.72 -42.71
N GLY D 34 -27.23 -21.39 -42.37
CA GLY D 34 -27.23 -22.45 -41.37
C GLY D 34 -26.92 -21.88 -40.00
N PRO D 35 -27.26 -22.62 -38.93
CA PRO D 35 -26.99 -22.06 -37.60
C PRO D 35 -25.52 -22.08 -37.21
N SER D 36 -25.12 -21.08 -36.43
CA SER D 36 -23.77 -21.02 -35.86
C SER D 36 -23.82 -21.47 -34.40
N ILE D 37 -22.66 -21.63 -33.80
CA ILE D 37 -22.59 -21.96 -32.38
C ILE D 37 -23.27 -20.89 -31.53
N TRP D 38 -23.39 -19.67 -32.06
CA TRP D 38 -24.04 -18.61 -31.29
C TRP D 38 -25.55 -18.74 -31.32
N ASP D 39 -26.09 -19.26 -32.42
CA ASP D 39 -27.53 -19.48 -32.53
C ASP D 39 -27.93 -20.53 -31.49
N THR D 40 -27.09 -21.57 -31.39
CA THR D 40 -27.28 -22.67 -30.44
C THR D 40 -27.19 -22.17 -29.00
N PHE D 41 -26.15 -21.40 -28.72
CA PHE D 41 -25.86 -20.86 -27.39
C PHE D 41 -26.95 -19.94 -26.86
N CYS D 42 -27.49 -19.08 -27.71
CA CYS D 42 -28.52 -18.14 -27.28
C CYS D 42 -29.80 -18.85 -26.86
N ALA D 43 -29.99 -20.08 -27.35
CA ALA D 43 -31.20 -20.84 -27.02
C ALA D 43 -31.16 -21.44 -25.63
N GLN D 44 -29.97 -21.47 -25.01
CA GLN D 44 -29.78 -21.99 -23.67
C GLN D 44 -30.13 -20.95 -22.60
N PRO D 45 -31.05 -21.30 -21.68
CA PRO D 45 -31.42 -20.40 -20.59
C PRO D 45 -30.25 -19.99 -19.70
N GLY D 46 -30.21 -18.71 -19.31
CA GLY D 46 -29.17 -18.18 -18.44
C GLY D 46 -27.91 -17.66 -19.11
N LYS D 47 -27.70 -18.04 -20.37
CA LYS D 47 -26.46 -17.73 -21.07
C LYS D 47 -26.35 -16.26 -21.43
N ILE D 48 -27.47 -15.65 -21.81
CA ILE D 48 -27.46 -14.26 -22.26
C ILE D 48 -28.19 -13.43 -21.21
N ALA D 49 -27.52 -12.40 -20.70
CA ALA D 49 -28.03 -11.59 -19.58
C ALA D 49 -29.50 -11.18 -19.65
N ASP D 50 -29.93 -10.76 -20.83
CA ASP D 50 -31.30 -10.26 -21.02
C ASP D 50 -32.22 -11.25 -21.73
N GLY D 51 -31.75 -12.48 -21.89
CA GLY D 51 -32.52 -13.53 -22.56
C GLY D 51 -32.71 -13.32 -24.06
N SER D 52 -31.84 -12.50 -24.65
CA SER D 52 -31.97 -12.13 -26.06
C SER D 52 -31.14 -13.02 -26.96
N SER D 53 -31.17 -12.74 -28.26
CA SER D 53 -30.34 -13.45 -29.22
C SER D 53 -30.10 -12.56 -30.42
N GLY D 54 -29.35 -13.06 -31.40
CA GLY D 54 -29.14 -12.31 -32.64
C GLY D 54 -30.24 -12.50 -33.66
N VAL D 55 -31.35 -13.13 -33.27
CA VAL D 55 -32.43 -13.44 -34.22
C VAL D 55 -32.79 -12.34 -35.22
N THR D 56 -32.93 -11.12 -34.71
CA THR D 56 -33.31 -9.92 -35.46
C THR D 56 -32.19 -8.87 -35.49
N ALA D 57 -31.59 -8.61 -34.33
CA ALA D 57 -30.48 -7.66 -34.19
C ALA D 57 -30.85 -6.32 -34.84
N CYS D 58 -30.02 -5.85 -35.78
CA CYS D 58 -30.30 -4.61 -36.51
C CYS D 58 -30.93 -4.84 -37.88
N ASP D 59 -31.27 -6.09 -38.18
CA ASP D 59 -31.79 -6.48 -39.50
C ASP D 59 -30.85 -6.03 -40.63
N SER D 60 -29.54 -5.97 -40.37
CA SER D 60 -28.62 -5.44 -41.37
C SER D 60 -28.56 -6.25 -42.66
N TYR D 61 -28.82 -7.56 -42.58
CA TYR D 61 -28.88 -8.38 -43.79
C TYR D 61 -29.83 -7.81 -44.84
N ASN D 62 -30.93 -7.25 -44.38
CA ASN D 62 -31.95 -6.73 -45.27
C ASN D 62 -31.93 -5.22 -45.43
N ARG D 63 -30.90 -4.59 -44.87
CA ARG D 63 -30.77 -3.13 -44.82
C ARG D 63 -29.38 -2.64 -45.20
N THR D 64 -28.79 -3.23 -46.23
CA THR D 64 -27.44 -2.86 -46.64
C THR D 64 -27.38 -1.45 -47.18
N ALA D 65 -28.41 -1.06 -47.93
CA ALA D 65 -28.44 0.31 -48.46
C ALA D 65 -28.57 1.33 -47.33
N GLU D 66 -29.31 1.01 -46.28
CA GLU D 66 -29.48 1.92 -45.14
C GLU D 66 -28.17 2.06 -44.36
N ASP D 67 -27.43 0.96 -44.24
CA ASP D 67 -26.15 0.99 -43.57
C ASP D 67 -25.15 1.84 -44.36
N ILE D 68 -25.16 1.69 -45.67
CA ILE D 68 -24.30 2.49 -46.53
C ILE D 68 -24.65 3.98 -46.41
N ALA D 69 -25.94 4.28 -46.37
CA ALA D 69 -26.36 5.67 -46.25
C ALA D 69 -25.87 6.26 -44.94
N LEU D 70 -25.92 5.45 -43.89
CA LEU D 70 -25.43 5.85 -42.57
C LEU D 70 -23.93 6.12 -42.65
N LEU D 71 -23.17 5.15 -43.18
CA LEU D 71 -21.73 5.33 -43.30
C LEU D 71 -21.39 6.62 -44.03
N LYS D 72 -22.08 6.87 -45.13
CA LYS D 72 -21.85 8.08 -45.93
C LYS D 72 -22.09 9.38 -45.17
N SER D 73 -23.20 9.41 -44.46
CA SER D 73 -23.58 10.59 -43.68
C SER D 73 -22.56 10.86 -42.58
N LEU D 74 -21.84 9.83 -42.16
CA LEU D 74 -20.84 9.97 -41.10
C LEU D 74 -19.45 10.31 -41.64
N GLY D 75 -19.33 10.28 -42.96
CA GLY D 75 -18.09 10.61 -43.65
C GLY D 75 -17.06 9.49 -43.62
N ALA D 76 -17.52 8.29 -43.28
CA ALA D 76 -16.67 7.10 -43.26
C ALA D 76 -16.30 6.66 -44.66
N LYS D 77 -15.00 6.60 -44.97
CA LYS D 77 -14.58 6.05 -46.26
C LYS D 77 -13.98 4.63 -46.15
N SER D 78 -14.01 4.06 -44.95
CA SER D 78 -13.66 2.65 -44.76
C SER D 78 -14.67 2.00 -43.83
N TYR D 79 -14.90 0.70 -44.00
CA TYR D 79 -15.86 0.00 -43.17
C TYR D 79 -15.42 -1.44 -42.91
N ARG D 80 -15.39 -1.81 -41.63
CA ARG D 80 -15.01 -3.15 -41.23
C ARG D 80 -16.25 -3.94 -40.86
N PHE D 81 -16.41 -5.09 -41.50
CA PHE D 81 -17.56 -5.94 -41.22
C PHE D 81 -17.13 -7.38 -41.39
N SER D 82 -17.96 -8.30 -40.92
CA SER D 82 -17.63 -9.71 -41.09
C SER D 82 -18.60 -10.47 -41.99
N ILE D 83 -18.11 -11.60 -42.49
CA ILE D 83 -18.90 -12.55 -43.26
C ILE D 83 -19.37 -13.68 -42.32
N SER D 84 -20.65 -14.03 -42.41
CA SER D 84 -21.18 -15.16 -41.66
C SER D 84 -20.83 -16.44 -42.43
N TRP D 85 -19.93 -17.24 -41.87
CA TRP D 85 -19.50 -18.46 -42.55
C TRP D 85 -20.67 -19.39 -42.90
N SER D 86 -21.63 -19.51 -42.00
CA SER D 86 -22.78 -20.39 -42.24
C SER D 86 -23.78 -19.80 -43.25
N ARG D 87 -23.57 -18.58 -43.72
CA ARG D 87 -24.34 -18.08 -44.86
C ARG D 87 -23.70 -18.53 -46.16
N ILE D 88 -22.39 -18.82 -46.10
CA ILE D 88 -21.64 -19.23 -47.28
C ILE D 88 -21.67 -20.74 -47.49
N ILE D 89 -21.34 -21.47 -46.43
CA ILE D 89 -21.34 -22.94 -46.39
C ILE D 89 -22.11 -23.28 -45.11
N PRO D 90 -23.44 -23.50 -45.24
CA PRO D 90 -24.29 -23.66 -44.07
C PRO D 90 -23.79 -24.72 -43.07
N GLU D 91 -23.31 -25.86 -43.55
CA GLU D 91 -22.75 -26.85 -42.64
C GLU D 91 -21.29 -26.56 -42.30
N GLY D 92 -20.63 -25.79 -43.15
CA GLY D 92 -19.30 -25.28 -42.84
C GLY D 92 -18.12 -25.89 -43.57
N GLY D 93 -18.22 -27.16 -43.89
CA GLY D 93 -17.05 -27.91 -44.36
C GLY D 93 -16.79 -27.85 -45.85
N ARG D 94 -15.58 -28.25 -46.21
CA ARG D 94 -15.11 -28.26 -47.59
C ARG D 94 -15.82 -29.26 -48.50
N GLY D 95 -16.60 -30.17 -47.91
CA GLY D 95 -17.37 -31.14 -48.68
C GLY D 95 -18.87 -30.90 -48.62
N ASP D 96 -19.25 -29.78 -48.01
CA ASP D 96 -20.66 -29.44 -47.83
C ASP D 96 -21.23 -28.57 -48.94
N ALA D 97 -22.55 -28.43 -48.96
CA ALA D 97 -23.18 -27.59 -49.98
C ALA D 97 -22.80 -26.14 -49.72
N VAL D 98 -22.52 -25.43 -50.81
CA VAL D 98 -22.25 -24.01 -50.81
C VAL D 98 -23.57 -23.26 -51.01
N ASN D 99 -23.77 -22.16 -50.29
CA ASN D 99 -25.01 -21.41 -50.42
C ASN D 99 -24.77 -20.23 -51.36
N GLN D 100 -25.06 -20.42 -52.64
CA GLN D 100 -24.91 -19.35 -53.62
C GLN D 100 -25.56 -18.03 -53.23
N ALA D 101 -26.76 -18.05 -52.62
CA ALA D 101 -27.37 -16.78 -52.24
C ALA D 101 -26.56 -16.04 -51.18
N GLY D 102 -25.85 -16.78 -50.32
CA GLY D 102 -25.03 -16.14 -49.29
C GLY D 102 -23.89 -15.39 -49.95
N ILE D 103 -23.23 -16.08 -50.89
CA ILE D 103 -22.16 -15.51 -51.68
C ILE D 103 -22.59 -14.25 -52.44
N ASP D 104 -23.70 -14.35 -53.15
CA ASP D 104 -24.25 -13.25 -53.95
C ASP D 104 -24.53 -12.02 -53.07
N HIS D 105 -25.00 -12.26 -51.85
CA HIS D 105 -25.33 -11.19 -50.92
C HIS D 105 -24.14 -10.29 -50.62
N TYR D 106 -23.03 -10.93 -50.26
CA TYR D 106 -21.80 -10.19 -49.95
C TYR D 106 -21.12 -9.63 -51.20
N VAL D 107 -21.22 -10.31 -52.34
CA VAL D 107 -20.65 -9.76 -53.57
C VAL D 107 -21.37 -8.44 -53.88
N LYS D 108 -22.69 -8.45 -53.79
CA LYS D 108 -23.47 -7.23 -54.04
C LYS D 108 -23.15 -6.13 -53.03
N PHE D 109 -23.04 -6.50 -51.75
CA PHE D 109 -22.75 -5.54 -50.69
C PHE D 109 -21.41 -4.86 -50.93
N VAL D 110 -20.38 -5.65 -51.24
CA VAL D 110 -19.06 -5.09 -51.52
C VAL D 110 -19.12 -4.15 -52.73
N ASP D 111 -19.77 -4.57 -53.82
CA ASP D 111 -19.95 -3.70 -54.99
C ASP D 111 -20.62 -2.38 -54.63
N ASP D 112 -21.61 -2.44 -53.73
CA ASP D 112 -22.34 -1.27 -53.28
C ASP D 112 -21.49 -0.34 -52.43
N LEU D 113 -20.71 -0.90 -51.52
CA LEU D 113 -19.79 -0.10 -50.72
C LEU D 113 -18.81 0.66 -51.62
N LEU D 114 -18.18 -0.07 -52.54
CA LEU D 114 -17.21 0.53 -53.45
C LEU D 114 -17.83 1.63 -54.32
N ASP D 115 -19.05 1.40 -54.80
CA ASP D 115 -19.77 2.44 -55.55
C ASP D 115 -19.96 3.70 -54.71
N ALA D 116 -20.13 3.54 -53.40
CA ALA D 116 -20.29 4.67 -52.49
C ALA D 116 -18.93 5.24 -52.06
N GLY D 117 -17.83 4.69 -52.57
CA GLY D 117 -16.50 5.18 -52.21
C GLY D 117 -16.03 4.78 -50.83
N ILE D 118 -16.52 3.64 -50.33
CA ILE D 118 -16.13 3.09 -49.03
C ILE D 118 -15.36 1.79 -49.21
N THR D 119 -14.15 1.75 -48.67
CA THR D 119 -13.26 0.58 -48.75
C THR D 119 -13.64 -0.49 -47.72
N PRO D 120 -13.92 -1.71 -48.19
CA PRO D 120 -14.27 -2.76 -47.23
C PRO D 120 -13.05 -3.38 -46.55
N PHE D 121 -13.14 -3.61 -45.24
CA PHE D 121 -12.13 -4.36 -44.49
C PHE D 121 -12.90 -5.56 -43.94
N ILE D 122 -12.64 -6.75 -44.48
CA ILE D 122 -13.53 -7.89 -44.21
C ILE D 122 -12.95 -8.95 -43.29
N THR D 123 -13.68 -9.22 -42.20
CA THR D 123 -13.29 -10.23 -41.23
C THR D 123 -13.94 -11.55 -41.65
N LEU D 124 -13.15 -12.61 -41.81
CA LEU D 124 -13.68 -13.91 -42.18
C LEU D 124 -14.39 -14.62 -41.03
N PHE D 125 -13.82 -14.53 -39.83
CA PHE D 125 -14.37 -15.26 -38.69
C PHE D 125 -14.51 -14.33 -37.50
N HIS D 126 -15.77 -14.03 -37.20
CA HIS D 126 -16.08 -13.22 -36.03
C HIS D 126 -16.95 -14.04 -35.06
N TRP D 127 -16.41 -15.21 -34.72
CA TRP D 127 -16.91 -16.11 -33.68
C TRP D 127 -18.03 -17.06 -34.03
N ASP D 128 -18.71 -16.78 -35.14
CA ASP D 128 -19.87 -17.53 -35.60
C ASP D 128 -19.54 -18.84 -36.33
N LEU D 129 -18.84 -19.74 -35.65
CA LEU D 129 -18.48 -21.03 -36.24
C LEU D 129 -19.75 -21.79 -36.62
N PRO D 130 -19.79 -22.37 -37.83
CA PRO D 130 -20.94 -23.18 -38.20
C PRO D 130 -21.18 -24.34 -37.20
N GLU D 131 -22.41 -24.48 -36.74
CA GLU D 131 -22.71 -25.52 -35.75
C GLU D 131 -22.40 -26.90 -36.31
N GLY D 132 -22.55 -27.06 -37.63
CA GLY D 132 -22.20 -28.29 -38.31
C GLY D 132 -20.79 -28.80 -38.04
N LEU D 133 -19.82 -27.90 -38.05
CA LEU D 133 -18.43 -28.28 -37.83
C LEU D 133 -18.18 -28.61 -36.37
N HIS D 134 -18.86 -27.88 -35.48
CA HIS D 134 -18.80 -28.17 -34.05
C HIS D 134 -19.26 -29.60 -33.79
N GLN D 135 -20.41 -29.95 -34.36
CA GLN D 135 -20.99 -31.29 -34.21
C GLN D 135 -20.17 -32.39 -34.89
N ARG D 136 -19.67 -32.08 -36.09
CA ARG D 136 -18.97 -33.09 -36.88
C ARG D 136 -17.68 -33.61 -36.24
N TYR D 137 -16.82 -32.69 -35.83
CA TYR D 137 -15.48 -33.05 -35.37
C TYR D 137 -14.96 -32.20 -34.21
N GLY D 138 -15.85 -31.50 -33.53
CA GLY D 138 -15.45 -30.66 -32.40
C GLY D 138 -15.04 -29.23 -32.75
N GLY D 139 -15.33 -28.82 -33.99
CA GLY D 139 -15.07 -27.45 -34.46
C GLY D 139 -13.65 -26.98 -34.23
N LEU D 140 -13.52 -25.88 -33.49
CA LEU D 140 -12.22 -25.31 -33.15
C LEU D 140 -11.26 -26.20 -32.37
N LEU D 141 -11.74 -27.29 -31.77
CA LEU D 141 -10.85 -28.19 -31.03
C LEU D 141 -10.09 -29.16 -31.91
N ASN D 142 -10.49 -29.23 -33.18
CA ASN D 142 -9.90 -30.18 -34.12
C ASN D 142 -8.70 -29.61 -34.87
N ARG D 143 -7.52 -30.14 -34.57
CA ARG D 143 -6.24 -29.69 -35.13
C ARG D 143 -6.02 -29.98 -36.63
N THR D 144 -6.76 -30.92 -37.19
CA THR D 144 -6.59 -31.30 -38.60
C THR D 144 -7.71 -30.74 -39.48
N GLU D 145 -8.94 -31.02 -39.08
CA GLU D 145 -10.12 -30.66 -39.87
C GLU D 145 -10.38 -29.16 -39.89
N PHE D 146 -10.28 -28.51 -38.73
CA PHE D 146 -10.64 -27.09 -38.70
C PHE D 146 -9.77 -26.23 -39.62
N PRO D 147 -8.44 -26.35 -39.55
CA PRO D 147 -7.67 -25.53 -40.46
C PRO D 147 -7.95 -25.76 -41.96
N LEU D 148 -8.23 -27.00 -42.31
CA LEU D 148 -8.53 -27.31 -43.70
C LEU D 148 -9.88 -26.71 -44.10
N ASP D 149 -10.85 -26.72 -43.19
CA ASP D 149 -12.15 -26.16 -43.50
C ASP D 149 -12.10 -24.64 -43.54
N PHE D 150 -11.28 -24.05 -42.66
CA PHE D 150 -11.19 -22.60 -42.63
C PHE D 150 -10.49 -22.12 -43.90
N GLU D 151 -9.41 -22.79 -44.29
CA GLU D 151 -8.75 -22.47 -45.56
C GLU D 151 -9.72 -22.53 -46.74
N ASN D 152 -10.49 -23.60 -46.85
CA ASN D 152 -11.44 -23.69 -47.95
C ASN D 152 -12.46 -22.55 -47.94
N TYR D 153 -12.99 -22.24 -46.77
CA TYR D 153 -13.93 -21.14 -46.62
C TYR D 153 -13.30 -19.83 -47.05
N ALA D 154 -12.06 -19.61 -46.60
CA ALA D 154 -11.31 -18.42 -46.96
C ALA D 154 -11.20 -18.31 -48.48
N ARG D 155 -10.79 -19.40 -49.13
CA ARG D 155 -10.64 -19.44 -50.59
C ARG D 155 -11.95 -19.16 -51.33
N VAL D 156 -13.06 -19.64 -50.81
CA VAL D 156 -14.35 -19.35 -51.41
C VAL D 156 -14.60 -17.84 -51.41
N MET D 157 -14.24 -17.18 -50.31
CA MET D 157 -14.44 -15.74 -50.22
C MET D 157 -13.43 -14.98 -51.08
N PHE D 158 -12.19 -15.44 -51.12
CA PHE D 158 -11.19 -14.78 -51.97
C PHE D 158 -11.62 -14.84 -53.43
N ARG D 159 -12.11 -16.01 -53.84
CA ARG D 159 -12.59 -16.20 -55.21
C ARG D 159 -13.79 -15.30 -55.50
N ALA D 160 -14.72 -15.21 -54.55
CA ALA D 160 -15.96 -14.47 -54.74
C ALA D 160 -15.81 -12.94 -54.69
N LEU D 161 -14.80 -12.50 -53.96
CA LEU D 161 -14.62 -11.08 -53.68
C LEU D 161 -13.25 -10.53 -54.12
N PRO D 162 -12.96 -10.61 -55.43
CA PRO D 162 -11.68 -10.14 -55.96
C PRO D 162 -11.43 -8.64 -55.79
N LYS D 163 -12.49 -7.86 -55.61
CA LYS D 163 -12.33 -6.42 -55.44
C LYS D 163 -11.83 -6.04 -54.05
N VAL D 164 -11.92 -6.96 -53.09
CA VAL D 164 -11.46 -6.69 -51.73
C VAL D 164 -9.93 -6.75 -51.66
N ARG D 165 -9.30 -5.83 -50.92
CA ARG D 165 -7.85 -5.77 -50.82
C ARG D 165 -7.40 -5.75 -49.35
N ASN D 166 -8.38 -5.81 -48.46
CA ASN D 166 -8.12 -5.74 -47.02
C ASN D 166 -8.89 -6.83 -46.28
N TRP D 167 -8.15 -7.84 -45.82
CA TRP D 167 -8.73 -9.03 -45.21
C TRP D 167 -8.23 -9.25 -43.81
N ILE D 168 -9.13 -9.79 -42.98
CA ILE D 168 -8.88 -10.21 -41.60
C ILE D 168 -9.35 -11.65 -41.48
N THR D 169 -8.48 -12.52 -40.95
CA THR D 169 -8.84 -13.91 -40.74
C THR D 169 -9.78 -14.05 -39.54
N PHE D 170 -9.27 -13.86 -38.33
CA PHE D 170 -10.02 -14.03 -37.08
C PHE D 170 -10.09 -12.75 -36.29
N ASN D 171 -11.27 -12.51 -35.72
CA ASN D 171 -11.41 -11.42 -34.77
C ASN D 171 -11.27 -11.99 -33.37
N GLU D 172 -10.28 -11.50 -32.62
CA GLU D 172 -10.10 -11.81 -31.21
C GLU D 172 -10.11 -13.30 -30.86
N PRO D 173 -9.12 -14.07 -31.36
CA PRO D 173 -9.07 -15.49 -31.02
C PRO D 173 -9.16 -15.75 -29.52
N LEU D 174 -8.60 -14.87 -28.68
CA LEU D 174 -8.71 -15.08 -27.23
C LEU D 174 -10.15 -15.24 -26.78
N CYS D 175 -11.05 -14.43 -27.32
CA CYS D 175 -12.46 -14.48 -26.96
C CYS D 175 -13.12 -15.78 -27.42
N SER D 176 -12.71 -16.31 -28.58
CA SER D 176 -13.17 -17.63 -29.00
C SER D 176 -12.68 -18.71 -28.02
N ALA D 177 -11.45 -18.57 -27.56
CA ALA D 177 -10.80 -19.62 -26.76
C ALA D 177 -11.17 -19.62 -25.28
N ILE D 178 -10.96 -18.50 -24.59
CA ILE D 178 -11.15 -18.50 -23.14
C ILE D 178 -12.62 -18.46 -22.70
N PRO D 179 -13.38 -17.43 -23.10
CA PRO D 179 -14.81 -17.47 -22.81
C PRO D 179 -15.54 -18.66 -23.42
N GLY D 180 -15.07 -19.15 -24.56
CA GLY D 180 -15.75 -20.24 -25.26
C GLY D 180 -15.51 -21.64 -24.70
N TYR D 181 -14.31 -21.86 -24.18
CA TYR D 181 -13.90 -23.21 -23.79
C TYR D 181 -13.29 -23.29 -22.40
N GLY D 182 -13.00 -22.13 -21.81
CA GLY D 182 -12.44 -22.08 -20.47
C GLY D 182 -13.48 -21.77 -19.42
N SER D 183 -14.11 -20.60 -19.53
CA SER D 183 -15.16 -20.18 -18.61
C SER D 183 -16.59 -20.48 -19.05
N GLY D 184 -16.81 -20.79 -20.33
CA GLY D 184 -18.15 -21.11 -20.83
C GLY D 184 -19.14 -19.96 -20.88
N THR D 185 -18.65 -18.73 -20.80
CA THR D 185 -19.54 -17.58 -20.90
C THR D 185 -19.95 -17.24 -22.33
N PHE D 186 -19.15 -17.68 -23.30
CA PHE D 186 -19.42 -17.49 -24.72
C PHE D 186 -19.59 -18.85 -25.40
N ALA D 187 -20.29 -18.88 -26.53
CA ALA D 187 -20.45 -20.11 -27.30
C ALA D 187 -19.09 -20.72 -27.60
N PRO D 188 -18.96 -22.06 -27.57
CA PRO D 188 -20.02 -23.05 -27.31
C PRO D 188 -20.35 -23.35 -25.84
N GLY D 189 -19.82 -22.53 -24.92
CA GLY D 189 -20.18 -22.65 -23.51
C GLY D 189 -19.48 -23.76 -22.74
N ARG D 190 -18.31 -24.17 -23.21
CA ARG D 190 -17.56 -25.26 -22.58
C ARG D 190 -16.59 -24.75 -21.50
N GLN D 191 -16.21 -25.66 -20.60
CA GLN D 191 -15.32 -25.31 -19.49
C GLN D 191 -14.23 -26.37 -19.30
N SER D 192 -12.98 -25.96 -19.48
CA SER D 192 -11.84 -26.86 -19.47
C SER D 192 -10.53 -26.12 -19.21
N THR D 193 -9.62 -26.75 -18.48
CA THR D 193 -8.30 -26.18 -18.21
C THR D 193 -7.30 -26.40 -19.34
N SER D 194 -7.69 -27.13 -20.39
CA SER D 194 -6.83 -27.37 -21.55
C SER D 194 -7.39 -26.90 -22.89
N GLU D 195 -8.71 -26.98 -23.06
CA GLU D 195 -9.34 -26.60 -24.32
C GLU D 195 -9.03 -25.19 -24.86
N PRO D 196 -8.97 -24.16 -23.99
CA PRO D 196 -8.64 -22.86 -24.58
C PRO D 196 -7.30 -22.85 -25.31
N TRP D 197 -6.32 -23.59 -24.80
CA TRP D 197 -4.98 -23.58 -25.38
C TRP D 197 -4.96 -24.40 -26.67
N THR D 198 -5.78 -25.45 -26.71
CA THR D 198 -5.95 -26.25 -27.93
C THR D 198 -6.55 -25.37 -29.03
N VAL D 199 -7.60 -24.64 -28.67
CA VAL D 199 -8.33 -23.79 -29.60
C VAL D 199 -7.45 -22.69 -30.18
N GLY D 200 -6.73 -21.99 -29.31
CA GLY D 200 -5.85 -20.93 -29.75
C GLY D 200 -4.88 -21.45 -30.80
N HIS D 201 -4.36 -22.65 -30.55
CA HIS D 201 -3.39 -23.28 -31.45
C HIS D 201 -3.95 -23.54 -32.84
N ASN D 202 -5.18 -24.06 -32.89
CA ASN D 202 -5.82 -24.42 -34.16
C ASN D 202 -6.24 -23.19 -34.93
N ILE D 203 -6.65 -22.15 -34.20
CA ILE D 203 -6.95 -20.86 -34.84
C ILE D 203 -5.68 -20.34 -35.52
N LEU D 204 -4.54 -20.35 -34.83
CA LEU D 204 -3.30 -19.89 -35.43
C LEU D 204 -2.96 -20.63 -36.72
N VAL D 205 -3.06 -21.96 -36.70
CA VAL D 205 -2.77 -22.78 -37.88
C VAL D 205 -3.78 -22.49 -38.98
N ALA D 206 -5.05 -22.40 -38.62
CA ALA D 206 -6.07 -22.01 -39.59
C ALA D 206 -5.74 -20.66 -40.24
N HIS D 207 -5.44 -19.66 -39.41
CA HIS D 207 -5.01 -18.34 -39.87
C HIS D 207 -3.86 -18.48 -40.87
N GLY D 208 -2.82 -19.21 -40.50
CA GLY D 208 -1.65 -19.41 -41.37
C GLY D 208 -1.98 -20.03 -42.71
N ARG D 209 -2.85 -21.04 -42.74
CA ARG D 209 -3.33 -21.63 -43.99
C ARG D 209 -4.03 -20.61 -44.86
N ALA D 210 -4.93 -19.82 -44.28
CA ALA D 210 -5.69 -18.86 -45.07
C ALA D 210 -4.76 -17.77 -45.62
N VAL D 211 -3.76 -17.41 -44.82
CA VAL D 211 -2.83 -16.37 -45.26
C VAL D 211 -1.99 -16.88 -46.43
N LYS D 212 -1.45 -18.10 -46.29
CA LYS D 212 -0.72 -18.70 -47.38
C LYS D 212 -1.56 -18.75 -48.65
N ALA D 213 -2.83 -19.13 -48.54
CA ALA D 213 -3.71 -19.19 -49.71
C ALA D 213 -3.83 -17.82 -50.33
N TYR D 214 -4.09 -16.79 -49.51
CA TYR D 214 -4.22 -15.44 -50.03
C TYR D 214 -2.96 -14.97 -50.74
N ARG D 215 -1.82 -15.12 -50.06
CA ARG D 215 -0.57 -14.64 -50.59
C ARG D 215 -0.14 -15.38 -51.85
N ASP D 216 -0.38 -16.69 -51.87
CA ASP D 216 0.04 -17.51 -53.00
C ASP D 216 -0.88 -17.43 -54.22
N ASP D 217 -2.20 -17.39 -53.98
CA ASP D 217 -3.16 -17.55 -55.08
C ASP D 217 -4.04 -16.35 -55.44
N PHE D 218 -4.07 -15.35 -54.58
CA PHE D 218 -4.98 -14.21 -54.71
C PHE D 218 -4.39 -12.80 -54.66
N LYS D 219 -3.35 -12.59 -53.88
CA LYS D 219 -2.76 -11.26 -53.72
C LYS D 219 -2.20 -10.69 -55.02
N PRO D 220 -2.41 -9.39 -55.29
CA PRO D 220 -1.79 -8.80 -56.46
C PRO D 220 -0.26 -8.86 -56.40
N ALA D 221 0.38 -8.94 -57.57
CA ALA D 221 1.84 -9.01 -57.67
C ALA D 221 2.53 -7.84 -56.97
N SER D 222 1.88 -6.68 -56.99
CA SER D 222 2.36 -5.50 -56.28
C SER D 222 1.20 -4.55 -55.99
N GLY D 223 1.42 -3.65 -55.03
CA GLY D 223 0.42 -2.66 -54.64
C GLY D 223 -0.46 -3.12 -53.50
N ASP D 224 -1.71 -2.68 -53.54
CA ASP D 224 -2.69 -2.95 -52.49
C ASP D 224 -3.05 -4.43 -52.43
N GLY D 225 -3.37 -4.93 -51.24
CA GLY D 225 -3.70 -6.34 -51.01
C GLY D 225 -2.99 -6.81 -49.75
N GLN D 226 -3.74 -7.04 -48.68
CA GLN D 226 -3.16 -7.45 -47.41
C GLN D 226 -4.10 -8.27 -46.53
N ILE D 227 -3.49 -9.13 -45.70
CA ILE D 227 -4.23 -10.00 -44.80
C ILE D 227 -3.52 -10.08 -43.45
N GLY D 228 -4.33 -10.21 -42.39
CA GLY D 228 -3.79 -10.34 -41.04
C GLY D 228 -4.84 -10.75 -40.03
N ILE D 229 -4.42 -11.01 -38.80
CA ILE D 229 -5.31 -11.39 -37.71
C ILE D 229 -5.59 -10.17 -36.82
N VAL D 230 -6.69 -10.21 -36.07
CA VAL D 230 -7.06 -9.13 -35.16
C VAL D 230 -6.98 -9.65 -33.71
N LEU D 231 -6.13 -9.00 -32.92
CA LEU D 231 -5.93 -9.36 -31.54
C LEU D 231 -6.37 -8.26 -30.60
N ASN D 232 -7.13 -8.66 -29.58
CA ASN D 232 -7.42 -7.72 -28.53
C ASN D 232 -6.29 -7.70 -27.49
N GLY D 233 -6.36 -6.73 -26.60
CA GLY D 233 -5.36 -6.59 -25.55
C GLY D 233 -5.58 -5.27 -24.84
N ASP D 234 -5.70 -5.31 -23.52
CA ASP D 234 -5.85 -4.09 -22.75
C ASP D 234 -4.52 -3.86 -22.04
N PHE D 235 -4.12 -2.60 -21.88
CA PHE D 235 -2.78 -2.33 -21.37
C PHE D 235 -2.67 -2.59 -19.87
N THR D 236 -1.44 -2.68 -19.37
CA THR D 236 -1.19 -3.02 -17.98
C THR D 236 -0.21 -2.06 -17.33
N TYR D 237 -0.52 -1.73 -16.07
CA TYR D 237 0.34 -0.91 -15.23
C TYR D 237 0.59 -1.69 -13.95
N PRO D 238 1.81 -1.61 -13.42
CA PRO D 238 2.06 -2.32 -12.16
C PRO D 238 1.20 -1.80 -11.00
N TRP D 239 0.67 -2.70 -10.19
CA TRP D 239 -0.12 -2.29 -9.03
C TRP D 239 0.76 -1.50 -8.06
N ASP D 240 1.94 -2.03 -7.70
CA ASP D 240 2.99 -1.28 -7.00
C ASP D 240 4.16 -1.09 -7.97
N ALA D 241 4.32 0.09 -8.57
CA ALA D 241 5.33 0.29 -9.60
C ALA D 241 6.74 0.16 -9.06
N ALA D 242 6.91 0.34 -7.75
CA ALA D 242 8.23 0.21 -7.14
C ALA D 242 8.61 -1.24 -6.83
N ASP D 243 7.67 -2.14 -7.12
CA ASP D 243 7.91 -3.57 -6.95
C ASP D 243 8.22 -4.25 -8.28
N PRO D 244 9.46 -4.76 -8.41
CA PRO D 244 9.80 -5.42 -9.67
C PRO D 244 8.85 -6.57 -10.00
N ALA D 245 8.27 -7.18 -8.97
CA ALA D 245 7.37 -8.31 -9.17
C ALA D 245 6.11 -7.89 -9.92
N ASP D 246 5.64 -6.67 -9.68
CA ASP D 246 4.45 -6.15 -10.34
C ASP D 246 4.73 -5.69 -11.78
N LYS D 247 5.94 -5.18 -12.02
CA LYS D 247 6.36 -4.84 -13.37
C LYS D 247 6.47 -6.16 -14.16
N GLU D 248 7.04 -7.19 -13.55
CA GLU D 248 7.08 -8.50 -14.20
C GLU D 248 5.66 -9.01 -14.50
N ALA D 249 4.78 -8.85 -13.53
CA ALA D 249 3.41 -9.34 -13.62
C ALA D 249 2.64 -8.63 -14.72
N ALA D 250 2.81 -7.30 -14.80
CA ALA D 250 2.13 -6.52 -15.83
C ALA D 250 2.59 -6.97 -17.22
N GLU D 251 3.89 -7.22 -17.38
CA GLU D 251 4.41 -7.73 -18.64
C GLU D 251 3.86 -9.12 -18.95
N ARG D 252 3.80 -9.97 -17.94
CA ARG D 252 3.32 -11.33 -18.13
C ARG D 252 1.83 -11.35 -18.51
N ARG D 253 1.04 -10.44 -17.96
CA ARG D 253 -0.36 -10.32 -18.31
C ARG D 253 -0.46 -10.07 -19.81
N LEU D 254 0.36 -9.14 -20.32
CA LEU D 254 0.33 -8.83 -21.74
C LEU D 254 0.71 -10.04 -22.60
N GLU D 255 1.64 -10.83 -22.09
CA GLU D 255 2.03 -12.03 -22.84
C GLU D 255 0.90 -13.03 -22.96
N PHE D 256 0.17 -13.26 -21.87
CA PHE D 256 -0.97 -14.17 -21.89
C PHE D 256 -2.14 -13.60 -22.69
N PHE D 257 -2.28 -12.28 -22.75
CA PHE D 257 -3.45 -11.67 -23.40
C PHE D 257 -3.25 -11.63 -24.91
N THR D 258 -2.06 -11.18 -25.31
CA THR D 258 -1.82 -10.85 -26.71
C THR D 258 -0.63 -11.54 -27.35
N ALA D 259 0.51 -11.57 -26.67
CA ALA D 259 1.66 -12.30 -27.19
C ALA D 259 1.41 -13.79 -27.47
N TRP D 260 0.42 -14.35 -26.78
CA TRP D 260 -0.08 -15.71 -27.01
C TRP D 260 -0.20 -15.99 -28.51
N PHE D 261 -0.80 -15.04 -29.22
CA PHE D 261 -0.99 -15.10 -30.67
C PHE D 261 0.08 -14.36 -31.47
N ALA D 262 0.48 -13.19 -31.00
CA ALA D 262 1.46 -12.39 -31.75
C ALA D 262 2.90 -12.91 -31.71
N ASP D 263 3.31 -13.55 -30.61
CA ASP D 263 4.65 -14.14 -30.63
C ASP D 263 4.80 -15.23 -31.70
N PRO D 264 3.84 -16.18 -31.77
CA PRO D 264 3.95 -17.17 -32.83
C PRO D 264 3.97 -16.55 -34.23
N ILE D 265 3.12 -15.55 -34.43
CA ILE D 265 3.01 -14.91 -35.74
C ILE D 265 4.26 -14.12 -36.16
N TYR D 266 4.88 -13.39 -35.23
CA TYR D 266 6.05 -12.58 -35.57
C TYR D 266 7.40 -13.21 -35.23
N LEU D 267 7.41 -13.99 -34.17
CA LEU D 267 8.67 -14.52 -33.64
C LEU D 267 8.85 -16.02 -33.77
N GLY D 268 7.75 -16.74 -34.01
CA GLY D 268 7.81 -18.16 -34.32
C GLY D 268 7.49 -19.17 -33.22
N ASP D 269 7.12 -18.71 -32.02
CA ASP D 269 6.73 -19.63 -30.95
C ASP D 269 5.97 -18.88 -29.87
N TYR D 270 5.30 -19.65 -29.00
CA TYR D 270 4.60 -19.04 -27.89
C TYR D 270 5.54 -18.30 -26.93
N PRO D 271 4.98 -17.36 -26.16
CA PRO D 271 5.77 -16.76 -25.09
C PRO D 271 6.23 -17.81 -24.08
N ALA D 272 7.50 -17.73 -23.70
CA ALA D 272 8.10 -18.64 -22.72
C ALA D 272 7.29 -18.70 -21.42
N SER D 273 6.75 -17.56 -20.97
CA SER D 273 5.96 -17.53 -19.75
C SER D 273 4.72 -18.42 -19.79
N MET D 274 4.15 -18.59 -20.99
CA MET D 274 2.99 -19.46 -21.12
C MET D 274 3.36 -20.93 -21.08
N ARG D 275 4.43 -21.29 -21.77
CA ARG D 275 4.99 -22.63 -21.72
C ARG D 275 5.31 -23.01 -20.28
N LYS D 276 5.95 -22.10 -19.56
CA LYS D 276 6.31 -22.35 -18.17
C LYS D 276 5.10 -22.67 -17.30
N GLN D 277 4.02 -21.90 -17.45
CA GLN D 277 2.81 -22.09 -16.63
C GLN D 277 1.97 -23.26 -17.11
N LEU D 278 1.80 -23.38 -18.42
CA LEU D 278 0.82 -24.32 -18.95
C LEU D 278 1.42 -25.68 -19.32
N GLY D 279 2.72 -25.69 -19.59
CA GLY D 279 3.42 -26.92 -19.99
C GLY D 279 2.72 -27.68 -21.10
N ASP D 280 2.38 -28.92 -20.80
CA ASP D 280 1.76 -29.81 -21.78
C ASP D 280 0.38 -29.40 -22.27
N ARG D 281 -0.30 -28.51 -21.55
CA ARG D 281 -1.64 -28.07 -21.95
C ARG D 281 -1.56 -27.10 -23.14
N LEU D 282 -0.39 -26.49 -23.32
CA LEU D 282 -0.15 -25.63 -24.47
C LEU D 282 0.52 -26.46 -25.56
N PRO D 283 -0.11 -26.55 -26.74
CA PRO D 283 0.43 -27.36 -27.84
C PRO D 283 1.80 -26.92 -28.36
N THR D 284 2.56 -27.88 -28.87
CA THR D 284 3.86 -27.66 -29.48
C THR D 284 3.73 -27.59 -31.01
N PHE D 285 4.23 -26.52 -31.62
CA PHE D 285 4.22 -26.38 -33.07
C PHE D 285 5.05 -27.43 -33.80
N THR D 286 4.44 -28.09 -34.78
CA THR D 286 5.21 -28.97 -35.65
C THR D 286 5.95 -28.06 -36.62
N PRO D 287 7.04 -28.53 -37.25
CA PRO D 287 7.71 -27.63 -38.20
C PRO D 287 6.76 -27.14 -39.28
N GLU D 288 5.86 -28.01 -39.74
CA GLU D 288 4.85 -27.64 -40.71
C GLU D 288 3.97 -26.48 -40.23
N GLU D 289 3.48 -26.56 -39.00
CA GLU D 289 2.63 -25.53 -38.41
C GLU D 289 3.40 -24.24 -38.21
N ARG D 290 4.64 -24.35 -37.74
CA ARG D 290 5.46 -23.16 -37.53
C ARG D 290 5.68 -22.41 -38.83
N ALA D 291 5.95 -23.14 -39.92
CA ALA D 291 6.17 -22.56 -41.23
C ALA D 291 4.95 -21.80 -41.73
N LEU D 292 3.76 -22.27 -41.33
CA LEU D 292 2.53 -21.59 -41.72
C LEU D 292 2.29 -20.32 -40.91
N VAL D 293 2.56 -20.39 -39.61
CA VAL D 293 2.19 -19.32 -38.69
C VAL D 293 3.23 -18.20 -38.67
N HIS D 294 4.51 -18.56 -38.65
CA HIS D 294 5.53 -17.55 -38.57
C HIS D 294 5.54 -16.66 -39.83
N GLY D 295 5.41 -15.35 -39.64
CA GLY D 295 5.44 -14.40 -40.75
C GLY D 295 4.09 -14.18 -41.40
N SER D 296 3.04 -14.64 -40.74
CA SER D 296 1.69 -14.66 -41.33
C SER D 296 0.82 -13.42 -41.16
N ASN D 297 1.37 -12.30 -40.72
CA ASN D 297 0.67 -11.01 -40.71
C ASN D 297 1.22 -10.00 -41.71
N ASP D 298 0.44 -9.58 -42.70
CA ASP D 298 0.83 -8.46 -43.57
C ASP D 298 0.71 -7.15 -42.81
N PHE D 299 -0.20 -7.13 -41.85
CA PHE D 299 -0.37 -5.98 -40.98
C PHE D 299 -0.75 -6.51 -39.59
N TYR D 300 -0.63 -5.67 -38.57
CA TYR D 300 -1.03 -6.04 -37.21
C TYR D 300 -2.43 -5.46 -37.00
N GLY D 301 -3.42 -6.31 -36.76
CA GLY D 301 -4.78 -5.86 -36.47
C GLY D 301 -4.95 -5.79 -34.96
N MET D 302 -5.35 -4.62 -34.47
CA MET D 302 -5.41 -4.35 -33.04
C MET D 302 -6.79 -3.90 -32.56
N ASN D 303 -7.38 -4.65 -31.64
CA ASN D 303 -8.60 -4.22 -30.96
C ASN D 303 -8.15 -3.77 -29.56
N HIS D 304 -8.59 -2.60 -29.11
CA HIS D 304 -8.15 -2.07 -27.81
C HIS D 304 -9.24 -1.24 -27.15
N TYR D 305 -9.39 -1.42 -25.83
CA TYR D 305 -10.42 -0.73 -25.07
C TYR D 305 -10.04 -0.07 -23.75
N THR D 306 -9.20 -0.74 -22.97
CA THR D 306 -8.97 -0.34 -21.59
C THR D 306 -7.60 -0.73 -21.07
N SER D 307 -7.36 -0.52 -19.78
CA SER D 307 -6.09 -0.86 -19.12
C SER D 307 -6.46 -1.28 -17.70
N ASN D 308 -5.52 -1.91 -17.00
CA ASN D 308 -5.78 -2.29 -15.61
C ASN D 308 -4.46 -2.26 -14.84
N TYR D 309 -4.56 -2.19 -13.53
CA TYR D 309 -3.40 -2.41 -12.69
C TYR D 309 -3.27 -3.91 -12.44
N ILE D 310 -2.03 -4.36 -12.44
CA ILE D 310 -1.73 -5.79 -12.32
C ILE D 310 -0.87 -6.04 -11.08
N ARG D 311 -1.33 -6.93 -10.21
CA ARG D 311 -0.59 -7.29 -9.01
C ARG D 311 -0.17 -8.74 -9.10
N HIS D 312 1.10 -9.02 -8.79
CA HIS D 312 1.59 -10.39 -8.78
C HIS D 312 0.96 -11.22 -7.68
N ARG D 313 1.10 -12.53 -7.83
CA ARG D 313 0.64 -13.47 -6.81
C ARG D 313 1.83 -14.30 -6.35
N SER D 314 1.91 -14.58 -5.06
CA SER D 314 2.99 -15.38 -4.50
C SER D 314 2.71 -16.87 -4.56
N SER D 315 1.43 -17.21 -4.73
CA SER D 315 0.99 -18.61 -4.75
C SER D 315 1.14 -19.23 -6.14
N PRO D 316 1.27 -20.57 -6.21
CA PRO D 316 1.39 -21.18 -7.53
C PRO D 316 0.10 -21.05 -8.35
N ALA D 317 0.23 -20.91 -9.67
CA ALA D 317 -0.91 -20.78 -10.57
C ALA D 317 -1.88 -21.96 -10.49
N SER D 318 -3.17 -21.68 -10.50
CA SER D 318 -4.16 -22.75 -10.51
C SER D 318 -4.32 -23.29 -11.92
N ALA D 319 -4.84 -24.53 -12.04
CA ALA D 319 -5.08 -25.12 -13.35
C ALA D 319 -6.11 -24.31 -14.13
N ASP D 320 -7.11 -23.73 -13.44
CA ASP D 320 -8.09 -22.91 -14.15
C ASP D 320 -7.66 -21.48 -14.48
N ASP D 321 -6.43 -21.12 -14.12
CA ASP D 321 -5.93 -19.78 -14.39
C ASP D 321 -5.70 -19.57 -15.89
N THR D 322 -6.12 -18.42 -16.41
CA THR D 322 -5.92 -18.11 -17.82
C THR D 322 -5.26 -16.75 -18.06
N VAL D 323 -5.00 -16.00 -17.00
CA VAL D 323 -4.44 -14.66 -17.11
C VAL D 323 -2.95 -14.52 -16.83
N GLY D 324 -2.32 -15.59 -16.35
CA GLY D 324 -0.88 -15.52 -16.07
C GLY D 324 -0.59 -15.40 -14.59
N ASN D 325 -1.53 -15.88 -13.78
CA ASN D 325 -1.36 -15.96 -12.33
C ASN D 325 -1.11 -14.57 -11.72
N VAL D 326 -1.97 -13.63 -12.12
CA VAL D 326 -1.91 -12.24 -11.62
C VAL D 326 -3.31 -11.81 -11.22
N ASP D 327 -3.40 -10.77 -10.38
CA ASP D 327 -4.65 -10.09 -10.04
C ASP D 327 -4.86 -8.95 -11.03
N VAL D 328 -6.05 -8.84 -11.63
CA VAL D 328 -6.36 -7.74 -12.56
C VAL D 328 -7.29 -6.76 -11.85
N LEU D 329 -6.78 -5.55 -11.61
CA LEU D 329 -7.41 -4.60 -10.70
C LEU D 329 -7.66 -3.23 -11.33
N PHE D 330 -8.54 -2.44 -10.71
CA PHE D 330 -8.89 -1.11 -11.18
C PHE D 330 -8.27 -0.01 -10.34
N THR D 331 -7.74 -0.36 -9.17
CA THR D 331 -7.08 0.60 -8.29
C THR D 331 -5.68 0.09 -7.99
N ASN D 332 -4.77 1.01 -7.69
CA ASN D 332 -3.39 0.65 -7.41
C ASN D 332 -2.97 0.84 -5.95
N LYS D 333 -1.69 0.59 -5.69
CA LYS D 333 -1.18 0.69 -4.32
C LYS D 333 -1.49 2.04 -3.65
N GLN D 334 -1.45 3.12 -4.41
CA GLN D 334 -1.62 4.45 -3.87
C GLN D 334 -3.09 4.85 -3.84
N GLY D 335 -3.94 3.98 -4.37
CA GLY D 335 -5.37 4.20 -4.40
C GLY D 335 -5.88 4.97 -5.59
N ASN D 336 -5.02 5.18 -6.58
CA ASN D 336 -5.49 5.78 -7.83
C ASN D 336 -6.33 4.78 -8.61
N CYS D 337 -7.22 5.33 -9.43
CA CYS D 337 -8.18 4.53 -10.20
C CYS D 337 -7.84 4.64 -11.68
N ILE D 338 -8.02 3.55 -12.42
CA ILE D 338 -7.71 3.50 -13.85
C ILE D 338 -8.60 4.46 -14.65
N GLY D 339 -9.86 4.52 -14.28
CA GLY D 339 -10.79 5.37 -15.00
C GLY D 339 -12.23 5.15 -14.59
N PRO D 340 -13.14 5.95 -15.15
CA PRO D 340 -14.55 5.86 -14.77
C PRO D 340 -15.26 4.60 -15.24
N GLU D 341 -16.27 4.20 -14.48
CA GLU D 341 -17.05 3.01 -14.79
C GLU D 341 -17.87 3.25 -16.06
N THR D 342 -18.09 2.16 -16.79
CA THR D 342 -18.99 2.13 -17.94
C THR D 342 -20.02 1.06 -17.61
N GLN D 343 -20.74 0.60 -18.64
CA GLN D 343 -21.70 -0.49 -18.52
C GLN D 343 -21.00 -1.85 -18.49
N SER D 344 -19.75 -1.88 -18.94
CA SER D 344 -18.96 -3.09 -19.02
C SER D 344 -18.03 -3.09 -17.81
N PRO D 345 -18.21 -4.05 -16.88
CA PRO D 345 -17.39 -4.08 -15.67
C PRO D 345 -15.90 -4.07 -15.96
N TRP D 346 -15.50 -4.70 -17.05
CA TRP D 346 -14.10 -4.79 -17.48
C TRP D 346 -13.54 -3.53 -18.14
N LEU D 347 -14.40 -2.58 -18.53
CA LEU D 347 -13.95 -1.44 -19.32
C LEU D 347 -13.99 -0.12 -18.56
N ARG D 348 -12.81 0.45 -18.35
CA ARG D 348 -12.60 1.76 -17.74
C ARG D 348 -11.80 2.57 -18.76
N PRO D 349 -12.30 3.74 -19.20
CA PRO D 349 -11.48 4.47 -20.18
C PRO D 349 -10.14 4.91 -19.60
N CYS D 350 -9.08 4.76 -20.39
CA CYS D 350 -7.73 5.12 -20.00
C CYS D 350 -6.96 5.36 -21.30
N ALA D 351 -7.02 6.57 -21.85
CA ALA D 351 -6.42 6.85 -23.16
C ALA D 351 -4.93 6.61 -23.20
N ALA D 352 -4.22 6.94 -22.13
CA ALA D 352 -2.78 6.69 -22.08
C ALA D 352 -2.42 5.23 -22.31
N GLY D 353 -3.28 4.32 -21.85
CA GLY D 353 -3.07 2.90 -22.08
C GLY D 353 -3.03 2.54 -23.55
N PHE D 354 -3.77 3.29 -24.37
CA PHE D 354 -3.83 3.07 -25.82
C PHE D 354 -2.51 3.43 -26.48
N ARG D 355 -1.98 4.60 -26.13
CA ARG D 355 -0.68 5.03 -26.60
C ARG D 355 0.34 3.97 -26.19
N ASP D 356 0.28 3.55 -24.94
CA ASP D 356 1.31 2.63 -24.45
C ASP D 356 1.25 1.25 -25.12
N PHE D 357 0.04 0.80 -25.42
CA PHE D 357 -0.13 -0.51 -26.07
C PHE D 357 0.41 -0.42 -27.51
N LEU D 358 0.11 0.66 -28.21
CA LEU D 358 0.65 0.88 -29.54
C LEU D 358 2.16 0.79 -29.54
N VAL D 359 2.79 1.44 -28.56
CA VAL D 359 4.25 1.40 -28.44
C VAL D 359 4.76 0.00 -28.09
N TRP D 360 4.04 -0.69 -27.22
CA TRP D 360 4.38 -2.05 -26.79
C TRP D 360 4.43 -2.99 -27.99
N ILE D 361 3.37 -2.98 -28.79
CA ILE D 361 3.29 -3.77 -30.01
C ILE D 361 4.48 -3.45 -30.92
N SER D 362 4.74 -2.16 -31.10
CA SER D 362 5.74 -1.71 -32.06
C SER D 362 7.14 -2.16 -31.66
N LYS D 363 7.45 -2.04 -30.38
CA LYS D 363 8.77 -2.44 -29.87
C LYS D 363 8.95 -3.96 -29.90
N ARG D 364 7.88 -4.71 -29.67
CA ARG D 364 8.07 -6.16 -29.58
C ARG D 364 8.14 -6.81 -30.97
N TYR D 365 7.45 -6.20 -31.92
CA TYR D 365 7.23 -6.83 -33.23
C TYR D 365 7.75 -6.04 -34.41
N GLY D 366 8.69 -5.13 -34.15
CA GLY D 366 9.42 -4.43 -35.21
C GLY D 366 8.66 -3.42 -36.04
N TYR D 367 7.87 -2.59 -35.37
CA TYR D 367 7.12 -1.51 -36.01
C TYR D 367 6.30 -1.96 -37.21
N PRO D 368 5.42 -2.97 -37.01
CA PRO D 368 4.55 -3.38 -38.10
C PRO D 368 3.53 -2.29 -38.42
N PRO D 369 2.91 -2.34 -39.61
CA PRO D 369 1.78 -1.42 -39.84
C PRO D 369 0.59 -1.88 -39.01
N ILE D 370 0.01 -0.97 -38.24
CA ILE D 370 -1.08 -1.30 -37.35
C ILE D 370 -2.39 -0.70 -37.83
N TYR D 371 -3.41 -1.54 -37.93
CA TYR D 371 -4.76 -1.02 -38.08
C TYR D 371 -5.47 -1.24 -36.76
N VAL D 372 -6.01 -0.17 -36.17
CA VAL D 372 -6.82 -0.27 -34.96
C VAL D 372 -8.22 -0.63 -35.47
N THR D 373 -8.56 -1.91 -35.28
CA THR D 373 -9.77 -2.48 -35.88
C THR D 373 -11.02 -2.38 -35.01
N GLU D 374 -10.85 -2.06 -33.74
CA GLU D 374 -11.93 -1.78 -32.80
C GLU D 374 -11.39 -0.90 -31.69
N ASN D 375 -12.13 0.16 -31.38
CA ASN D 375 -11.93 1.00 -30.18
C ASN D 375 -13.25 1.71 -29.89
N GLY D 376 -13.70 1.69 -28.65
CA GLY D 376 -14.97 2.35 -28.34
C GLY D 376 -15.36 2.05 -26.92
N THR D 377 -16.55 2.47 -26.51
CA THR D 377 -16.96 2.30 -25.12
C THR D 377 -18.48 2.17 -24.97
N SER D 378 -18.88 1.55 -23.87
CA SER D 378 -20.26 1.58 -23.41
C SER D 378 -20.39 2.73 -22.40
N ILE D 379 -21.63 3.03 -22.03
CA ILE D 379 -21.91 4.10 -21.07
C ILE D 379 -22.78 3.45 -19.99
N LYS D 380 -22.40 3.65 -18.73
CA LYS D 380 -23.10 3.04 -17.61
C LYS D 380 -24.55 3.53 -17.60
N GLY D 381 -25.48 2.58 -17.71
CA GLY D 381 -26.91 2.85 -17.69
C GLY D 381 -27.50 3.49 -18.92
N GLU D 382 -26.78 3.47 -20.03
CA GLU D 382 -27.22 4.06 -21.28
C GLU D 382 -28.59 3.53 -21.74
N SER D 383 -28.80 2.23 -21.59
CA SER D 383 -30.06 1.61 -22.03
C SER D 383 -31.27 2.04 -21.21
N ASP D 384 -31.03 2.73 -20.10
CA ASP D 384 -32.11 3.17 -19.21
C ASP D 384 -32.58 4.61 -19.48
N LEU D 385 -31.90 5.28 -20.41
CA LEU D 385 -32.18 6.66 -20.77
C LEU D 385 -33.23 6.76 -21.87
N PRO D 386 -34.01 7.85 -21.88
CA PRO D 386 -34.92 8.07 -23.00
C PRO D 386 -34.12 8.28 -24.29
N LYS D 387 -34.65 7.78 -25.41
CA LYS D 387 -34.01 7.88 -26.71
C LYS D 387 -33.30 9.21 -26.99
N GLU D 388 -33.97 10.33 -26.69
CA GLU D 388 -33.42 11.64 -26.97
C GLU D 388 -32.14 11.96 -26.18
N LYS D 389 -32.10 11.45 -24.95
CA LYS D 389 -30.90 11.58 -24.13
C LYS D 389 -29.80 10.66 -24.63
N ILE D 390 -30.17 9.46 -25.06
CA ILE D 390 -29.19 8.52 -25.61
C ILE D 390 -28.41 9.12 -26.78
N LEU D 391 -29.01 10.02 -27.55
CA LEU D 391 -28.30 10.63 -28.66
C LEU D 391 -27.20 11.62 -28.24
N GLU D 392 -27.31 12.15 -27.03
CA GLU D 392 -26.33 13.08 -26.51
C GLU D 392 -25.31 12.32 -25.68
N ASP D 393 -24.52 11.49 -26.35
CA ASP D 393 -23.60 10.59 -25.68
C ASP D 393 -22.22 11.21 -25.43
N ASP D 394 -22.23 12.32 -24.69
CA ASP D 394 -21.01 13.05 -24.35
C ASP D 394 -19.87 12.16 -23.84
N PHE D 395 -20.17 11.18 -23.00
CA PHE D 395 -19.15 10.28 -22.48
C PHE D 395 -18.36 9.59 -23.60
N ARG D 396 -19.09 9.17 -24.64
CA ARG D 396 -18.51 8.50 -25.80
C ARG D 396 -17.79 9.47 -26.74
N VAL D 397 -18.34 10.67 -26.94
CA VAL D 397 -17.60 11.71 -27.64
C VAL D 397 -16.22 11.90 -27.00
N LYS D 398 -16.19 12.04 -25.67
CA LYS D 398 -14.97 12.33 -24.93
C LYS D 398 -13.98 11.16 -25.04
N TYR D 399 -14.50 9.94 -24.99
CA TYR D 399 -13.69 8.72 -25.12
C TYR D 399 -12.94 8.76 -26.45
N TYR D 400 -13.69 8.98 -27.53
CA TYR D 400 -13.08 9.02 -28.86
C TYR D 400 -12.07 10.16 -28.96
N ASN D 401 -12.42 11.30 -28.38
CA ASN D 401 -11.54 12.45 -28.52
C ASN D 401 -10.20 12.15 -27.87
N GLU D 402 -10.27 11.62 -26.66
CA GLU D 402 -9.09 11.31 -25.88
C GLU D 402 -8.28 10.15 -26.46
N TYR D 403 -8.95 9.08 -26.90
CA TYR D 403 -8.21 7.92 -27.39
C TYR D 403 -7.56 8.23 -28.74
N ILE D 404 -8.29 8.92 -29.61
CA ILE D 404 -7.74 9.28 -30.92
C ILE D 404 -6.51 10.18 -30.77
N ARG D 405 -6.56 11.09 -29.80
CA ARG D 405 -5.40 11.95 -29.52
C ARG D 405 -4.24 11.16 -28.92
N ALA D 406 -4.55 10.12 -28.17
CA ALA D 406 -3.49 9.25 -27.64
C ALA D 406 -2.80 8.50 -28.78
N MET D 407 -3.58 8.01 -29.74
CA MET D 407 -3.01 7.38 -30.93
C MET D 407 -2.13 8.35 -31.72
N VAL D 408 -2.57 9.59 -31.87
CA VAL D 408 -1.78 10.63 -32.52
C VAL D 408 -0.43 10.78 -31.81
N THR D 409 -0.43 10.74 -30.48
CA THR D 409 0.80 10.86 -29.70
C THR D 409 1.75 9.70 -30.01
N ALA D 410 1.23 8.47 -30.01
CA ALA D 410 2.02 7.30 -30.36
C ALA D 410 2.64 7.45 -31.75
N VAL D 411 1.84 7.93 -32.71
CA VAL D 411 2.34 8.14 -34.07
C VAL D 411 3.42 9.21 -34.11
N GLU D 412 3.11 10.39 -33.56
CA GLU D 412 4.00 11.53 -33.69
C GLU D 412 5.29 11.41 -32.89
N LEU D 413 5.19 11.03 -31.62
CA LEU D 413 6.38 11.00 -30.79
C LEU D 413 7.12 9.65 -30.83
N ASP D 414 6.33 8.58 -30.75
CA ASP D 414 6.89 7.24 -30.60
C ASP D 414 7.16 6.58 -31.94
N GLY D 415 6.71 7.23 -33.02
CA GLY D 415 6.92 6.69 -34.36
C GLY D 415 6.19 5.38 -34.64
N VAL D 416 5.03 5.18 -34.03
CA VAL D 416 4.25 3.97 -34.30
C VAL D 416 3.61 4.13 -35.67
N ASN D 417 3.64 3.05 -36.45
CA ASN D 417 3.12 3.08 -37.81
C ASN D 417 1.65 2.68 -37.85
N VAL D 418 0.79 3.57 -37.38
CA VAL D 418 -0.66 3.33 -37.48
C VAL D 418 -1.17 3.74 -38.85
N LYS D 419 -1.88 2.82 -39.49
CA LYS D 419 -2.39 3.03 -40.84
C LYS D 419 -3.90 3.28 -40.87
N GLY D 420 -4.62 2.97 -39.80
CA GLY D 420 -6.07 3.15 -39.83
C GLY D 420 -6.69 2.94 -38.47
N TYR D 421 -7.93 3.39 -38.31
CA TYR D 421 -8.65 3.36 -37.05
C TYR D 421 -10.13 3.16 -37.34
N PHE D 422 -10.71 2.17 -36.66
CA PHE D 422 -12.14 1.87 -36.78
C PHE D 422 -12.82 1.92 -35.41
N ALA D 423 -13.83 2.77 -35.33
CA ALA D 423 -14.67 2.88 -34.14
C ALA D 423 -15.63 1.70 -34.03
N TRP D 424 -15.58 1.01 -32.87
CA TRP D 424 -16.55 -0.03 -32.54
C TRP D 424 -17.62 0.62 -31.66
N SER D 425 -18.87 0.67 -32.11
CA SER D 425 -19.34 0.07 -33.34
C SER D 425 -20.16 1.11 -34.10
N LEU D 426 -20.38 0.87 -35.38
CA LEU D 426 -21.27 1.70 -36.20
C LEU D 426 -22.63 1.85 -35.54
N MET D 427 -23.15 0.77 -34.94
CA MET D 427 -24.44 0.90 -34.28
C MET D 427 -24.58 0.02 -33.06
N ASP D 428 -25.52 0.40 -32.19
CA ASP D 428 -25.80 -0.42 -31.02
C ASP D 428 -26.24 -1.78 -31.57
N ASN D 429 -25.82 -2.86 -30.91
CA ASN D 429 -26.06 -4.17 -31.49
C ASN D 429 -26.07 -5.27 -30.43
N PHE D 430 -26.11 -6.53 -30.86
CA PHE D 430 -26.09 -7.65 -29.94
C PHE D 430 -24.70 -7.85 -29.33
N GLU D 431 -24.54 -7.47 -28.07
CA GLU D 431 -23.25 -7.53 -27.40
C GLU D 431 -23.06 -8.85 -26.66
N TRP D 432 -23.10 -9.93 -27.44
CA TRP D 432 -22.83 -11.28 -26.97
C TRP D 432 -23.54 -11.65 -25.67
N ALA D 433 -22.81 -12.08 -24.65
CA ALA D 433 -23.44 -12.53 -23.40
C ALA D 433 -24.17 -11.42 -22.65
N ASP D 434 -23.86 -10.17 -22.98
CA ASP D 434 -24.56 -9.04 -22.39
C ASP D 434 -25.88 -8.76 -23.10
N GLY D 435 -26.07 -9.33 -24.30
CA GLY D 435 -27.25 -9.05 -25.11
C GLY D 435 -27.30 -7.59 -25.51
N TYR D 436 -28.49 -7.00 -25.54
CA TYR D 436 -28.66 -5.61 -26.02
C TYR D 436 -28.49 -4.49 -24.99
N VAL D 437 -28.33 -4.86 -23.72
CA VAL D 437 -28.22 -3.88 -22.64
C VAL D 437 -26.97 -3.02 -22.76
N THR D 438 -25.86 -3.67 -23.09
CA THR D 438 -24.59 -2.99 -23.23
C THR D 438 -24.53 -2.38 -24.62
N ARG D 439 -24.42 -1.06 -24.69
CA ARG D 439 -24.37 -0.36 -25.96
C ARG D 439 -22.98 0.20 -26.27
N PHE D 440 -22.42 -0.19 -27.41
CA PHE D 440 -21.15 0.36 -27.92
C PHE D 440 -21.31 1.24 -29.16
N GLY D 441 -22.52 1.36 -29.67
CA GLY D 441 -22.69 2.11 -30.91
C GLY D 441 -22.58 3.61 -30.88
N VAL D 442 -22.15 4.17 -32.00
CA VAL D 442 -22.23 5.60 -32.25
C VAL D 442 -23.57 5.98 -32.87
N THR D 443 -24.39 4.97 -33.19
CA THR D 443 -25.72 5.11 -33.79
C THR D 443 -26.74 4.31 -32.99
N TYR D 444 -27.85 4.99 -32.63
CA TYR D 444 -28.95 4.33 -31.94
C TYR D 444 -29.82 3.64 -32.98
N VAL D 445 -30.26 2.42 -32.69
CA VAL D 445 -31.12 1.70 -33.60
C VAL D 445 -32.47 1.49 -32.92
N ASP D 446 -33.51 1.99 -33.57
CA ASP D 446 -34.85 1.86 -33.01
C ASP D 446 -35.43 0.52 -33.44
N TYR D 447 -35.05 -0.52 -32.72
CA TYR D 447 -35.44 -1.90 -33.03
C TYR D 447 -36.96 -2.03 -33.00
N GLU D 448 -37.53 -2.48 -34.12
CA GLU D 448 -38.97 -2.66 -34.25
C GLU D 448 -39.68 -1.37 -34.65
N ASN D 449 -39.19 -0.22 -34.18
CA ASN D 449 -39.71 1.06 -34.65
C ASN D 449 -39.13 1.28 -36.05
N GLY D 450 -39.22 0.22 -36.85
CA GLY D 450 -38.79 0.18 -38.24
C GLY D 450 -37.30 0.07 -38.45
N GLN D 451 -36.54 -0.21 -37.39
CA GLN D 451 -35.09 -0.35 -37.44
C GLN D 451 -34.37 0.94 -37.87
N LYS D 452 -35.02 2.09 -37.73
CA LYS D 452 -34.40 3.35 -38.11
C LYS D 452 -33.11 3.60 -37.32
N ARG D 453 -32.11 4.10 -38.04
CA ARG D 453 -30.79 4.41 -37.47
C ARG D 453 -30.74 5.92 -37.19
N PHE D 454 -30.36 6.27 -35.97
CA PHE D 454 -30.24 7.67 -35.55
C PHE D 454 -28.84 7.91 -34.99
N PRO D 455 -27.96 8.57 -35.77
CA PRO D 455 -26.61 8.83 -35.28
C PRO D 455 -26.61 9.61 -33.97
N LYS D 456 -25.77 9.19 -33.04
CA LYS D 456 -25.61 9.88 -31.77
C LYS D 456 -24.57 10.99 -31.96
N LYS D 457 -24.36 11.82 -30.93
CA LYS D 457 -23.38 12.89 -31.03
C LYS D 457 -21.98 12.37 -31.38
N SER D 458 -21.60 11.23 -30.79
CA SER D 458 -20.31 10.62 -31.10
C SER D 458 -20.10 10.30 -32.59
N ALA D 459 -21.12 9.80 -33.28
CA ALA D 459 -21.00 9.47 -34.70
C ALA D 459 -20.57 10.65 -35.55
N LYS D 460 -21.12 11.81 -35.20
CA LYS D 460 -20.91 13.03 -35.96
C LYS D 460 -19.60 13.71 -35.61
N SER D 461 -18.98 13.25 -34.52
CA SER D 461 -17.76 13.88 -34.04
C SER D 461 -16.47 13.40 -34.72
N LEU D 462 -16.49 12.21 -35.32
CA LEU D 462 -15.26 11.64 -35.87
C LEU D 462 -14.75 12.32 -37.15
N LYS D 463 -15.65 12.69 -38.06
CA LYS D 463 -15.21 13.31 -39.31
C LYS D 463 -14.42 14.61 -39.12
N PRO D 464 -14.93 15.56 -38.32
CA PRO D 464 -14.19 16.79 -38.04
C PRO D 464 -12.87 16.54 -37.33
N LEU D 465 -12.83 15.54 -36.45
CA LEU D 465 -11.60 15.20 -35.76
C LEU D 465 -10.55 14.70 -36.75
N PHE D 466 -10.91 13.73 -37.58
CA PHE D 466 -9.97 13.20 -38.56
C PHE D 466 -9.62 14.20 -39.66
N ASP D 467 -10.55 15.07 -40.01
CA ASP D 467 -10.26 16.06 -41.05
C ASP D 467 -9.13 16.99 -40.61
N GLU D 468 -9.09 17.27 -39.32
CA GLU D 468 -8.09 18.14 -38.71
C GLU D 468 -6.74 17.43 -38.59
N LEU D 469 -6.76 16.12 -38.40
CA LEU D 469 -5.52 15.37 -38.16
C LEU D 469 -4.85 14.88 -39.44
N ILE D 470 -5.65 14.43 -40.39
CA ILE D 470 -5.14 13.81 -41.62
C ILE D 470 -4.58 14.83 -42.61
N ALA D 471 -3.31 14.63 -42.95
CA ALA D 471 -2.59 15.50 -43.88
C ALA D 471 -3.23 15.50 -45.26
N ALA D 472 -3.24 16.67 -45.89
CA ALA D 472 -3.85 16.82 -47.22
C ALA D 472 -2.82 16.66 -48.33
#